data_3J8A
#
_entry.id   3J8A
#
_cell.length_a   1.000
_cell.length_b   1.000
_cell.length_c   1.000
_cell.angle_alpha   90.00
_cell.angle_beta   90.00
_cell.angle_gamma   90.00
#
_symmetry.space_group_name_H-M   'P 1'
#
loop_
_entity.id
_entity.type
_entity.pdbx_description
1 polymer 'tropomyosin alpha-1'
2 polymer 'Actin, alpha skeletal muscle'
3 non-polymer 'MAGNESIUM ION'
4 non-polymer "ADENOSINE-5'-DIPHOSPHATE"
#
loop_
_entity_poly.entity_id
_entity_poly.type
_entity_poly.pdbx_seq_one_letter_code
_entity_poly.pdbx_strand_id
1 'polypeptide(L)'
;(UNK)(UNK)(UNK)(UNK)(UNK)(UNK)(UNK)(UNK)(UNK)(UNK)(UNK)(UNK)(UNK)(UNK)(UNK)(UNK)
(UNK)(UNK)(UNK)(UNK)(UNK)(UNK)(UNK)(UNK)(UNK)(UNK)(UNK)(UNK)(UNK)(UNK)(UNK)(UNK)
(UNK)(UNK)(UNK)(UNK)(UNK)(UNK)(UNK)(UNK)(UNK)(UNK)(UNK)(UNK)(UNK)(UNK)(UNK)(UNK)
(UNK)(UNK)(UNK)(UNK)(UNK)(UNK)(UNK)(UNK)(UNK)(UNK)(UNK)(UNK)(UNK)(UNK)(UNK)(UNK)
(UNK)(UNK)(UNK)(UNK)(UNK)(UNK)(UNK)(UNK)(UNK)(UNK)(UNK)(UNK)(UNK)(UNK)(UNK)(UNK)
(UNK)(UNK)(UNK)(UNK)(UNK)(UNK)(UNK)(UNK)(UNK)(UNK)(UNK)(UNK)(UNK)(UNK)(UNK)(UNK)
(UNK)(UNK)(UNK)(UNK)(UNK)(UNK)(UNK)(UNK)(UNK)(UNK)(UNK)(UNK)(UNK)(UNK)(UNK)(UNK)
(UNK)(UNK)(UNK)(UNK)(UNK)(UNK)(UNK)(UNK)(UNK)(UNK)(UNK)(UNK)(UNK)(UNK)(UNK)(UNK)
(UNK)(UNK)(UNK)(UNK)(UNK)(UNK)(UNK)
;
F,G
2 'polypeptide(L)'
;DEDETTALVCDNGSGLVKAGFAGDDAPRAVFPSIVGRPRHQGVMVGMGQKDSYVGDEAQSKRGILTLKYPIE(HIC)GII
TNWDDMEKIWHHTFYNELRVAPEEHPTLLTEAPLNPKANREKMTQIMFETFNVPAMYVAIQAVLSLYASGRTTGIVLDSG
DGVTHNVPIYEGYALPHAIMRLDLAGRDLTDYLMKILTERGYSFVTTAEREIVRDIKEKLCYVALDFENEMATAASSSSL
EKSYELPDGQVITIGNERFRCPETLFQPSFIGMESAGIHETTYNSIMKCDIDIRKDLYANNVMSGGTTMYPGIADRMQKE
ITALAPSTMKIKIIAPPERKYSVWIGGSILASLSTFQQMWITKQEYDEAGPSIVHRKCF
;
A,B,C,D,E
#
loop_
_chem_comp.id
_chem_comp.type
_chem_comp.name
_chem_comp.formula
ADP non-polymer ADENOSINE-5'-DIPHOSPHATE 'C10 H15 N5 O10 P2'
MG non-polymer 'MAGNESIUM ION' 'Mg 2'
#
# COMPACT_ATOMS: atom_id res chain seq x y z
N UNK A 1 44.60 90.75 -36.32
CA UNK A 1 45.30 90.17 -35.17
C UNK A 1 44.53 88.98 -34.59
N UNK A 2 43.20 89.07 -34.62
CA UNK A 2 42.35 88.04 -34.04
C UNK A 2 42.37 86.76 -34.88
N UNK A 3 42.57 86.92 -36.18
CA UNK A 3 42.75 85.79 -37.08
C UNK A 3 43.99 85.00 -36.70
N UNK A 4 45.08 85.71 -36.46
CA UNK A 4 46.33 85.08 -36.04
C UNK A 4 46.17 84.40 -34.69
N UNK A 5 45.31 84.97 -33.86
CA UNK A 5 45.03 84.42 -32.53
C UNK A 5 44.16 83.17 -32.65
N UNK A 6 43.22 83.20 -33.58
CA UNK A 6 42.33 82.07 -33.82
C UNK A 6 43.09 80.93 -34.48
N UNK A 7 44.04 81.27 -35.33
CA UNK A 7 44.86 80.27 -36.00
C UNK A 7 45.78 79.57 -35.00
N UNK A 8 46.32 80.35 -34.07
CA UNK A 8 47.22 79.80 -33.05
C UNK A 8 46.47 78.88 -32.09
N UNK A 9 45.24 79.26 -31.75
CA UNK A 9 44.41 78.45 -30.87
C UNK A 9 43.94 77.18 -31.56
N UNK A 10 43.87 77.23 -32.89
CA UNK A 10 43.49 76.05 -33.67
C UNK A 10 44.61 75.02 -33.65
N UNK A 11 45.84 75.51 -33.77
CA UNK A 11 47.01 74.66 -33.82
C UNK A 11 47.18 73.86 -32.53
N UNK A 12 46.87 74.48 -31.41
CA UNK A 12 47.02 73.82 -30.11
C UNK A 12 45.80 72.98 -29.78
N UNK A 13 44.67 73.28 -30.41
CA UNK A 13 43.44 72.51 -30.21
C UNK A 13 43.52 71.18 -30.94
N UNK A 14 44.22 71.17 -32.07
CA UNK A 14 44.44 69.95 -32.83
C UNK A 14 45.55 69.13 -32.17
N UNK A 15 46.41 69.81 -31.43
CA UNK A 15 47.47 69.13 -30.69
C UNK A 15 46.90 68.42 -29.47
N UNK A 16 45.95 69.08 -28.81
CA UNK A 16 45.26 68.48 -27.69
C UNK A 16 44.36 67.34 -28.17
N UNK A 17 43.85 67.48 -29.39
CA UNK A 17 43.03 66.45 -30.01
C UNK A 17 43.82 65.15 -30.17
N UNK A 18 45.06 65.28 -30.63
CA UNK A 18 45.93 64.13 -30.82
C UNK A 18 46.24 63.47 -29.49
N UNK A 19 46.38 64.28 -28.45
CA UNK A 19 46.67 63.78 -27.11
C UNK A 19 45.46 63.07 -26.50
N UNK A 20 44.27 63.59 -26.82
CA UNK A 20 43.04 63.04 -26.25
C UNK A 20 42.64 61.72 -26.92
N UNK A 21 43.00 61.56 -28.19
CA UNK A 21 42.73 60.30 -28.89
C UNK A 21 43.71 59.24 -28.45
N UNK A 22 44.92 59.66 -28.11
CA UNK A 22 45.94 58.77 -27.61
C UNK A 22 45.57 58.28 -26.21
N UNK A 23 45.00 59.18 -25.41
CA UNK A 23 44.55 58.84 -24.07
C UNK A 23 43.37 57.88 -24.14
N UNK A 24 42.55 58.04 -25.17
CA UNK A 24 41.42 57.15 -25.39
C UNK A 24 41.92 55.78 -25.85
N UNK A 25 43.00 55.78 -26.61
CA UNK A 25 43.58 54.54 -27.12
C UNK A 25 44.19 53.74 -25.96
N UNK A 26 44.88 54.44 -25.06
CA UNK A 26 45.53 53.77 -23.93
C UNK A 26 44.51 53.14 -22.99
N UNK A 27 43.37 53.81 -22.80
CA UNK A 27 42.38 53.35 -21.85
C UNK A 27 41.65 52.11 -22.34
N UNK A 28 41.35 52.05 -23.63
CA UNK A 28 40.64 50.91 -24.22
C UNK A 28 41.62 49.76 -24.46
N UNK A 29 42.90 50.11 -24.57
CA UNK A 29 43.97 49.15 -24.76
C UNK A 29 44.21 48.38 -23.47
N UNK A 30 44.12 49.09 -22.35
CA UNK A 30 44.26 48.47 -21.05
C UNK A 30 42.99 47.80 -20.61
N UNK A 31 41.85 48.34 -21.02
CA UNK A 31 40.55 47.78 -20.65
C UNK A 31 40.36 46.40 -21.26
N UNK A 32 40.92 46.21 -22.46
CA UNK A 32 40.81 44.93 -23.16
C UNK A 32 41.52 43.81 -22.41
N UNK A 33 42.80 43.99 -22.15
CA UNK A 33 43.62 42.95 -21.55
C UNK A 33 43.11 42.58 -20.15
N UNK A 34 42.53 43.54 -19.45
CA UNK A 34 42.02 43.28 -18.11
C UNK A 34 40.68 42.56 -18.17
N UNK A 35 39.90 42.83 -19.21
CA UNK A 35 38.61 42.17 -19.39
C UNK A 35 38.83 40.76 -19.92
N UNK A 36 39.81 40.59 -20.78
CA UNK A 36 40.15 39.27 -21.31
C UNK A 36 40.63 38.35 -20.19
N UNK A 37 41.27 38.93 -19.19
CA UNK A 37 41.71 38.20 -18.00
C UNK A 37 40.52 37.89 -17.09
N UNK A 38 39.63 38.87 -16.95
CA UNK A 38 38.44 38.70 -16.12
C UNK A 38 37.51 37.65 -16.74
N UNK A 39 37.36 37.70 -18.06
CA UNK A 39 36.54 36.73 -18.78
C UNK A 39 37.15 35.34 -18.67
N UNK A 40 38.47 35.26 -18.83
CA UNK A 40 39.18 33.99 -18.71
C UNK A 40 39.04 33.42 -17.31
N UNK A 41 39.07 34.29 -16.31
CA UNK A 41 38.89 33.88 -14.93
C UNK A 41 37.48 33.33 -14.71
N UNK A 42 36.49 33.96 -15.34
CA UNK A 42 35.10 33.54 -15.19
C UNK A 42 34.86 32.16 -15.80
N UNK A 43 35.47 31.92 -16.95
CA UNK A 43 35.35 30.64 -17.63
C UNK A 43 35.95 29.51 -16.80
N UNK A 44 37.11 29.79 -16.22
CA UNK A 44 37.83 28.81 -15.42
C UNK A 44 37.18 28.66 -14.03
N UNK A 45 36.52 29.72 -13.57
CA UNK A 45 35.82 29.70 -12.29
C UNK A 45 34.61 28.78 -12.32
N UNK A 46 33.88 28.81 -13.43
CA UNK A 46 32.65 28.05 -13.56
C UNK A 46 32.89 26.54 -13.57
N UNK A 47 33.94 26.11 -14.27
CA UNK A 47 34.21 24.69 -14.40
C UNK A 47 34.85 24.15 -13.12
N UNK A 48 35.57 25.01 -12.39
CA UNK A 48 36.17 24.62 -11.12
C UNK A 48 35.13 24.53 -10.02
N UNK A 49 34.03 25.27 -10.20
CA UNK A 49 32.90 25.21 -9.30
C UNK A 49 32.16 23.89 -9.48
N UNK A 50 32.00 23.49 -10.74
CA UNK A 50 31.35 22.23 -11.07
C UNK A 50 32.13 21.06 -10.49
N UNK A 51 33.45 21.08 -10.68
CA UNK A 51 34.33 20.05 -10.15
C UNK A 51 34.29 20.00 -8.63
N UNK A 52 34.14 21.16 -7.99
CA UNK A 52 34.05 21.25 -6.55
C UNK A 52 32.80 20.56 -6.03
N UNK A 53 31.68 20.87 -6.67
CA UNK A 53 30.41 20.22 -6.37
C UNK A 53 30.52 18.71 -6.51
N UNK A 54 31.09 18.28 -7.64
CA UNK A 54 31.27 16.86 -7.93
C UNK A 54 32.11 16.19 -6.85
N UNK A 55 33.08 16.93 -6.32
CA UNK A 55 33.95 16.41 -5.28
C UNK A 55 33.22 16.26 -3.95
N UNK A 56 32.53 17.31 -3.53
CA UNK A 56 31.78 17.29 -2.28
C UNK A 56 30.67 16.25 -2.28
N UNK A 57 30.07 16.04 -3.44
CA UNK A 57 28.94 15.11 -3.55
C UNK A 57 29.40 13.66 -3.41
N UNK A 58 30.43 13.29 -4.16
CA UNK A 58 30.97 11.94 -4.09
C UNK A 58 31.63 11.70 -2.72
N UNK A 59 31.89 12.78 -2.01
CA UNK A 59 32.43 12.71 -0.65
C UNK A 59 31.36 12.29 0.35
N UNK A 60 30.27 13.03 0.36
CA UNK A 60 29.16 12.76 1.27
C UNK A 60 28.42 11.49 0.89
N UNK A 61 28.50 11.11 -0.38
CA UNK A 61 27.92 9.86 -0.86
C UNK A 61 28.70 8.68 -0.29
N UNK A 62 30.02 8.80 -0.31
CA UNK A 62 30.90 7.74 0.16
C UNK A 62 30.89 7.62 1.68
N UNK A 63 30.84 8.77 2.35
CA UNK A 63 30.76 8.79 3.81
C UNK A 63 29.44 8.22 4.30
N UNK A 64 28.35 8.61 3.64
CA UNK A 64 27.01 8.12 3.97
C UNK A 64 26.96 6.60 3.83
N UNK A 65 27.58 6.10 2.77
CA UNK A 65 27.63 4.68 2.51
C UNK A 65 28.48 3.97 3.57
N UNK A 66 29.58 4.62 3.95
CA UNK A 66 30.52 4.03 4.89
C UNK A 66 29.90 3.82 6.27
N UNK A 67 29.15 4.82 6.73
CA UNK A 67 28.54 4.77 8.05
C UNK A 67 27.52 3.64 8.16
N UNK A 68 26.82 3.36 7.06
CA UNK A 68 25.79 2.33 7.04
C UNK A 68 26.40 0.92 7.18
N UNK A 69 27.51 0.70 6.48
CA UNK A 69 28.16 -0.60 6.48
C UNK A 69 29.02 -0.75 7.73
N UNK A 70 29.58 0.35 8.21
CA UNK A 70 30.36 0.34 9.44
C UNK A 70 29.49 -0.10 10.61
N UNK A 71 28.23 0.33 10.60
CA UNK A 71 27.29 -0.02 11.64
C UNK A 71 26.80 -1.45 11.48
N UNK A 72 26.67 -1.90 10.23
CA UNK A 72 26.17 -3.25 9.96
C UNK A 72 27.17 -4.31 10.42
N UNK A 73 28.45 -3.94 10.45
CA UNK A 73 29.49 -4.89 10.84
C UNK A 73 29.41 -5.24 12.32
N UNK A 74 29.29 -4.22 13.17
CA UNK A 74 29.22 -4.43 14.61
C UNK A 74 27.99 -5.26 14.97
N UNK A 75 26.91 -5.04 14.22
CA UNK A 75 25.66 -5.78 14.44
C UNK A 75 25.84 -7.26 14.12
N UNK A 76 26.48 -7.55 12.99
CA UNK A 76 26.64 -8.94 12.55
C UNK A 76 27.75 -9.65 13.31
N UNK A 77 28.64 -8.87 13.92
CA UNK A 77 29.67 -9.43 14.80
C UNK A 77 29.04 -9.82 16.13
N UNK A 78 28.12 -8.98 16.59
CA UNK A 78 27.44 -9.22 17.85
C UNK A 78 26.52 -10.43 17.76
N UNK A 79 25.95 -10.65 16.57
CA UNK A 79 25.09 -11.81 16.34
C UNK A 79 25.89 -13.11 16.35
N UNK A 80 27.13 -13.03 15.85
CA UNK A 80 28.01 -14.19 15.72
C UNK A 80 28.30 -14.87 17.05
N UNK A 81 28.72 -14.08 18.05
CA UNK A 81 29.10 -14.63 19.34
C UNK A 81 27.89 -15.18 20.10
N UNK A 82 26.72 -14.58 19.89
CA UNK A 82 25.49 -15.04 20.53
C UNK A 82 25.15 -16.45 20.09
N UNK A 83 25.37 -16.72 18.81
CA UNK A 83 25.03 -18.01 18.22
C UNK A 83 26.07 -19.08 18.56
N UNK A 84 27.31 -18.65 18.76
CA UNK A 84 28.38 -19.58 19.14
C UNK A 84 28.22 -19.99 20.59
N UNK A 85 27.74 -19.07 21.41
CA UNK A 85 27.53 -19.35 22.83
C UNK A 85 26.33 -20.26 23.03
N UNK A 86 25.27 -20.04 22.27
CA UNK A 86 24.08 -20.87 22.34
C UNK A 86 24.39 -22.28 21.83
N UNK A 87 25.30 -22.35 20.87
CA UNK A 87 25.74 -23.63 20.34
C UNK A 87 26.44 -24.45 21.42
N UNK A 88 27.45 -23.84 22.02
CA UNK A 88 28.27 -24.49 23.04
C UNK A 88 27.46 -24.88 24.27
N UNK A 89 26.56 -24.00 24.70
CA UNK A 89 25.78 -24.23 25.90
C UNK A 89 24.82 -25.40 25.72
N UNK A 90 24.27 -25.52 24.51
CA UNK A 90 23.32 -26.58 24.21
C UNK A 90 24.03 -27.91 23.98
N UNK A 91 25.29 -27.83 23.56
CA UNK A 91 26.11 -29.03 23.32
C UNK A 91 26.59 -29.58 24.66
N UNK A 92 26.81 -28.68 25.62
CA UNK A 92 27.20 -29.07 26.96
C UNK A 92 26.08 -29.80 27.65
N UNK A 93 24.85 -29.32 27.45
CA UNK A 93 23.68 -29.98 28.01
C UNK A 93 23.37 -31.24 27.21
N UNK A 94 23.71 -31.21 25.91
CA UNK A 94 23.55 -32.38 25.06
C UNK A 94 24.42 -33.52 25.55
N UNK A 95 25.71 -33.23 25.76
CA UNK A 95 26.67 -34.23 26.18
C UNK A 95 26.34 -34.79 27.57
N UNK A 96 25.72 -33.98 28.40
CA UNK A 96 25.33 -34.41 29.75
C UNK A 96 24.19 -35.40 29.68
N UNK A 97 23.23 -35.12 28.79
CA UNK A 97 22.08 -35.99 28.59
C UNK A 97 22.50 -37.31 27.95
N UNK A 98 23.47 -37.24 27.04
CA UNK A 98 24.03 -38.43 26.40
C UNK A 98 24.58 -39.36 27.47
N UNK A 99 25.29 -38.79 28.43
CA UNK A 99 25.84 -39.56 29.53
C UNK A 99 24.74 -40.05 30.45
N UNK A 100 23.76 -39.19 30.70
CA UNK A 100 22.62 -39.55 31.56
C UNK A 100 21.81 -40.66 30.90
N UNK A 101 21.70 -40.61 29.58
CA UNK A 101 20.97 -41.63 28.81
C UNK A 101 21.67 -42.97 28.90
N UNK A 102 23.00 -42.95 28.78
CA UNK A 102 23.81 -44.18 28.78
C UNK A 102 23.67 -44.92 30.11
N UNK A 103 23.43 -44.16 31.18
CA UNK A 103 23.22 -44.73 32.50
C UNK A 103 21.87 -45.43 32.60
N UNK A 104 20.84 -44.80 32.06
CA UNK A 104 19.49 -45.33 32.13
C UNK A 104 19.31 -46.50 31.18
N UNK A 105 19.98 -46.43 30.03
CA UNK A 105 19.91 -47.52 29.05
C UNK A 105 20.78 -48.70 29.51
N UNK A 106 21.68 -48.44 30.45
CA UNK A 106 22.47 -49.50 31.06
C UNK A 106 21.63 -50.25 32.07
N UNK A 107 20.83 -49.51 32.84
CA UNK A 107 19.90 -50.09 33.80
C UNK A 107 18.76 -50.80 33.06
N UNK A 108 18.51 -50.35 31.83
CA UNK A 108 17.46 -50.93 30.98
C UNK A 108 17.72 -52.41 30.69
N UNK A 109 18.76 -52.67 29.92
CA UNK A 109 19.08 -54.03 29.49
C UNK A 109 19.56 -54.89 30.65
N UNK A 110 19.91 -54.23 31.76
CA UNK A 110 20.29 -54.94 32.98
C UNK A 110 19.07 -55.52 33.68
N UNK A 111 18.00 -54.73 33.73
CA UNK A 111 16.78 -55.13 34.42
C UNK A 111 15.99 -56.14 33.59
N UNK A 112 16.24 -56.17 32.29
CA UNK A 112 15.57 -57.12 31.39
C UNK A 112 16.12 -58.52 31.63
N UNK A 113 17.41 -58.59 31.98
CA UNK A 113 18.04 -59.84 32.35
C UNK A 113 17.46 -60.34 33.66
N UNK A 114 17.13 -59.40 34.54
CA UNK A 114 16.51 -59.71 35.82
C UNK A 114 15.07 -60.19 35.61
N UNK A 115 14.37 -59.56 34.68
CA UNK A 115 13.01 -59.96 34.36
C UNK A 115 13.01 -61.38 33.80
N UNK A 116 13.96 -61.66 32.91
CA UNK A 116 14.14 -62.99 32.36
C UNK A 116 14.45 -63.98 33.48
N UNK A 117 15.22 -63.52 34.46
CA UNK A 117 15.66 -64.37 35.56
C UNK A 117 14.49 -64.85 36.42
N UNK A 118 13.63 -63.92 36.82
CA UNK A 118 12.48 -64.28 37.65
C UNK A 118 11.48 -65.09 36.83
N UNK A 119 11.29 -64.69 35.58
CA UNK A 119 10.33 -65.32 34.68
C UNK A 119 10.67 -66.80 34.45
N UNK A 120 11.96 -67.11 34.47
CA UNK A 120 12.41 -68.48 34.33
C UNK A 120 12.07 -69.28 35.58
N UNK A 121 12.12 -68.61 36.73
CA UNK A 121 11.82 -69.23 38.01
C UNK A 121 10.37 -69.71 38.09
N UNK A 122 9.45 -68.83 37.74
CA UNK A 122 8.03 -69.13 37.88
C UNK A 122 7.56 -70.20 36.89
N UNK A 123 8.29 -70.35 35.79
CA UNK A 123 7.96 -71.35 34.78
C UNK A 123 8.00 -72.76 35.36
N UNK A 124 9.07 -73.07 36.09
CA UNK A 124 9.18 -74.36 36.77
C UNK A 124 8.14 -74.44 37.87
N UNK A 125 7.88 -73.30 38.50
CA UNK A 125 7.02 -73.23 39.67
C UNK A 125 5.57 -73.54 39.36
N UNK A 126 5.07 -73.05 38.23
CA UNK A 126 3.72 -73.37 37.79
C UNK A 126 3.57 -74.88 37.59
N UNK A 127 4.53 -75.44 36.88
CA UNK A 127 4.53 -76.87 36.54
C UNK A 127 4.52 -77.74 37.79
N UNK A 128 5.37 -77.41 38.77
CA UNK A 128 5.44 -78.18 40.00
C UNK A 128 4.13 -78.14 40.76
N UNK A 129 3.42 -77.01 40.71
CA UNK A 129 2.10 -76.90 41.30
C UNK A 129 1.14 -77.89 40.66
N UNK A 130 1.01 -77.77 39.34
CA UNK A 130 0.10 -78.60 38.56
C UNK A 130 0.37 -80.08 38.76
N UNK A 131 1.64 -80.43 38.79
CA UNK A 131 2.07 -81.80 39.01
C UNK A 131 1.59 -82.33 40.36
N UNK A 132 1.84 -81.55 41.40
CA UNK A 132 1.51 -81.97 42.76
C UNK A 132 0.05 -81.71 43.11
N UNK A 133 -0.67 -81.03 42.22
CA UNK A 133 -2.12 -80.94 42.33
C UNK A 133 -2.73 -82.23 41.80
N UNK A 134 -2.26 -82.64 40.63
CA UNK A 134 -2.73 -83.88 40.01
C UNK A 134 -2.45 -85.08 40.91
N UNK A 135 -1.22 -85.17 41.40
CA UNK A 135 -0.78 -86.28 42.24
C UNK A 135 -1.54 -86.35 43.56
N UNK B 1 36.81 87.86 -43.00
CA UNK B 1 36.32 86.65 -43.63
C UNK B 1 37.16 85.45 -43.19
N UNK B 2 38.48 85.63 -43.18
CA UNK B 2 39.42 84.56 -42.83
C UNK B 2 39.37 84.25 -41.34
N UNK B 3 39.13 85.27 -40.52
CA UNK B 3 38.98 85.07 -39.09
C UNK B 3 37.73 84.26 -38.79
N UNK B 4 36.65 84.56 -39.49
CA UNK B 4 35.40 83.84 -39.34
C UNK B 4 35.60 82.37 -39.68
N UNK B 5 36.49 82.11 -40.64
CA UNK B 5 36.84 80.76 -41.05
C UNK B 5 37.68 80.07 -39.99
N UNK B 6 38.65 80.79 -39.44
CA UNK B 6 39.53 80.23 -38.42
C UNK B 6 38.77 80.00 -37.12
N UNK B 7 37.75 80.80 -36.88
CA UNK B 7 36.89 80.62 -35.71
C UNK B 7 36.06 79.35 -35.85
N UNK B 8 35.68 79.06 -37.09
CA UNK B 8 34.90 77.85 -37.39
C UNK B 8 35.78 76.61 -37.24
N UNK B 9 37.03 76.73 -37.68
CA UNK B 9 38.01 75.67 -37.48
C UNK B 9 38.24 75.43 -36.00
N UNK B 10 38.15 76.51 -35.22
CA UNK B 10 38.32 76.40 -33.78
C UNK B 10 37.18 75.60 -33.15
N UNK B 11 35.98 75.79 -33.67
CA UNK B 11 34.80 75.13 -33.12
C UNK B 11 34.83 73.62 -33.33
N UNK B 12 35.35 73.19 -34.47
CA UNK B 12 35.36 71.77 -34.80
C UNK B 12 36.57 71.05 -34.20
N UNK B 13 37.62 71.80 -33.90
CA UNK B 13 38.81 71.23 -33.28
C UNK B 13 38.59 71.03 -31.78
N UNK B 14 37.84 71.95 -31.17
CA UNK B 14 37.51 71.86 -29.76
C UNK B 14 36.47 70.78 -29.52
N UNK B 15 35.58 70.60 -30.50
CA UNK B 15 34.54 69.58 -30.43
C UNK B 15 35.15 68.18 -30.58
N UNK B 16 36.10 68.07 -31.51
CA UNK B 16 36.80 66.82 -31.76
C UNK B 16 37.67 66.45 -30.56
N UNK B 17 38.19 67.48 -29.90
CA UNK B 17 38.99 67.28 -28.69
C UNK B 17 38.13 66.78 -27.53
N UNK B 18 36.91 67.30 -27.43
CA UNK B 18 35.99 66.91 -26.37
C UNK B 18 35.53 65.47 -26.54
N UNK B 19 35.24 65.08 -27.78
CA UNK B 19 34.77 63.73 -28.07
C UNK B 19 35.84 62.68 -27.80
N UNK B 20 37.08 63.02 -28.12
CA UNK B 20 38.21 62.13 -27.89
C UNK B 20 38.48 62.00 -26.40
N UNK B 21 38.35 63.11 -25.68
CA UNK B 21 38.50 63.12 -24.23
C UNK B 21 37.39 62.34 -23.57
N UNK B 22 36.21 62.39 -24.18
CA UNK B 22 35.05 61.67 -23.68
C UNK B 22 35.20 60.16 -23.84
N UNK B 23 35.73 59.76 -24.99
CA UNK B 23 35.95 58.34 -25.27
C UNK B 23 37.01 57.76 -24.33
N UNK B 24 37.89 58.63 -23.86
CA UNK B 24 38.94 58.22 -22.93
C UNK B 24 38.35 57.83 -21.58
N UNK B 25 37.41 58.64 -21.09
CA UNK B 25 36.82 58.42 -19.77
C UNK B 25 35.99 57.15 -19.70
N UNK B 26 35.28 56.84 -20.78
CA UNK B 26 34.41 55.66 -20.82
C UNK B 26 35.18 54.36 -20.69
N UNK B 27 36.28 54.25 -21.43
CA UNK B 27 37.10 53.04 -21.39
C UNK B 27 37.90 52.98 -20.09
N UNK B 28 38.29 54.14 -19.58
CA UNK B 28 39.02 54.22 -18.31
C UNK B 28 38.12 53.80 -17.15
N UNK B 29 36.87 54.23 -17.21
CA UNK B 29 35.88 53.90 -16.19
C UNK B 29 35.57 52.40 -16.21
N UNK B 30 35.37 51.86 -17.40
CA UNK B 30 35.10 50.45 -17.56
C UNK B 30 36.26 49.58 -17.12
N UNK B 31 37.47 50.00 -17.50
CA UNK B 31 38.69 49.27 -17.17
C UNK B 31 38.84 49.04 -15.67
N UNK B 32 38.44 50.04 -14.88
CA UNK B 32 38.61 50.00 -13.43
C UNK B 32 37.71 48.97 -12.75
N UNK B 33 36.45 48.94 -13.13
CA UNK B 33 35.50 48.04 -12.49
C UNK B 33 35.74 46.59 -12.91
N UNK B 34 36.17 46.38 -14.14
CA UNK B 34 36.49 45.03 -14.60
C UNK B 34 37.77 44.53 -13.91
N UNK B 35 38.64 45.46 -13.54
CA UNK B 35 39.85 45.11 -12.79
C UNK B 35 39.45 44.57 -11.43
N UNK B 36 38.44 45.17 -10.81
CA UNK B 36 37.96 44.72 -9.52
C UNK B 36 37.33 43.33 -9.65
N UNK B 37 36.67 43.09 -10.78
CA UNK B 37 35.99 41.83 -11.03
C UNK B 37 36.96 40.68 -11.28
N UNK B 38 38.05 40.98 -11.97
CA UNK B 38 39.05 39.97 -12.31
C UNK B 38 39.73 39.44 -11.06
N UNK B 39 39.99 40.34 -10.11
CA UNK B 39 40.63 39.99 -8.86
C UNK B 39 39.70 39.18 -7.96
N UNK B 40 38.41 39.52 -7.98
CA UNK B 40 37.41 38.79 -7.19
C UNK B 40 37.25 37.36 -7.69
N UNK B 41 37.27 37.20 -9.01
CA UNK B 41 37.14 35.87 -9.61
C UNK B 41 38.36 35.02 -9.29
N UNK B 42 39.54 35.59 -9.53
CA UNK B 42 40.81 34.91 -9.25
C UNK B 42 40.89 34.42 -7.81
N UNK B 43 40.47 35.27 -6.88
CA UNK B 43 40.50 34.95 -5.46
C UNK B 43 39.52 33.82 -5.13
N UNK B 44 38.33 33.87 -5.74
CA UNK B 44 37.29 32.87 -5.50
C UNK B 44 37.67 31.50 -6.03
N UNK B 45 38.35 31.47 -7.18
CA UNK B 45 38.77 30.24 -7.82
C UNK B 45 39.71 29.43 -6.94
N UNK B 46 40.72 30.11 -6.39
CA UNK B 46 41.73 29.45 -5.56
C UNK B 46 41.11 28.80 -4.33
N UNK B 47 40.15 29.48 -3.73
CA UNK B 47 39.44 28.95 -2.57
C UNK B 47 38.63 27.71 -2.96
N UNK B 48 38.00 27.78 -4.13
CA UNK B 48 37.20 26.67 -4.64
C UNK B 48 38.08 25.44 -4.93
N UNK B 49 39.27 25.67 -5.47
CA UNK B 49 40.21 24.59 -5.76
C UNK B 49 40.68 23.91 -4.48
N UNK B 50 40.89 24.70 -3.43
CA UNK B 50 41.35 24.16 -2.15
C UNK B 50 40.26 23.29 -1.53
N UNK B 51 39.02 23.74 -1.60
CA UNK B 51 37.88 22.94 -1.15
C UNK B 51 37.75 21.69 -2.03
N UNK B 52 38.08 21.86 -3.31
CA UNK B 52 37.96 20.80 -4.32
C UNK B 52 38.84 19.60 -4.00
N UNK B 53 40.12 19.84 -3.74
CA UNK B 53 41.05 18.78 -3.42
C UNK B 53 40.68 18.05 -2.14
N UNK B 54 40.31 18.81 -1.11
CA UNK B 54 39.92 18.24 0.17
C UNK B 54 38.69 17.34 0.02
N UNK B 55 37.68 17.87 -0.66
CA UNK B 55 36.44 17.13 -0.87
C UNK B 55 36.68 15.84 -1.68
N UNK B 56 37.55 15.93 -2.68
CA UNK B 56 37.85 14.79 -3.54
C UNK B 56 38.59 13.69 -2.77
N UNK B 57 39.42 14.08 -1.81
CA UNK B 57 40.23 13.13 -1.06
C UNK B 57 39.44 12.49 0.08
N UNK B 58 38.53 13.25 0.68
CA UNK B 58 37.63 12.72 1.71
C UNK B 58 36.69 11.71 1.04
N UNK B 59 36.41 11.94 -0.24
CA UNK B 59 35.59 11.02 -1.02
C UNK B 59 36.25 9.65 -1.12
N UNK B 60 37.41 9.63 -1.78
CA UNK B 60 38.16 8.40 -2.04
C UNK B 60 38.52 7.67 -0.75
N UNK B 61 38.79 8.42 0.32
CA UNK B 61 39.16 7.83 1.59
C UNK B 61 37.99 7.06 2.21
N UNK B 62 36.78 7.62 2.06
CA UNK B 62 35.58 7.03 2.62
C UNK B 62 35.17 5.78 1.84
N UNK B 63 35.43 5.78 0.53
CA UNK B 63 35.13 4.63 -0.32
C UNK B 63 36.12 3.50 -0.04
N UNK B 64 37.39 3.85 0.14
CA UNK B 64 38.42 2.87 0.46
C UNK B 64 38.14 2.23 1.81
N UNK B 65 37.80 3.07 2.80
CA UNK B 65 37.48 2.60 4.13
C UNK B 65 36.22 1.75 4.11
N UNK B 66 35.32 2.05 3.17
CA UNK B 66 34.07 1.32 3.02
C UNK B 66 34.29 -0.15 2.69
N UNK B 67 35.15 -0.41 1.72
CA UNK B 67 35.36 -1.77 1.24
C UNK B 67 36.01 -2.66 2.30
N UNK B 68 36.74 -2.04 3.22
CA UNK B 68 37.32 -2.77 4.34
C UNK B 68 36.22 -3.38 5.18
N UNK B 69 35.30 -2.54 5.62
CA UNK B 69 34.22 -2.97 6.51
C UNK B 69 33.20 -3.83 5.79
N UNK B 70 32.99 -3.54 4.50
CA UNK B 70 32.07 -4.32 3.68
C UNK B 70 32.61 -5.72 3.45
N UNK B 71 33.93 -5.83 3.42
CA UNK B 71 34.59 -7.12 3.25
C UNK B 71 34.49 -7.92 4.54
N UNK B 72 34.67 -7.24 5.66
CA UNK B 72 34.54 -7.87 6.98
C UNK B 72 33.11 -8.34 7.18
N UNK B 73 32.16 -7.60 6.61
CA UNK B 73 30.75 -7.96 6.68
C UNK B 73 30.49 -9.34 6.06
N UNK B 74 31.13 -9.60 4.93
CA UNK B 74 30.93 -10.86 4.21
C UNK B 74 31.40 -12.05 5.04
N UNK B 75 32.62 -11.98 5.56
CA UNK B 75 33.22 -13.09 6.29
C UNK B 75 32.52 -13.36 7.62
N UNK B 76 32.15 -12.29 8.32
CA UNK B 76 31.56 -12.40 9.65
C UNK B 76 30.09 -12.82 9.57
N UNK B 77 29.42 -12.46 8.48
CA UNK B 77 28.07 -12.96 8.21
C UNK B 77 28.10 -14.46 8.00
N UNK B 78 29.10 -14.92 7.24
CA UNK B 78 29.28 -16.35 7.02
C UNK B 78 29.66 -17.05 8.32
N UNK B 79 30.43 -16.34 9.16
CA UNK B 79 30.77 -16.85 10.47
C UNK B 79 29.52 -17.00 11.33
N UNK B 80 28.66 -15.98 11.29
CA UNK B 80 27.38 -16.00 11.98
C UNK B 80 26.52 -17.17 11.53
N UNK B 81 26.44 -17.37 10.23
CA UNK B 81 25.62 -18.43 9.64
C UNK B 81 26.02 -19.80 10.18
N UNK B 82 27.31 -20.09 10.18
CA UNK B 82 27.83 -21.34 10.72
C UNK B 82 27.66 -21.40 12.23
N UNK B 83 27.79 -20.24 12.87
CA UNK B 83 27.58 -20.12 14.31
C UNK B 83 26.14 -20.49 14.64
N UNK B 84 25.22 -19.91 13.89
CA UNK B 84 23.78 -20.13 14.07
C UNK B 84 23.39 -21.55 13.65
N UNK B 85 24.09 -22.08 12.65
CA UNK B 85 23.81 -23.41 12.13
C UNK B 85 24.23 -24.50 13.12
N UNK B 86 25.42 -24.35 13.69
CA UNK B 86 25.92 -25.32 14.66
C UNK B 86 25.23 -25.14 16.00
N UNK B 87 24.43 -24.08 16.09
CA UNK B 87 23.66 -23.81 17.30
C UNK B 87 22.38 -24.62 17.32
N UNK B 88 21.63 -24.54 16.22
CA UNK B 88 20.39 -25.28 16.08
C UNK B 88 20.65 -26.77 15.87
N UNK B 89 21.76 -27.09 15.23
CA UNK B 89 22.14 -28.49 15.00
C UNK B 89 22.43 -29.16 16.35
N UNK B 90 23.18 -28.46 17.18
CA UNK B 90 23.50 -28.96 18.52
C UNK B 90 22.25 -28.97 19.42
N UNK B 91 21.35 -28.01 19.19
CA UNK B 91 20.13 -27.91 19.99
C UNK B 91 19.14 -28.99 19.56
N UNK B 92 19.08 -29.25 18.26
CA UNK B 92 18.21 -30.28 17.74
C UNK B 92 18.64 -31.64 18.23
N UNK B 93 19.95 -31.84 18.32
CA UNK B 93 20.51 -33.08 18.85
C UNK B 93 20.26 -33.16 20.35
N UNK B 94 20.32 -32.02 21.03
CA UNK B 94 20.12 -31.97 22.47
C UNK B 94 18.68 -32.31 22.86
N UNK B 95 17.74 -31.81 22.08
CA UNK B 95 16.32 -32.06 22.34
C UNK B 95 15.94 -33.49 22.01
N UNK B 96 16.47 -34.00 20.90
CA UNK B 96 16.23 -35.38 20.49
C UNK B 96 16.84 -36.34 21.52
N UNK B 97 18.00 -35.95 22.06
CA UNK B 97 18.70 -36.77 23.05
C UNK B 97 17.95 -36.75 24.37
N UNK B 98 17.44 -35.58 24.75
CA UNK B 98 16.65 -35.42 25.97
C UNK B 98 15.36 -36.22 25.86
N UNK B 99 14.88 -36.36 24.63
CA UNK B 99 13.68 -37.14 24.38
C UNK B 99 13.96 -38.63 24.54
N UNK B 100 15.20 -39.03 24.24
CA UNK B 100 15.60 -40.42 24.33
C UNK B 100 15.76 -40.82 25.80
N UNK B 101 16.08 -39.82 26.64
CA UNK B 101 16.13 -40.03 28.09
C UNK B 101 14.81 -40.59 28.59
N UNK B 102 13.73 -39.94 28.20
CA UNK B 102 12.40 -40.27 28.68
C UNK B 102 11.91 -41.61 28.16
N UNK B 103 12.19 -41.90 26.89
CA UNK B 103 11.80 -43.15 26.26
C UNK B 103 12.42 -44.35 27.00
N UNK B 104 13.69 -44.21 27.35
CA UNK B 104 14.45 -45.29 27.98
C UNK B 104 14.08 -45.43 29.45
N UNK B 105 13.94 -44.31 30.14
CA UNK B 105 13.49 -44.31 31.52
C UNK B 105 12.12 -44.97 31.62
N UNK B 106 11.28 -44.72 30.62
CA UNK B 106 9.96 -45.31 30.56
C UNK B 106 10.00 -46.81 30.32
N UNK B 107 10.93 -47.24 29.46
CA UNK B 107 11.12 -48.67 29.20
C UNK B 107 11.77 -49.33 30.42
N UNK B 108 12.59 -48.56 31.14
CA UNK B 108 13.21 -49.04 32.37
C UNK B 108 12.15 -49.22 33.45
N UNK B 109 11.19 -48.31 33.48
CA UNK B 109 10.13 -48.31 34.48
C UNK B 109 9.19 -49.48 34.26
N UNK B 110 8.81 -49.70 33.00
CA UNK B 110 7.99 -50.85 32.64
C UNK B 110 8.70 -52.15 32.96
N UNK B 111 10.02 -52.12 32.86
CA UNK B 111 10.83 -53.31 33.11
C UNK B 111 10.80 -53.68 34.59
N UNK B 112 10.94 -52.67 35.46
CA UNK B 112 10.90 -52.88 36.90
C UNK B 112 9.56 -53.44 37.34
N UNK B 113 8.52 -53.10 36.60
CA UNK B 113 7.17 -53.60 36.87
C UNK B 113 7.06 -55.07 36.50
N UNK B 114 7.52 -55.40 35.30
CA UNK B 114 7.56 -56.78 34.83
C UNK B 114 8.33 -57.63 35.83
N UNK B 115 9.48 -57.12 36.23
CA UNK B 115 10.33 -57.78 37.22
C UNK B 115 9.59 -58.04 38.53
N UNK B 116 8.91 -57.02 39.04
CA UNK B 116 8.17 -57.12 40.29
C UNK B 116 7.05 -58.15 40.18
N UNK B 117 6.33 -58.13 39.06
CA UNK B 117 5.23 -59.07 38.84
C UNK B 117 5.74 -60.50 38.81
N UNK B 118 6.87 -60.70 38.14
CA UNK B 118 7.50 -62.01 38.07
C UNK B 118 7.87 -62.54 39.46
N UNK B 119 8.42 -61.66 40.29
CA UNK B 119 8.94 -62.04 41.60
C UNK B 119 7.85 -62.39 42.61
N UNK B 120 6.70 -61.73 42.50
CA UNK B 120 5.58 -62.00 43.39
C UNK B 120 4.79 -63.21 42.90
N UNK B 121 4.88 -63.48 41.60
CA UNK B 121 4.16 -64.60 41.00
C UNK B 121 4.80 -65.92 41.42
N UNK B 122 6.13 -65.93 41.46
CA UNK B 122 6.87 -67.12 41.84
C UNK B 122 6.71 -67.45 43.32
N UNK B 123 6.31 -66.46 44.11
CA UNK B 123 6.10 -66.67 45.54
C UNK B 123 4.76 -67.33 45.79
N UNK B 124 3.72 -66.85 45.10
CA UNK B 124 2.41 -67.49 45.13
C UNK B 124 2.54 -68.96 44.72
N UNK B 125 3.47 -69.21 43.82
CA UNK B 125 3.73 -70.56 43.37
C UNK B 125 4.46 -71.39 44.42
N UNK B 126 5.28 -70.73 45.25
CA UNK B 126 6.11 -71.41 46.23
C UNK B 126 5.30 -71.97 47.39
N UNK B 127 4.20 -71.29 47.71
CA UNK B 127 3.34 -71.70 48.81
C UNK B 127 2.35 -72.74 48.33
N UNK B 128 2.02 -72.71 47.04
CA UNK B 128 1.06 -73.65 46.49
C UNK B 128 1.73 -74.99 46.22
N UNK B 129 3.01 -74.96 45.82
CA UNK B 129 3.74 -76.18 45.52
C UNK B 129 4.03 -77.00 46.78
N UNK B 130 4.11 -76.32 47.92
CA UNK B 130 4.49 -76.96 49.17
C UNK B 130 3.33 -77.72 49.81
N UNK B 131 2.16 -77.09 49.84
CA UNK B 131 0.99 -77.69 50.46
C UNK B 131 0.54 -78.91 49.65
N UNK B 132 0.76 -78.87 48.34
CA UNK B 132 0.40 -79.98 47.47
C UNK B 132 1.43 -81.09 47.55
N UNK B 133 2.66 -80.74 47.97
CA UNK B 133 3.68 -81.74 48.22
C UNK B 133 3.31 -82.56 49.44
N UNK B 134 3.06 -81.87 50.54
CA UNK B 134 2.73 -82.51 51.81
C UNK B 134 1.45 -83.32 51.69
N UNK B 135 0.43 -82.73 51.05
CA UNK B 135 -0.85 -83.39 50.87
C UNK B 135 -0.73 -84.68 50.06
N THR C 5 21.61 -11.68 -30.15
CA THR C 5 20.90 -12.95 -30.18
C THR C 5 20.42 -13.34 -28.79
N THR C 6 20.80 -12.53 -27.80
CA THR C 6 20.52 -12.80 -26.40
C THR C 6 19.02 -12.81 -26.12
N ALA C 7 18.64 -13.29 -24.94
CA ALA C 7 17.26 -13.18 -24.48
C ALA C 7 17.19 -12.19 -23.32
N LEU C 8 16.07 -11.48 -23.20
CA LEU C 8 16.00 -10.38 -22.24
C LEU C 8 14.93 -10.59 -21.17
N VAL C 9 15.36 -10.54 -19.91
CA VAL C 9 14.44 -10.58 -18.78
C VAL C 9 14.12 -9.15 -18.35
N CYS C 10 12.88 -8.74 -18.57
CA CYS C 10 12.46 -7.37 -18.33
C CYS C 10 11.28 -7.35 -17.37
N ASP C 11 11.50 -6.78 -16.18
CA ASP C 11 10.42 -6.73 -15.20
C ASP C 11 9.83 -5.34 -15.03
N ASN C 12 8.52 -5.29 -15.29
CA ASN C 12 7.68 -4.14 -15.03
C ASN C 12 7.13 -4.20 -13.61
N GLY C 13 7.61 -3.29 -12.76
CA GLY C 13 7.00 -3.04 -11.48
C GLY C 13 6.51 -1.61 -11.48
N SER C 14 5.94 -1.16 -10.37
CA SER C 14 5.62 0.26 -10.23
C SER C 14 6.88 1.02 -9.85
N GLY C 15 8.02 0.46 -10.26
CA GLY C 15 9.32 0.98 -9.90
C GLY C 15 9.68 2.24 -10.66
N LEU C 16 10.91 2.41 -11.15
CA LEU C 16 12.03 1.44 -11.19
C LEU C 16 11.71 0.20 -12.02
N VAL C 17 11.52 0.39 -13.33
CA VAL C 17 11.45 -0.73 -14.28
C VAL C 17 12.84 -1.29 -14.48
N LYS C 18 12.99 -2.61 -14.52
CA LYS C 18 14.34 -3.16 -14.67
C LYS C 18 14.54 -3.95 -15.96
N ALA C 19 15.66 -3.69 -16.63
CA ALA C 19 15.99 -4.41 -17.86
C ALA C 19 17.48 -4.79 -17.95
N GLY C 20 17.74 -6.03 -18.36
CA GLY C 20 19.09 -6.52 -18.55
C GLY C 20 19.04 -7.91 -19.14
N PHE C 21 20.00 -8.26 -20.00
CA PHE C 21 19.93 -9.52 -20.74
C PHE C 21 20.01 -10.77 -19.86
N ALA C 22 19.79 -11.94 -20.49
CA ALA C 22 19.70 -13.23 -19.80
C ALA C 22 20.88 -13.49 -18.87
N GLY C 23 20.99 -12.69 -17.81
CA GLY C 23 22.10 -12.79 -16.89
C GLY C 23 23.19 -11.77 -17.20
N ASP C 24 24.18 -11.69 -16.32
CA ASP C 24 24.28 -12.58 -15.18
C ASP C 24 24.31 -11.84 -13.85
N ASP C 25 24.20 -10.51 -13.89
CA ASP C 25 24.45 -9.69 -12.70
C ASP C 25 23.20 -8.98 -12.18
N ALA C 26 22.82 -7.88 -12.84
CA ALA C 26 21.76 -7.01 -12.39
C ALA C 26 21.28 -6.28 -13.64
N PRO C 27 20.11 -5.63 -13.58
CA PRO C 27 19.62 -4.90 -14.77
C PRO C 27 20.62 -3.90 -15.35
N ARG C 28 20.80 -3.94 -16.67
CA ARG C 28 21.66 -2.99 -17.35
C ARG C 28 21.12 -1.58 -17.16
N ALA C 29 19.79 -1.49 -17.17
CA ALA C 29 19.10 -0.20 -17.12
C ALA C 29 17.94 -0.20 -16.13
N VAL C 30 17.93 0.82 -15.28
CA VAL C 30 16.90 1.05 -14.28
C VAL C 30 16.48 2.51 -14.28
N PHE C 31 15.17 2.76 -14.26
CA PHE C 31 14.63 4.12 -14.24
C PHE C 31 13.20 4.14 -13.67
N PRO C 32 12.76 5.30 -13.12
CA PRO C 32 11.53 5.42 -12.32
C PRO C 32 10.19 5.16 -13.04
N SER C 33 10.22 4.84 -14.32
CA SER C 33 9.02 4.36 -15.05
C SER C 33 7.86 5.36 -15.11
N ILE C 34 8.14 6.62 -15.40
CA ILE C 34 7.08 7.62 -15.47
C ILE C 34 7.04 8.34 -16.82
N VAL C 35 5.83 8.65 -17.28
CA VAL C 35 5.63 9.65 -18.32
C VAL C 35 4.92 10.85 -17.74
N GLY C 36 5.34 12.03 -18.15
CA GLY C 36 4.77 13.26 -17.65
C GLY C 36 4.71 14.28 -18.75
N ARG C 37 3.51 14.76 -19.05
CA ARG C 37 3.34 15.80 -20.05
C ARG C 37 3.56 17.16 -19.41
N PRO C 38 3.99 18.14 -20.21
CA PRO C 38 4.27 19.49 -19.74
C PRO C 38 3.00 20.32 -19.55
N ARG C 39 2.73 20.68 -18.29
CA ARG C 39 1.49 21.37 -17.94
C ARG C 39 1.43 22.80 -18.47
N HIS C 40 2.48 23.22 -19.17
CA HIS C 40 2.50 24.59 -19.70
C HIS C 40 2.72 24.63 -21.20
N GLN C 41 2.63 25.84 -21.75
CA GLN C 41 2.89 26.11 -23.15
C GLN C 41 4.35 26.50 -23.38
N GLY C 42 4.96 25.91 -24.41
CA GLY C 42 6.38 26.14 -24.67
C GLY C 42 6.67 27.06 -25.83
N VAL C 43 7.72 27.88 -25.66
CA VAL C 43 8.06 28.90 -26.65
C VAL C 43 9.59 29.06 -26.76
N MET C 44 10.28 28.00 -27.12
CA MET C 44 11.73 28.10 -27.32
C MET C 44 12.09 27.24 -28.55
N VAL C 45 11.21 27.29 -29.55
CA VAL C 45 11.51 26.94 -30.95
C VAL C 45 12.03 25.52 -31.19
N GLY C 46 11.98 25.06 -32.45
CA GLY C 46 12.64 23.81 -32.82
C GLY C 46 11.89 22.75 -33.62
N MET C 47 10.71 22.29 -33.19
CA MET C 47 9.98 22.75 -32.00
C MET C 47 10.71 22.43 -30.69
N GLY C 48 11.72 21.56 -30.76
CA GLY C 48 12.64 21.39 -29.66
C GLY C 48 12.09 20.55 -28.54
N GLN C 49 10.99 21.03 -27.95
CA GLN C 49 10.42 20.39 -26.78
C GLN C 49 9.70 19.10 -27.14
N LYS C 50 9.87 18.10 -26.27
CA LYS C 50 9.24 16.79 -26.45
C LYS C 50 7.78 16.83 -26.03
N ASP C 51 6.97 15.96 -26.64
CA ASP C 51 5.56 15.88 -26.30
C ASP C 51 5.36 15.34 -24.89
N SER C 52 6.25 14.44 -24.49
CA SER C 52 6.23 13.90 -23.13
C SER C 52 7.56 13.25 -22.81
N TYR C 53 8.09 13.53 -21.63
CA TYR C 53 9.33 12.90 -21.21
C TYR C 53 8.98 11.57 -20.54
N VAL C 54 9.64 10.50 -20.96
CA VAL C 54 9.59 9.24 -20.22
C VAL C 54 10.74 9.33 -19.23
N GLY C 55 10.87 8.36 -18.33
CA GLY C 55 12.08 8.28 -17.53
C GLY C 55 13.26 8.08 -18.46
N ASP C 56 14.46 8.47 -18.03
CA ASP C 56 14.71 8.99 -16.70
C ASP C 56 14.56 10.51 -16.67
N GLU C 57 14.63 11.14 -17.84
CA GLU C 57 14.57 12.59 -17.96
C GLU C 57 13.32 13.19 -17.32
N ALA C 58 12.25 12.40 -17.23
CA ALA C 58 11.02 12.85 -16.61
C ALA C 58 11.15 12.85 -15.08
N GLN C 59 12.32 12.48 -14.60
CA GLN C 59 12.60 12.52 -13.17
C GLN C 59 13.70 13.54 -12.91
N SER C 60 14.27 14.05 -13.99
CA SER C 60 15.29 15.10 -13.88
C SER C 60 14.67 16.47 -14.10
N LYS C 61 13.53 16.49 -14.78
CA LYS C 61 12.87 17.74 -15.13
C LYS C 61 11.45 17.78 -14.58
N ARG C 62 11.32 17.46 -13.30
CA ARG C 62 10.05 17.58 -12.59
C ARG C 62 9.60 19.03 -12.51
N GLY C 63 8.38 19.25 -12.03
CA GLY C 63 7.88 20.59 -11.77
C GLY C 63 7.38 21.29 -13.01
N ILE C 64 7.91 20.90 -14.16
CA ILE C 64 7.45 21.44 -15.42
C ILE C 64 6.60 20.38 -16.11
N LEU C 65 6.30 19.32 -15.37
CA LEU C 65 5.49 18.22 -15.88
C LEU C 65 4.38 17.86 -14.92
N THR C 66 3.48 16.97 -15.34
CA THR C 66 2.51 16.36 -14.43
C THR C 66 2.74 14.85 -14.49
N LEU C 67 3.50 14.33 -13.54
CA LEU C 67 3.86 12.92 -13.57
C LEU C 67 2.63 12.04 -13.50
N LYS C 68 2.54 11.09 -14.44
CA LYS C 68 1.43 10.18 -14.50
C LYS C 68 1.94 8.75 -14.61
N TYR C 69 1.80 7.99 -13.53
CA TYR C 69 2.24 6.61 -13.52
C TYR C 69 1.38 5.73 -14.41
N PRO C 70 2.02 5.03 -15.36
CA PRO C 70 1.35 4.20 -16.36
C PRO C 70 0.71 2.97 -15.73
N ILE C 71 1.19 2.59 -14.56
CA ILE C 71 0.58 1.51 -13.80
C ILE C 71 0.34 2.03 -12.39
N GLU C 72 -0.60 1.42 -11.68
CA GLU C 72 -1.07 1.97 -10.41
C GLU C 72 -1.82 0.91 -9.62
N HIC C 73 -1.22 0.48 -8.51
CA HIC C 73 -1.79 -0.58 -7.67
C HIC C 73 -2.04 -1.84 -8.49
O HIC C 73 -3.15 -2.39 -8.50
CB HIC C 73 -3.09 -0.10 -7.01
CG HIC C 73 -2.92 1.11 -6.14
ND1 HIC C 73 -2.42 1.03 -4.86
CD2 HIC C 73 -3.18 2.41 -6.37
CE1 HIC C 73 -2.39 2.24 -4.34
NE2 HIC C 73 -2.84 3.10 -5.23
CZ HIC C 73 -2.95 4.36 -5.07
N GLY C 74 -1.00 -2.30 -9.18
CA GLY C 74 -1.03 -3.59 -9.88
C GLY C 74 -1.56 -3.55 -11.30
N ILE C 75 -2.87 -3.37 -11.45
CA ILE C 75 -3.46 -3.21 -12.78
C ILE C 75 -2.97 -1.90 -13.37
N ILE C 76 -2.59 -1.90 -14.64
CA ILE C 76 -2.12 -0.66 -15.26
C ILE C 76 -3.33 0.15 -15.69
N THR C 77 -3.16 1.46 -15.80
CA THR C 77 -4.28 2.35 -16.10
C THR C 77 -4.62 2.39 -17.60
N ASN C 78 -3.60 2.54 -18.44
CA ASN C 78 -3.81 2.57 -19.89
C ASN C 78 -2.53 2.21 -20.64
N TRP C 79 -2.67 1.43 -21.71
CA TRP C 79 -1.51 0.99 -22.47
C TRP C 79 -0.99 2.06 -23.42
N ASP C 80 -1.67 3.22 -23.47
CA ASP C 80 -1.22 4.32 -24.30
C ASP C 80 0.13 4.84 -23.80
N ASP C 81 0.28 4.90 -22.49
CA ASP C 81 1.54 5.35 -21.89
C ASP C 81 2.50 4.17 -21.81
N MET C 82 1.95 3.02 -21.44
CA MET C 82 2.72 1.79 -21.25
C MET C 82 3.50 1.36 -22.49
N GLU C 83 2.80 1.32 -23.63
CA GLU C 83 3.44 0.95 -24.88
C GLU C 83 4.56 1.91 -25.20
N LYS C 84 4.37 3.17 -24.83
CA LYS C 84 5.34 4.20 -25.14
C LYS C 84 6.58 4.00 -24.26
N ILE C 85 6.35 3.61 -23.02
CA ILE C 85 7.43 3.15 -22.14
C ILE C 85 8.23 2.11 -22.90
N TRP C 86 7.52 1.08 -23.36
CA TRP C 86 8.16 -0.06 -24.02
C TRP C 86 8.97 0.32 -25.24
N HIS C 87 8.30 0.92 -26.23
CA HIS C 87 8.94 1.33 -27.49
C HIS C 87 10.16 2.20 -27.25
N HIS C 88 10.00 3.18 -26.39
CA HIS C 88 11.10 4.09 -26.06
C HIS C 88 12.26 3.24 -25.53
N THR C 89 11.96 2.32 -24.62
CA THR C 89 12.99 1.48 -24.01
C THR C 89 13.74 0.57 -24.98
N PHE C 90 13.01 -0.26 -25.73
CA PHE C 90 13.64 -1.17 -26.66
C PHE C 90 14.39 -0.45 -27.77
N TYR C 91 13.78 0.56 -28.37
CA TYR C 91 14.42 1.18 -29.52
C TYR C 91 15.54 2.15 -29.16
N ASN C 92 15.32 3.09 -28.25
CA ASN C 92 16.35 4.11 -28.04
C ASN C 92 17.22 3.93 -26.79
N GLU C 93 17.11 2.79 -26.12
CA GLU C 93 17.93 2.55 -24.92
C GLU C 93 18.83 1.32 -25.07
N LEU C 94 18.26 0.14 -24.86
CA LEU C 94 19.04 -1.09 -24.81
C LEU C 94 19.70 -1.42 -26.15
N ARG C 95 19.26 -0.74 -27.21
CA ARG C 95 19.78 -0.94 -28.57
C ARG C 95 19.64 -2.40 -28.96
N VAL C 96 18.43 -2.92 -28.74
CA VAL C 96 18.11 -4.29 -29.07
C VAL C 96 17.02 -4.36 -30.13
N ALA C 97 17.22 -5.22 -31.13
CA ALA C 97 16.21 -5.45 -32.15
C ALA C 97 15.00 -6.13 -31.52
N PRO C 98 13.82 -5.98 -32.16
CA PRO C 98 12.63 -6.65 -31.64
C PRO C 98 12.61 -8.16 -31.84
N GLU C 99 13.28 -8.66 -32.89
CA GLU C 99 13.30 -10.08 -33.19
C GLU C 99 14.50 -10.80 -32.57
N GLU C 100 15.28 -10.03 -31.83
CA GLU C 100 16.43 -10.54 -31.09
C GLU C 100 16.09 -11.82 -30.32
N HIS C 101 15.05 -11.79 -29.49
CA HIS C 101 14.77 -12.91 -28.58
C HIS C 101 13.31 -13.26 -28.39
N PRO C 102 13.08 -14.41 -27.74
CA PRO C 102 11.90 -14.74 -26.94
C PRO C 102 12.04 -14.12 -25.54
N THR C 103 10.99 -13.47 -25.03
CA THR C 103 11.14 -12.67 -23.81
C THR C 103 10.51 -13.30 -22.58
N LEU C 104 10.79 -12.71 -21.41
CA LEU C 104 10.30 -13.20 -20.13
C LEU C 104 9.71 -12.05 -19.32
N LEU C 105 8.42 -12.14 -19.02
CA LEU C 105 7.75 -11.07 -18.29
C LEU C 105 7.22 -11.51 -16.93
N THR C 106 7.06 -10.54 -16.05
CA THR C 106 6.47 -10.76 -14.72
C THR C 106 5.18 -9.97 -14.59
N GLU C 107 4.33 -10.40 -13.66
CA GLU C 107 3.11 -9.69 -13.33
C GLU C 107 2.92 -9.77 -11.83
N ALA C 108 1.79 -9.29 -11.33
CA ALA C 108 1.42 -9.54 -9.95
C ALA C 108 0.93 -10.98 -9.89
N PRO C 109 0.78 -11.54 -8.68
CA PRO C 109 0.31 -12.92 -8.68
C PRO C 109 -1.16 -13.05 -9.02
N LEU C 110 -1.97 -12.09 -8.57
CA LEU C 110 -3.41 -12.16 -8.80
C LEU C 110 -3.91 -10.93 -9.54
N ASN C 111 -3.14 -10.45 -10.51
CA ASN C 111 -3.55 -9.27 -11.25
C ASN C 111 -4.71 -9.66 -12.16
N PRO C 112 -5.76 -8.83 -12.17
CA PRO C 112 -6.97 -9.03 -12.98
C PRO C 112 -6.68 -9.29 -14.45
N LYS C 113 -6.91 -10.50 -14.94
CA LYS C 113 -6.78 -10.73 -16.37
C LYS C 113 -8.06 -10.18 -17.01
N ALA C 114 -7.94 -9.51 -18.15
CA ALA C 114 -6.75 -9.56 -18.97
C ALA C 114 -5.89 -8.30 -18.84
N ASN C 115 -5.13 -8.22 -17.75
CA ASN C 115 -4.12 -7.18 -17.64
C ASN C 115 -2.79 -7.72 -18.14
N ARG C 116 -2.74 -9.03 -18.38
CA ARG C 116 -1.56 -9.65 -18.96
C ARG C 116 -1.73 -9.76 -20.46
N GLU C 117 -2.97 -9.98 -20.89
CA GLU C 117 -3.24 -10.14 -22.32
C GLU C 117 -2.85 -8.87 -23.05
N LYS C 118 -3.64 -7.81 -22.88
CA LYS C 118 -3.44 -6.56 -23.62
C LYS C 118 -1.96 -6.20 -23.79
N MET C 119 -1.18 -6.44 -22.74
CA MET C 119 0.27 -6.33 -22.81
C MET C 119 0.82 -7.34 -23.80
N THR C 120 0.67 -8.63 -23.50
CA THR C 120 1.26 -9.71 -24.28
C THR C 120 0.96 -9.53 -25.77
N GLN C 121 -0.28 -9.13 -26.05
CA GLN C 121 -0.81 -9.00 -27.40
C GLN C 121 -0.24 -7.77 -28.09
N ILE C 122 -0.35 -6.62 -27.44
CA ILE C 122 0.17 -5.39 -28.04
C ILE C 122 1.66 -5.54 -28.32
N MET C 123 2.39 -6.05 -27.34
CA MET C 123 3.83 -6.31 -27.50
C MET C 123 4.06 -7.37 -28.58
N PHE C 124 3.08 -8.24 -28.80
CA PHE C 124 3.24 -9.31 -29.78
C PHE C 124 3.11 -8.80 -31.20
N GLU C 125 2.18 -7.87 -31.41
CA GLU C 125 1.93 -7.35 -32.75
C GLU C 125 2.87 -6.19 -33.08
N THR C 126 3.25 -5.43 -32.06
CA THR C 126 4.14 -4.29 -32.26
C THR C 126 5.60 -4.70 -32.31
N PHE C 127 6.03 -5.45 -31.30
CA PHE C 127 7.46 -5.72 -31.10
C PHE C 127 7.85 -7.11 -31.59
N ASN C 128 6.84 -7.96 -31.82
CA ASN C 128 7.04 -9.20 -32.56
C ASN C 128 8.12 -10.14 -32.01
N VAL C 129 8.42 -10.05 -30.72
CA VAL C 129 9.23 -11.05 -30.05
C VAL C 129 8.59 -12.41 -30.30
N PRO C 130 9.28 -13.28 -31.05
CA PRO C 130 8.74 -14.53 -31.60
C PRO C 130 8.19 -15.52 -30.57
N ALA C 131 8.39 -15.25 -29.27
CA ALA C 131 7.77 -16.08 -28.22
C ALA C 131 7.37 -15.24 -27.01
N MET C 132 7.14 -15.91 -25.89
CA MET C 132 6.66 -15.25 -24.68
C MET C 132 6.55 -16.23 -23.51
N TYR C 133 6.65 -15.70 -22.29
CA TYR C 133 6.38 -16.46 -21.07
C TYR C 133 6.29 -15.48 -19.91
N VAL C 134 5.30 -15.67 -19.06
CA VAL C 134 5.15 -14.79 -17.91
C VAL C 134 5.15 -15.59 -16.62
N ALA C 135 6.19 -15.38 -15.81
CA ALA C 135 6.29 -16.06 -14.53
C ALA C 135 5.90 -15.08 -13.43
N ILE C 136 5.21 -15.57 -12.41
CA ILE C 136 4.70 -14.68 -11.37
C ILE C 136 5.85 -14.12 -10.51
N GLN C 137 5.71 -12.85 -10.14
CA GLN C 137 6.79 -12.07 -9.54
C GLN C 137 7.28 -12.57 -8.18
N ALA C 138 6.40 -13.22 -7.43
CA ALA C 138 6.78 -13.73 -6.12
C ALA C 138 7.73 -14.91 -6.27
N VAL C 139 7.35 -15.86 -7.11
CA VAL C 139 8.12 -17.09 -7.33
C VAL C 139 9.58 -16.81 -7.69
N LEU C 140 9.81 -15.81 -8.52
CA LEU C 140 11.16 -15.48 -8.97
C LEU C 140 12.09 -15.07 -7.83
N SER C 141 11.50 -14.51 -6.76
CA SER C 141 12.26 -13.98 -5.64
C SER C 141 12.97 -15.08 -4.82
N LEU C 142 12.61 -16.34 -5.07
CA LEU C 142 13.25 -17.45 -4.39
C LEU C 142 14.57 -17.84 -5.05
N TYR C 143 14.66 -17.60 -6.35
CA TYR C 143 15.82 -17.97 -7.14
C TYR C 143 17.05 -17.11 -6.85
N ALA C 144 16.91 -16.12 -5.96
CA ALA C 144 18.01 -15.25 -5.59
C ALA C 144 19.08 -16.03 -4.82
N SER C 145 18.76 -16.35 -3.57
CA SER C 145 19.67 -17.13 -2.74
C SER C 145 19.53 -18.61 -3.09
N GLY C 146 18.69 -18.90 -4.07
CA GLY C 146 18.53 -20.24 -4.60
C GLY C 146 18.00 -21.21 -3.56
N ARG C 147 17.00 -20.78 -2.82
CA ARG C 147 16.30 -21.68 -1.90
C ARG C 147 15.15 -22.31 -2.67
N THR C 148 14.61 -23.40 -2.16
CA THR C 148 13.50 -24.07 -2.84
C THR C 148 12.20 -23.96 -2.05
N THR C 149 12.33 -23.66 -0.77
CA THR C 149 11.19 -23.66 0.14
C THR C 149 10.97 -22.26 0.69
N GLY C 150 9.80 -22.02 1.29
CA GLY C 150 9.61 -20.79 2.04
C GLY C 150 8.39 -19.98 1.65
N ILE C 151 7.96 -19.14 2.58
CA ILE C 151 6.94 -18.14 2.31
C ILE C 151 7.62 -16.83 1.92
N VAL C 152 7.27 -16.33 0.75
CA VAL C 152 7.89 -15.12 0.23
C VAL C 152 7.01 -13.90 0.46
N LEU C 153 7.57 -12.91 1.13
CA LEU C 153 6.92 -11.64 1.38
C LEU C 153 7.48 -10.59 0.44
N ASP C 154 6.84 -10.41 -0.71
CA ASP C 154 7.38 -9.46 -1.69
C ASP C 154 6.52 -8.21 -1.73
N SER C 155 7.06 -7.14 -1.17
CA SER C 155 6.34 -5.88 -1.06
C SER C 155 7.11 -4.77 -1.76
N GLY C 156 6.58 -4.32 -2.89
CA GLY C 156 7.08 -3.14 -3.54
C GLY C 156 5.93 -2.23 -3.90
N ASP C 157 6.22 -0.96 -4.15
CA ASP C 157 5.24 -0.04 -4.69
C ASP C 157 4.70 -0.68 -5.98
N GLY C 158 3.38 -0.84 -6.08
CA GLY C 158 2.46 -0.53 -5.00
C GLY C 158 1.54 -1.67 -4.61
N VAL C 159 2.01 -2.90 -4.82
CA VAL C 159 1.25 -4.09 -4.43
C VAL C 159 2.15 -5.13 -3.75
N THR C 160 1.84 -5.51 -2.52
CA THR C 160 2.59 -6.57 -1.87
C THR C 160 1.89 -7.92 -2.06
N HIS C 161 2.63 -9.00 -1.87
CA HIS C 161 2.03 -10.33 -1.89
C HIS C 161 2.77 -11.25 -0.93
N ASN C 162 2.07 -12.29 -0.49
CA ASN C 162 2.60 -13.28 0.41
C ASN C 162 2.39 -14.69 -0.15
N VAL C 163 3.36 -15.21 -0.88
CA VAL C 163 3.15 -16.52 -1.50
C VAL C 163 3.97 -17.61 -0.84
N PRO C 164 3.28 -18.59 -0.24
CA PRO C 164 3.97 -19.73 0.36
C PRO C 164 4.25 -20.81 -0.67
N ILE C 165 5.51 -21.23 -0.74
CA ILE C 165 5.87 -22.30 -1.66
C ILE C 165 6.60 -23.40 -0.92
N TYR C 166 6.20 -24.64 -1.15
CA TYR C 166 6.94 -25.77 -0.62
C TYR C 166 7.81 -26.33 -1.74
N GLU C 167 8.58 -27.35 -1.41
CA GLU C 167 9.49 -27.98 -2.36
C GLU C 167 8.81 -29.12 -3.13
N GLY C 168 8.55 -28.93 -4.43
CA GLY C 168 8.81 -27.67 -5.11
C GLY C 168 7.53 -27.03 -5.63
N TYR C 169 6.41 -27.73 -5.44
CA TYR C 169 5.09 -27.24 -5.84
C TYR C 169 4.69 -26.00 -5.04
N ALA C 170 3.69 -25.26 -5.51
CA ALA C 170 3.31 -24.02 -4.84
C ALA C 170 1.82 -23.96 -4.52
N LEU C 171 1.51 -23.70 -3.25
CA LEU C 171 0.14 -23.61 -2.79
C LEU C 171 -0.51 -22.33 -3.34
N PRO C 172 -1.58 -22.48 -4.13
CA PRO C 172 -2.22 -21.32 -4.75
C PRO C 172 -3.12 -20.52 -3.81
N HIS C 173 -3.83 -21.19 -2.92
CA HIS C 173 -4.92 -20.55 -2.17
C HIS C 173 -4.47 -19.90 -0.87
N ALA C 174 -3.22 -20.11 -0.49
CA ALA C 174 -2.75 -19.60 0.80
C ALA C 174 -2.09 -18.23 0.64
N ILE C 175 -2.40 -17.52 -0.45
CA ILE C 175 -1.77 -16.22 -0.71
C ILE C 175 -2.77 -15.09 -0.48
N MET C 176 -2.35 -14.13 0.34
CA MET C 176 -3.18 -12.96 0.60
C MET C 176 -2.49 -11.70 0.06
N ARG C 177 -3.21 -10.93 -0.74
CA ARG C 177 -2.63 -9.75 -1.36
C ARG C 177 -3.20 -8.47 -0.77
N LEU C 178 -2.31 -7.66 -0.20
CA LEU C 178 -2.70 -6.40 0.41
C LEU C 178 -2.32 -5.25 -0.51
N ASP C 179 -3.27 -4.37 -0.79
CA ASP C 179 -2.93 -3.17 -1.54
C ASP C 179 -2.44 -2.14 -0.54
N LEU C 180 -1.19 -2.30 -0.08
CA LEU C 180 -0.60 -1.43 0.91
C LEU C 180 0.56 -0.63 0.33
N ALA C 181 1.78 -1.05 0.65
CA ALA C 181 2.98 -0.37 0.16
C ALA C 181 2.95 -0.34 -1.37
N GLY C 182 3.50 0.70 -1.99
CA GLY C 182 4.20 1.76 -1.29
C GLY C 182 3.67 3.17 -1.47
N ARG C 183 2.81 3.39 -2.46
CA ARG C 183 2.27 4.73 -2.70
C ARG C 183 1.45 5.22 -1.51
N ASP C 184 0.94 4.29 -0.72
CA ASP C 184 0.20 4.67 0.49
C ASP C 184 1.17 5.10 1.57
N LEU C 185 2.40 4.59 1.53
CA LEU C 185 3.41 5.01 2.48
C LEU C 185 3.91 6.40 2.12
N THR C 186 4.11 6.63 0.84
CA THR C 186 4.48 7.96 0.35
C THR C 186 3.38 8.98 0.67
N ASP C 187 2.16 8.67 0.26
CA ASP C 187 1.02 9.56 0.48
C ASP C 187 0.75 9.78 1.96
N TYR C 188 0.93 8.74 2.77
CA TYR C 188 0.72 8.88 4.21
C TYR C 188 1.79 9.75 4.84
N LEU C 189 3.03 9.57 4.42
CA LEU C 189 4.11 10.41 4.91
C LEU C 189 3.80 11.86 4.56
N MET C 190 3.28 12.07 3.35
CA MET C 190 2.91 13.40 2.91
C MET C 190 1.76 13.95 3.75
N LYS C 191 0.90 13.06 4.23
CA LYS C 191 -0.24 13.47 5.07
C LYS C 191 0.16 13.78 6.51
N ILE C 192 1.20 13.13 7.00
CA ILE C 192 1.65 13.34 8.37
C ILE C 192 2.82 14.30 8.44
N LEU C 193 3.27 14.77 7.28
CA LEU C 193 4.31 15.77 7.26
C LEU C 193 3.67 17.14 7.37
N THR C 194 2.38 17.21 7.02
CA THR C 194 1.62 18.47 7.07
C THR C 194 1.52 19.09 8.46
N GLU C 195 1.60 18.26 9.50
CA GLU C 195 1.50 18.77 10.87
C GLU C 195 2.65 19.73 11.20
N ARG C 196 3.75 19.66 10.48
CA ARG C 196 4.82 20.63 10.71
C ARG C 196 4.97 21.65 9.59
N GLY C 197 3.89 21.92 8.86
CA GLY C 197 3.81 23.11 8.04
C GLY C 197 4.30 22.91 6.62
N TYR C 198 4.88 21.74 6.36
CA TYR C 198 5.41 21.48 5.04
C TYR C 198 4.30 21.08 4.09
N SER C 199 4.13 21.86 3.02
CA SER C 199 3.09 21.61 2.04
C SER C 199 3.66 20.95 0.80
N PHE C 200 3.11 19.79 0.44
CA PHE C 200 3.68 18.97 -0.61
C PHE C 200 2.65 18.63 -1.68
N VAL C 201 1.87 19.64 -2.06
CA VAL C 201 0.71 19.48 -2.95
C VAL C 201 1.02 18.97 -4.37
N THR C 202 2.11 19.42 -5.00
CA THR C 202 2.28 19.20 -6.43
C THR C 202 2.71 17.77 -6.73
N THR C 203 2.31 17.27 -7.89
CA THR C 203 2.55 15.89 -8.29
C THR C 203 4.05 15.59 -8.31
N ALA C 204 4.79 16.45 -8.99
CA ALA C 204 6.23 16.30 -9.10
C ALA C 204 6.89 16.26 -7.72
N GLU C 205 6.49 17.20 -6.87
CA GLU C 205 7.16 17.37 -5.58
C GLU C 205 7.03 16.11 -4.73
N ARG C 206 5.99 15.31 -5.01
CA ARG C 206 5.77 14.08 -4.25
C ARG C 206 6.99 13.19 -4.30
N GLU C 207 7.72 13.24 -5.41
CA GLU C 207 8.93 12.44 -5.56
C GLU C 207 9.89 12.73 -4.42
N ILE C 208 10.01 14.01 -4.07
CA ILE C 208 10.89 14.44 -2.99
C ILE C 208 10.49 13.77 -1.67
N VAL C 209 9.19 13.61 -1.45
CA VAL C 209 8.70 12.93 -0.27
C VAL C 209 9.30 11.55 -0.22
N ARG C 210 9.27 10.86 -1.37
CA ARG C 210 9.80 9.52 -1.49
C ARG C 210 11.27 9.48 -1.07
N ASP C 211 12.03 10.52 -1.42
CA ASP C 211 13.44 10.54 -1.05
C ASP C 211 13.61 10.70 0.46
N ILE C 212 12.74 11.48 1.10
CA ILE C 212 12.82 11.61 2.55
C ILE C 212 12.35 10.30 3.19
N LYS C 213 11.64 9.50 2.41
CA LYS C 213 11.26 8.16 2.85
C LYS C 213 12.50 7.27 2.84
N GLU C 214 13.38 7.51 1.88
CA GLU C 214 14.59 6.73 1.68
C GLU C 214 15.54 6.79 2.87
N LYS C 215 16.17 7.96 3.03
CA LYS C 215 17.26 8.13 3.97
C LYS C 215 16.76 8.24 5.40
N LEU C 216 15.81 9.15 5.61
CA LEU C 216 15.32 9.46 6.95
C LEU C 216 14.21 8.51 7.37
N CYS C 217 14.56 7.27 7.70
CA CYS C 217 13.56 6.31 8.12
C CYS C 217 14.16 5.16 8.92
N TYR C 218 13.35 4.58 9.80
CA TYR C 218 13.72 3.42 10.59
C TYR C 218 12.49 2.94 11.35
N VAL C 219 12.28 1.63 11.38
CA VAL C 219 11.15 1.07 12.11
C VAL C 219 11.60 0.73 13.53
N ALA C 220 10.83 1.20 14.51
CA ALA C 220 11.16 0.94 15.92
C ALA C 220 11.04 -0.55 16.24
N LEU C 221 11.34 -0.91 17.49
CA LEU C 221 11.15 -2.29 17.92
C LEU C 221 9.93 -2.40 18.84
N ASP C 222 9.76 -1.40 19.71
CA ASP C 222 8.60 -1.33 20.58
C ASP C 222 7.98 0.07 20.46
N PHE C 223 7.12 0.25 19.47
CA PHE C 223 6.55 1.55 19.15
C PHE C 223 5.90 2.23 20.34
N GLU C 224 4.87 1.59 20.87
CA GLU C 224 4.04 2.17 21.93
C GLU C 224 4.85 2.73 23.10
N ASN C 225 5.92 2.03 23.47
CA ASN C 225 6.78 2.48 24.55
C ASN C 225 7.83 3.49 24.06
N GLU C 226 8.18 3.37 22.79
CA GLU C 226 9.15 4.29 22.18
C GLU C 226 8.58 5.70 22.00
N MET C 227 7.27 5.79 21.81
CA MET C 227 6.61 7.06 21.57
C MET C 227 6.69 8.00 22.77
N ALA C 228 6.61 7.43 23.96
CA ALA C 228 6.73 8.20 25.18
C ALA C 228 8.09 8.92 25.22
N THR C 229 9.15 8.14 25.06
CA THR C 229 10.52 8.67 25.14
C THR C 229 10.86 9.53 23.92
N ALA C 230 10.08 9.36 22.85
CA ALA C 230 10.27 10.18 21.66
C ALA C 230 10.00 11.63 21.99
N ALA C 231 9.07 11.85 22.91
CA ALA C 231 8.72 13.20 23.35
C ALA C 231 9.86 13.87 24.09
N SER C 232 10.76 13.06 24.68
CA SER C 232 11.95 13.60 25.33
C SER C 232 12.75 14.43 24.34
N SER C 233 13.46 15.45 24.85
CA SER C 233 14.09 16.44 23.98
C SER C 233 15.19 15.88 23.09
N SER C 234 15.86 14.82 23.57
CA SER C 234 16.92 14.16 22.81
C SER C 234 16.46 13.84 21.38
N SER C 235 17.17 14.41 20.41
CA SER C 235 16.69 14.37 19.05
C SER C 235 16.83 12.98 18.45
N LEU C 236 15.68 12.39 18.12
CA LEU C 236 15.64 11.20 17.28
C LEU C 236 15.24 11.72 15.92
N GLU C 237 15.48 13.02 15.76
CA GLU C 237 15.22 13.77 14.55
C GLU C 237 16.51 14.06 13.79
N LYS C 238 16.52 13.74 12.50
CA LYS C 238 17.65 14.11 11.65
C LYS C 238 17.17 15.11 10.62
N SER C 239 17.95 16.15 10.39
CA SER C 239 17.49 17.22 9.52
C SER C 239 18.01 17.04 8.10
N TYR C 240 17.09 16.82 7.18
CA TYR C 240 17.40 16.62 5.77
C TYR C 240 17.28 17.95 5.05
N GLU C 241 18.03 18.11 3.96
CA GLU C 241 17.95 19.34 3.19
C GLU C 241 17.31 19.12 1.83
N LEU C 242 16.47 20.08 1.41
CA LEU C 242 15.56 19.89 0.29
C LEU C 242 16.13 20.58 -0.95
N PRO C 243 15.90 20.00 -2.14
CA PRO C 243 16.52 20.43 -3.43
C PRO C 243 16.67 21.93 -3.64
N ASP C 244 15.72 22.74 -3.19
CA ASP C 244 15.93 24.19 -3.23
C ASP C 244 16.85 24.58 -2.07
N GLY C 245 16.56 25.70 -1.41
CA GLY C 245 17.29 26.07 -0.23
C GLY C 245 16.86 25.35 1.04
N GLN C 246 15.56 25.09 1.14
CA GLN C 246 14.92 24.74 2.41
C GLN C 246 15.58 23.60 3.18
N VAL C 247 15.65 23.76 4.49
CA VAL C 247 16.14 22.71 5.38
C VAL C 247 14.98 22.20 6.22
N ILE C 248 14.67 20.92 6.07
CA ILE C 248 13.52 20.34 6.76
C ILE C 248 13.94 19.40 7.87
N THR C 249 13.37 19.61 9.04
CA THR C 249 13.69 18.82 10.21
C THR C 249 12.49 17.97 10.64
N ILE C 250 12.51 16.69 10.29
CA ILE C 250 11.46 15.79 10.73
C ILE C 250 12.01 14.83 11.79
N GLY C 251 11.20 14.59 12.81
CA GLY C 251 11.56 13.66 13.86
C GLY C 251 10.34 12.81 14.13
N ASN C 252 10.24 12.26 15.35
CA ASN C 252 9.06 11.51 15.78
C ASN C 252 8.41 10.72 14.64
N GLU C 253 7.61 11.43 13.86
CA GLU C 253 6.88 10.86 12.73
C GLU C 253 7.79 10.13 11.76
N ARG C 254 9.08 10.46 11.79
CA ARG C 254 10.09 9.80 10.95
C ARG C 254 10.01 8.29 11.11
N PHE C 255 9.80 7.83 12.34
CA PHE C 255 9.61 6.40 12.57
C PHE C 255 8.13 6.01 12.66
N ARG C 256 7.24 6.99 12.83
CA ARG C 256 5.81 6.70 12.90
C ARG C 256 5.26 6.26 11.54
N CYS C 257 5.55 7.03 10.50
CA CYS C 257 5.03 6.77 9.17
C CYS C 257 5.26 5.35 8.65
N PRO C 258 6.52 4.85 8.69
CA PRO C 258 6.70 3.51 8.14
C PRO C 258 5.98 2.44 8.97
N GLU C 259 5.85 2.71 10.27
CA GLU C 259 5.21 1.78 11.20
C GLU C 259 3.81 1.39 10.72
N THR C 260 3.19 2.28 9.96
CA THR C 260 1.90 2.05 9.30
C THR C 260 1.81 0.65 8.69
N LEU C 261 2.95 0.13 8.23
CA LEU C 261 3.00 -1.21 7.64
C LEU C 261 2.34 -2.28 8.53
N PHE C 262 2.55 -2.25 9.85
CA PHE C 262 1.71 -3.00 10.80
C PHE C 262 0.64 -2.06 11.35
N GLN C 263 -0.51 -2.58 11.79
CA GLN C 263 -1.45 -1.68 12.41
C GLN C 263 -1.88 -0.56 11.39
N PRO C 264 -2.48 -1.01 10.26
CA PRO C 264 -2.78 0.00 9.25
C PRO C 264 -4.13 0.64 9.52
N SER C 265 -4.45 0.86 10.79
CA SER C 265 -5.64 1.61 11.17
C SER C 265 -5.39 3.07 10.83
N PHE C 266 -4.13 3.48 10.95
CA PHE C 266 -3.69 4.85 10.69
C PHE C 266 -4.14 5.34 9.32
N ILE C 267 -4.25 4.43 8.36
CA ILE C 267 -4.69 4.77 7.02
C ILE C 267 -6.20 4.83 6.94
N GLY C 268 -6.87 4.01 7.76
CA GLY C 268 -8.33 3.92 7.71
C GLY C 268 -8.74 2.73 6.88
N MET C 269 -7.86 1.73 6.83
CA MET C 269 -8.14 0.48 6.13
C MET C 269 -8.25 -0.66 7.14
N GLU C 270 -9.22 -1.54 6.91
CA GLU C 270 -9.58 -2.56 7.89
C GLU C 270 -8.70 -3.79 7.85
N SER C 271 -8.17 -4.12 6.68
CA SER C 271 -7.28 -5.27 6.53
C SER C 271 -6.10 -5.16 7.49
N ALA C 272 -5.89 -6.19 8.29
CA ALA C 272 -4.90 -6.13 9.36
C ALA C 272 -3.48 -6.09 8.81
N GLY C 273 -2.52 -5.72 9.67
CA GLY C 273 -1.16 -5.47 9.25
C GLY C 273 -0.42 -6.66 8.65
N ILE C 274 0.69 -6.37 7.97
CA ILE C 274 1.57 -7.40 7.40
C ILE C 274 1.98 -8.42 8.46
N HIS C 275 2.27 -7.91 9.66
CA HIS C 275 2.33 -8.73 10.88
C HIS C 275 1.39 -9.92 10.84
N GLU C 276 0.10 -9.63 10.72
CA GLU C 276 -0.92 -10.66 10.86
C GLU C 276 -1.13 -11.40 9.56
N THR C 277 -0.91 -10.73 8.43
CA THR C 277 -1.16 -11.39 7.15
C THR C 277 -0.12 -12.47 6.86
N THR C 278 1.10 -12.30 7.38
CA THR C 278 2.11 -13.34 7.22
C THR C 278 1.69 -14.64 7.89
N TYR C 279 1.40 -14.57 9.18
CA TYR C 279 0.93 -15.71 9.95
C TYR C 279 -0.37 -16.28 9.39
N ASN C 280 -1.34 -15.40 9.15
CA ASN C 280 -2.67 -15.80 8.72
C ASN C 280 -2.64 -16.42 7.33
N SER C 281 -1.61 -16.10 6.56
CA SER C 281 -1.41 -16.76 5.28
C SER C 281 -0.76 -18.11 5.50
N ILE C 282 0.16 -18.16 6.48
CA ILE C 282 0.89 -19.38 6.77
C ILE C 282 -0.01 -20.51 7.31
N MET C 283 -0.84 -20.21 8.31
CA MET C 283 -1.76 -21.23 8.83
C MET C 283 -2.98 -21.39 7.92
N LYS C 284 -2.83 -20.95 6.69
CA LYS C 284 -3.81 -21.26 5.65
C LYS C 284 -3.24 -22.38 4.77
N CYS C 285 -2.07 -22.86 5.15
CA CYS C 285 -1.45 -24.02 4.52
C CYS C 285 -1.82 -25.27 5.30
N ASP C 286 -1.20 -26.40 4.96
CA ASP C 286 -1.46 -27.63 5.69
C ASP C 286 -0.61 -27.70 6.96
N ILE C 287 -1.21 -28.27 8.01
CA ILE C 287 -0.66 -28.23 9.36
C ILE C 287 0.76 -28.81 9.48
N ASP C 288 1.06 -29.85 8.70
CA ASP C 288 2.35 -30.54 8.82
C ASP C 288 3.51 -29.71 8.26
N ILE C 289 3.25 -28.94 7.21
CA ILE C 289 4.32 -28.26 6.48
C ILE C 289 4.89 -27.01 7.17
N ARG C 290 4.12 -26.42 8.09
CA ARG C 290 4.44 -25.12 8.66
C ARG C 290 5.84 -25.03 9.25
N LYS C 291 6.34 -26.16 9.77
CA LYS C 291 7.66 -26.22 10.39
C LYS C 291 8.72 -25.61 9.48
N ASP C 292 8.57 -25.76 8.17
CA ASP C 292 9.59 -25.27 7.28
C ASP C 292 9.13 -24.04 6.50
N LEU C 293 7.88 -23.64 6.67
CA LEU C 293 7.44 -22.36 6.12
C LEU C 293 8.00 -21.25 7.00
N TYR C 294 8.00 -21.51 8.29
CA TYR C 294 8.73 -20.67 9.23
C TYR C 294 10.22 -20.80 8.97
N ALA C 295 10.99 -19.91 9.58
CA ALA C 295 12.45 -19.96 9.52
C ALA C 295 12.99 -19.91 8.09
N ASN C 296 12.21 -19.37 7.18
CA ASN C 296 12.66 -19.20 5.80
C ASN C 296 11.89 -18.12 5.05
N ASN C 297 11.31 -17.19 5.79
CA ASN C 297 10.75 -16.00 5.17
C ASN C 297 11.88 -15.26 4.45
N VAL C 298 11.81 -15.21 3.12
CA VAL C 298 12.80 -14.45 2.36
C VAL C 298 12.11 -13.22 1.80
N MET C 299 12.52 -12.05 2.29
CA MET C 299 11.86 -10.81 1.92
C MET C 299 12.46 -10.28 0.63
N SER C 300 11.74 -9.39 -0.04
CA SER C 300 12.19 -8.81 -1.30
C SER C 300 11.46 -7.51 -1.58
N GLY C 301 11.73 -6.93 -2.74
CA GLY C 301 11.10 -5.69 -3.13
C GLY C 301 11.95 -4.51 -2.68
N GLY C 302 11.38 -3.31 -2.73
CA GLY C 302 12.11 -2.13 -2.34
C GLY C 302 11.55 -1.54 -1.05
N THR C 303 10.59 -2.23 -0.44
CA THR C 303 9.96 -1.72 0.77
C THR C 303 10.45 -2.49 1.98
N THR C 304 11.36 -3.43 1.76
CA THR C 304 12.04 -4.11 2.86
C THR C 304 13.48 -3.61 2.99
N MET C 305 13.67 -2.30 2.80
CA MET C 305 14.96 -1.67 2.93
C MET C 305 15.08 -0.88 4.24
N TYR C 306 13.98 -0.78 4.97
CA TYR C 306 14.01 -0.12 6.27
C TYR C 306 14.96 -0.81 7.23
N PRO C 307 15.71 -0.02 8.03
CA PRO C 307 16.65 -0.54 9.02
C PRO C 307 15.95 -1.07 10.28
N GLY C 308 14.64 -1.16 10.23
CA GLY C 308 13.85 -1.69 11.34
C GLY C 308 13.75 -3.20 11.33
N ILE C 309 13.03 -3.72 10.34
CA ILE C 309 12.93 -5.17 10.11
C ILE C 309 14.34 -5.79 10.03
N ALA C 310 14.49 -7.08 10.32
CA ALA C 310 13.39 -8.03 10.54
C ALA C 310 13.07 -8.35 12.00
N ASP C 311 13.76 -7.70 12.94
CA ASP C 311 13.68 -8.16 14.32
C ASP C 311 12.45 -7.49 14.93
N ARG C 312 11.95 -6.47 14.23
CA ARG C 312 10.60 -5.98 14.44
C ARG C 312 9.60 -7.06 14.04
N MET C 313 9.66 -7.45 12.78
CA MET C 313 8.87 -8.53 12.23
C MET C 313 8.97 -9.76 13.12
N GLN C 314 10.19 -10.03 13.56
CA GLN C 314 10.48 -11.19 14.40
C GLN C 314 9.72 -11.12 15.73
N LYS C 315 10.10 -10.15 16.56
CA LYS C 315 9.45 -9.99 17.86
C LYS C 315 7.93 -9.98 17.75
N GLU C 316 7.43 -9.39 16.66
CA GLU C 316 6.00 -9.30 16.47
C GLU C 316 5.36 -10.65 16.16
N ILE C 317 6.00 -11.42 15.30
CA ILE C 317 5.45 -12.71 14.90
C ILE C 317 5.50 -13.66 16.09
N THR C 318 6.64 -13.72 16.76
CA THR C 318 6.85 -14.64 17.87
C THR C 318 5.76 -14.47 18.95
N ALA C 319 5.18 -13.29 19.03
CA ALA C 319 4.09 -13.02 19.96
C ALA C 319 2.77 -13.61 19.45
N LEU C 320 2.60 -13.66 18.13
CA LEU C 320 1.38 -14.19 17.53
C LEU C 320 1.57 -15.65 17.16
N ALA C 321 2.80 -15.99 16.76
CA ALA C 321 3.12 -17.35 16.34
C ALA C 321 3.02 -18.32 17.50
N PRO C 322 2.89 -19.62 17.20
CA PRO C 322 2.98 -20.62 18.27
C PRO C 322 4.35 -20.64 18.93
N SER C 323 4.42 -21.18 20.14
CA SER C 323 5.67 -21.24 20.90
C SER C 323 6.59 -22.36 20.42
N THR C 324 7.83 -22.32 20.89
CA THR C 324 8.84 -23.36 20.63
C THR C 324 9.13 -23.55 19.15
N MET C 325 9.05 -22.48 18.37
CA MET C 325 9.35 -22.59 16.95
C MET C 325 10.43 -21.60 16.56
N LYS C 326 11.46 -22.11 15.88
CA LYS C 326 12.58 -21.28 15.48
C LYS C 326 12.29 -20.59 14.14
N ILE C 327 12.47 -19.28 14.13
CA ILE C 327 12.07 -18.45 13.00
C ILE C 327 13.23 -17.60 12.49
N LYS C 328 13.98 -18.13 11.52
CA LYS C 328 14.96 -17.28 10.86
C LYS C 328 14.17 -16.40 9.91
N ILE C 329 14.60 -15.17 9.75
CA ILE C 329 13.86 -14.23 8.92
C ILE C 329 14.83 -13.69 7.90
N ILE C 330 15.46 -14.61 7.18
CA ILE C 330 16.61 -14.28 6.35
C ILE C 330 16.17 -13.45 5.15
N ALA C 331 16.75 -12.28 5.04
CA ALA C 331 16.52 -11.41 3.90
C ALA C 331 17.86 -10.82 3.50
N PRO C 332 18.27 -11.06 2.25
CA PRO C 332 19.60 -10.67 1.77
C PRO C 332 19.84 -9.17 1.85
N PRO C 333 21.11 -8.75 1.68
CA PRO C 333 21.34 -7.39 1.18
C PRO C 333 21.05 -7.39 -0.32
N GLU C 334 21.19 -6.27 -1.02
CA GLU C 334 21.06 -6.24 -2.48
C GLU C 334 19.63 -6.56 -2.96
N ARG C 335 18.70 -6.71 -2.01
CA ARG C 335 17.33 -7.19 -2.29
C ARG C 335 16.60 -6.45 -3.40
N LYS C 336 16.98 -5.20 -3.66
CA LYS C 336 16.28 -4.39 -4.65
C LYS C 336 16.29 -5.03 -6.05
N TYR C 337 17.28 -5.88 -6.31
CA TYR C 337 17.38 -6.49 -7.62
C TYR C 337 17.08 -7.99 -7.54
N SER C 338 16.61 -8.43 -6.38
CA SER C 338 16.42 -9.85 -6.10
C SER C 338 15.61 -10.55 -7.19
N VAL C 339 14.41 -10.04 -7.42
CA VAL C 339 13.52 -10.56 -8.45
C VAL C 339 14.27 -10.74 -9.76
N TRP C 340 15.04 -9.73 -10.15
CA TRP C 340 15.70 -9.78 -11.43
C TRP C 340 16.77 -10.88 -11.46
N ILE C 341 17.54 -11.01 -10.38
CA ILE C 341 18.57 -12.05 -10.32
C ILE C 341 17.89 -13.41 -10.40
N GLY C 342 16.62 -13.44 -10.03
CA GLY C 342 15.80 -14.62 -10.24
C GLY C 342 15.63 -14.87 -11.73
N GLY C 343 15.01 -13.91 -12.40
CA GLY C 343 14.60 -14.07 -13.78
C GLY C 343 15.75 -14.49 -14.69
N SER C 344 16.91 -13.86 -14.50
CA SER C 344 18.09 -14.15 -15.28
C SER C 344 18.42 -15.63 -15.23
N ILE C 345 18.36 -16.18 -14.02
CA ILE C 345 18.69 -17.57 -13.80
C ILE C 345 17.71 -18.45 -14.58
N LEU C 346 16.45 -18.04 -14.63
CA LEU C 346 15.41 -18.91 -15.17
C LEU C 346 15.53 -19.11 -16.69
N ALA C 347 15.35 -18.05 -17.46
CA ALA C 347 15.32 -18.17 -18.93
C ALA C 347 16.66 -18.64 -19.50
N SER C 348 17.72 -18.54 -18.70
CA SER C 348 19.03 -19.02 -19.13
C SER C 348 19.11 -20.51 -18.85
N LEU C 349 18.40 -20.94 -17.81
CA LEU C 349 18.38 -22.35 -17.43
C LEU C 349 17.63 -23.22 -18.43
N SER C 350 18.18 -24.40 -18.66
CA SER C 350 17.38 -25.50 -19.18
C SER C 350 16.29 -25.78 -18.15
N THR C 351 15.12 -26.25 -18.58
CA THR C 351 14.85 -26.59 -19.97
C THR C 351 13.48 -26.06 -20.36
N PHE C 352 12.88 -25.29 -19.45
CA PHE C 352 11.50 -24.83 -19.58
C PHE C 352 11.28 -23.92 -20.80
N GLN C 353 12.30 -23.82 -21.65
CA GLN C 353 12.20 -23.11 -22.92
C GLN C 353 11.00 -23.63 -23.73
N GLN C 354 10.69 -24.92 -23.54
CA GLN C 354 9.61 -25.57 -24.29
C GLN C 354 8.26 -25.47 -23.56
N MET C 355 8.18 -24.58 -22.57
CA MET C 355 6.89 -24.24 -21.97
C MET C 355 6.48 -22.84 -22.41
N TRP C 356 7.17 -22.35 -23.45
CA TRP C 356 6.89 -21.06 -24.05
C TRP C 356 5.69 -21.07 -24.99
N ILE C 357 5.31 -19.87 -25.43
CA ILE C 357 4.32 -19.70 -26.48
C ILE C 357 4.98 -18.89 -27.59
N THR C 358 5.30 -19.56 -28.69
CA THR C 358 5.93 -18.89 -29.82
C THR C 358 4.86 -18.35 -30.77
N LYS C 359 5.27 -17.94 -31.97
CA LYS C 359 4.35 -17.27 -32.89
C LYS C 359 3.35 -18.23 -33.51
N GLN C 360 3.84 -19.39 -33.96
CA GLN C 360 2.99 -20.39 -34.61
C GLN C 360 1.82 -20.80 -33.70
N GLU C 361 2.06 -20.78 -32.40
CA GLU C 361 1.08 -21.20 -31.41
C GLU C 361 0.25 -20.03 -30.89
N TYR C 362 0.33 -18.89 -31.57
CA TYR C 362 -0.46 -17.73 -31.21
C TYR C 362 -1.39 -17.45 -32.37
N ASP C 363 -1.31 -18.33 -33.36
CA ASP C 363 -2.15 -18.27 -34.56
C ASP C 363 -3.39 -19.12 -34.30
N GLU C 364 -3.26 -20.10 -33.42
CA GLU C 364 -4.37 -20.96 -33.02
C GLU C 364 -5.30 -20.33 -31.97
N ALA C 365 -4.78 -20.11 -30.77
CA ALA C 365 -5.62 -19.69 -29.64
C ALA C 365 -5.61 -18.16 -29.43
N GLY C 366 -4.43 -17.56 -29.49
CA GLY C 366 -4.31 -16.12 -29.30
C GLY C 366 -4.43 -15.67 -27.86
N PRO C 367 -5.41 -14.78 -27.58
CA PRO C 367 -5.69 -14.16 -26.28
C PRO C 367 -5.81 -15.15 -25.11
N SER C 368 -6.15 -16.40 -25.39
CA SER C 368 -6.15 -17.43 -24.35
C SER C 368 -4.77 -18.06 -24.27
N ILE C 369 -4.70 -19.30 -23.80
CA ILE C 369 -3.47 -20.10 -23.75
C ILE C 369 -2.29 -19.48 -22.98
N VAL C 370 -2.33 -18.17 -22.74
CA VAL C 370 -1.25 -17.47 -22.03
C VAL C 370 -1.06 -17.98 -20.60
N HIS C 371 -2.09 -18.61 -20.05
CA HIS C 371 -2.03 -19.11 -18.68
C HIS C 371 -1.98 -20.64 -18.66
N THR D 5 13.92 42.98 -49.43
CA THR D 5 13.17 41.75 -49.23
C THR D 5 13.31 41.25 -47.79
N THR D 6 14.15 41.94 -47.02
CA THR D 6 14.47 41.55 -45.65
C THR D 6 13.24 41.62 -44.74
N ALA D 7 13.35 41.06 -43.54
CA ALA D 7 12.32 41.20 -42.51
C ALA D 7 12.83 42.10 -41.38
N LEU D 8 11.93 42.81 -40.71
CA LEU D 8 12.36 43.83 -39.76
C LEU D 8 11.89 43.56 -38.32
N VAL D 9 12.87 43.48 -37.42
CA VAL D 9 12.59 43.37 -35.98
C VAL D 9 12.64 44.76 -35.33
N CYS D 10 11.49 45.23 -34.89
CA CYS D 10 11.34 46.58 -34.35
C CYS D 10 10.79 46.56 -32.93
N ASP D 11 11.58 47.00 -31.96
CA ASP D 11 11.08 47.00 -30.59
C ASP D 11 10.73 48.40 -30.10
N ASN D 12 9.46 48.51 -29.72
CA ASN D 12 8.90 49.67 -29.04
C ASN D 12 9.06 49.57 -27.53
N GLY D 13 9.91 50.43 -26.97
CA GLY D 13 9.93 50.63 -25.54
C GLY D 13 9.52 52.06 -25.25
N SER D 14 9.50 52.46 -23.98
CA SER D 14 9.32 53.87 -23.65
C SER D 14 10.67 54.58 -23.82
N GLY D 15 11.48 54.02 -24.70
CA GLY D 15 12.85 54.46 -24.91
C GLY D 15 12.96 55.76 -25.69
N LEU D 16 13.89 55.88 -26.63
CA LEU D 16 14.81 54.86 -27.17
C LEU D 16 14.07 53.71 -27.86
N VAL D 17 13.36 54.02 -28.95
CA VAL D 17 12.80 52.99 -29.83
C VAL D 17 13.92 52.38 -30.66
N LYS D 18 13.92 51.05 -30.85
CA LYS D 18 15.02 50.47 -31.62
C LYS D 18 14.53 49.79 -32.91
N ALA D 19 15.23 50.06 -34.01
CA ALA D 19 14.88 49.45 -35.29
C ALA D 19 16.10 49.01 -36.10
N GLY D 20 16.03 47.81 -36.65
CA GLY D 20 17.10 47.26 -37.47
C GLY D 20 16.67 45.93 -38.06
N PHE D 21 17.13 45.61 -39.27
CA PHE D 21 16.63 44.44 -40.01
C PHE D 21 16.93 43.11 -39.32
N ALA D 22 16.36 42.03 -39.87
CA ALA D 22 16.47 40.69 -39.28
C ALA D 22 17.92 40.28 -39.10
N GLY D 23 18.57 40.85 -38.10
CA GLY D 23 19.98 40.61 -37.85
C GLY D 23 20.83 41.73 -38.43
N ASP D 24 22.12 41.71 -38.13
CA ASP D 24 22.71 40.64 -37.35
C ASP D 24 23.43 41.20 -36.12
N ASP D 25 23.41 42.52 -35.99
CA ASP D 25 24.22 43.21 -34.98
C ASP D 25 23.38 43.93 -33.91
N ALA D 26 22.83 45.08 -34.28
CA ALA D 26 22.12 45.96 -33.37
C ALA D 26 21.20 46.80 -34.25
N PRO D 27 20.22 47.50 -33.65
CA PRO D 27 19.33 48.36 -34.44
C PRO D 27 20.08 49.37 -35.34
N ARG D 28 19.66 49.46 -36.59
CA ARG D 28 20.24 50.42 -37.54
C ARG D 28 20.00 51.84 -37.03
N ALA D 29 18.85 52.03 -36.41
CA ALA D 29 18.41 53.35 -35.97
C ALA D 29 17.84 53.32 -34.54
N VAL D 30 18.35 54.23 -33.72
CA VAL D 30 17.91 54.41 -32.34
C VAL D 30 17.67 55.90 -32.05
N PHE D 31 16.54 56.21 -31.43
CA PHE D 31 16.20 57.60 -31.09
C PHE D 31 15.15 57.64 -29.95
N PRO D 32 15.08 58.77 -29.21
CA PRO D 32 14.34 58.89 -27.94
C PRO D 32 12.81 58.76 -27.98
N SER D 33 12.20 58.52 -29.13
CA SER D 33 10.77 58.17 -29.21
C SER D 33 9.82 59.25 -28.69
N ILE D 34 10.06 60.51 -29.03
CA ILE D 34 9.20 61.58 -28.57
C ILE D 34 8.64 62.42 -29.72
N VAL D 35 7.40 62.86 -29.58
CA VAL D 35 6.86 63.94 -30.41
C VAL D 35 6.64 65.16 -29.53
N GLY D 36 6.95 66.33 -30.08
CA GLY D 36 6.83 67.55 -29.33
C GLY D 36 6.34 68.69 -30.21
N ARG D 37 5.21 69.27 -29.82
CA ARG D 37 4.67 70.40 -30.54
C ARG D 37 5.29 71.70 -30.00
N PRO D 38 5.37 72.73 -30.86
CA PRO D 38 5.94 74.02 -30.46
C PRO D 38 4.97 74.87 -29.64
N ARG D 39 5.30 75.09 -28.37
CA ARG D 39 4.41 75.78 -27.44
C ARG D 39 4.25 77.27 -27.72
N HIS D 40 4.93 77.76 -28.76
CA HIS D 40 4.86 79.18 -29.10
C HIS D 40 4.41 79.39 -30.54
N GLN D 41 4.23 80.66 -30.89
CA GLN D 41 3.88 81.07 -32.25
C GLN D 41 5.13 81.32 -33.09
N GLY D 42 5.15 80.78 -34.30
CA GLY D 42 6.32 80.91 -35.15
C GLY D 42 6.13 81.94 -36.24
N VAL D 43 7.18 82.71 -36.52
CA VAL D 43 7.11 83.83 -37.45
C VAL D 43 8.40 84.04 -38.24
N MET D 44 8.85 83.05 -38.99
CA MET D 44 10.06 83.20 -39.79
C MET D 44 9.87 82.48 -41.15
N VAL D 45 8.69 82.68 -41.74
CA VAL D 45 8.46 82.48 -43.19
C VAL D 45 8.57 81.01 -43.63
N GLY D 46 7.90 80.68 -44.74
CA GLY D 46 8.07 79.38 -45.35
C GLY D 46 6.79 78.60 -45.70
N MET D 47 5.89 78.37 -44.74
CA MET D 47 5.99 78.78 -43.34
C MET D 47 7.12 78.05 -42.60
N GLY D 48 7.67 77.02 -43.25
CA GLY D 48 8.91 76.42 -42.81
C GLY D 48 8.80 75.43 -41.66
N GLN D 49 8.25 75.88 -40.55
CA GLN D 49 8.23 75.08 -39.34
C GLN D 49 7.30 73.89 -39.46
N LYS D 50 7.74 72.77 -38.91
CA LYS D 50 6.97 71.54 -38.93
C LYS D 50 5.86 71.62 -37.91
N ASP D 51 4.77 70.88 -38.15
CA ASP D 51 3.65 70.88 -37.23
C ASP D 51 4.06 70.25 -35.91
N SER D 52 4.94 69.25 -35.99
CA SER D 52 5.51 68.63 -34.80
C SER D 52 6.77 67.86 -35.16
N TYR D 53 7.80 68.03 -34.34
CA TYR D 53 9.04 67.31 -34.54
C TYR D 53 8.94 65.97 -33.83
N VAL D 54 9.27 64.89 -34.53
CA VAL D 54 9.46 63.61 -33.86
C VAL D 54 10.93 63.56 -33.47
N GLY D 55 11.35 62.56 -32.71
CA GLY D 55 12.77 62.33 -32.54
C GLY D 55 13.38 62.06 -33.91
N ASP D 56 14.67 62.30 -34.07
CA ASP D 56 15.56 62.69 -32.99
C ASP D 56 15.63 64.21 -32.86
N GLU D 57 15.25 64.92 -33.92
CA GLU D 57 15.32 66.38 -33.93
C GLU D 57 14.55 67.02 -32.77
N ALA D 58 13.53 66.31 -32.28
CA ALA D 58 12.74 66.78 -31.15
C ALA D 58 13.49 66.57 -29.85
N GLN D 59 14.70 66.06 -29.96
CA GLN D 59 15.59 65.91 -28.82
C GLN D 59 16.77 66.85 -29.03
N SER D 60 16.80 67.45 -30.21
CA SER D 60 17.83 68.44 -30.52
C SER D 60 17.29 69.85 -30.31
N LYS D 61 15.97 69.97 -30.35
CA LYS D 61 15.33 71.27 -30.26
C LYS D 61 14.34 71.36 -29.10
N ARG D 62 14.81 70.95 -27.91
CA ARG D 62 14.02 71.11 -26.69
C ARG D 62 13.84 72.60 -26.40
N GLY D 63 13.03 72.91 -25.40
CA GLY D 63 12.88 74.28 -24.93
C GLY D 63 11.92 75.09 -25.77
N ILE D 64 11.79 74.71 -27.04
CA ILE D 64 10.83 75.36 -27.93
C ILE D 64 9.66 74.38 -28.12
N LEU D 65 9.64 73.32 -27.33
CA LEU D 65 8.61 72.32 -27.47
C LEU D 65 7.93 71.94 -26.16
N THR D 66 6.87 71.14 -26.26
CA THR D 66 6.28 70.47 -25.12
C THR D 66 6.31 68.97 -25.39
N LEU D 67 7.33 68.29 -24.87
CA LEU D 67 7.50 66.87 -25.14
C LEU D 67 6.32 66.05 -24.63
N LYS D 68 5.79 65.20 -25.51
CA LYS D 68 4.67 64.34 -25.17
C LYS D 68 4.98 62.90 -25.57
N TYR D 69 5.23 62.06 -24.57
CA TYR D 69 5.52 60.66 -24.81
C TYR D 69 4.29 59.89 -25.29
N PRO D 70 4.43 59.22 -26.45
CA PRO D 70 3.32 58.49 -27.10
C PRO D 70 2.90 57.29 -26.28
N ILE D 71 3.80 56.79 -25.45
CA ILE D 71 3.49 55.70 -24.54
C ILE D 71 3.93 56.09 -23.14
N GLU D 72 3.34 55.45 -22.13
CA GLU D 72 3.50 55.88 -20.75
C GLU D 72 3.08 54.76 -19.81
N HIC D 73 4.05 54.16 -19.12
CA HIC D 73 3.79 53.03 -18.22
C HIC D 73 3.10 51.88 -18.93
O HIC D 73 2.05 51.41 -18.50
CB HIC D 73 2.96 53.48 -17.01
CG HIC D 73 3.63 54.55 -16.18
ND1 HIC D 73 4.62 54.26 -15.27
CD2 HIC D 73 3.44 55.88 -16.14
CE1 HIC D 73 5.01 55.38 -14.68
NE2 HIC D 73 4.32 56.38 -15.19
CZ HIC D 73 4.43 57.60 -14.86
N GLY D 74 3.69 51.44 -20.04
CA GLY D 74 3.22 50.23 -20.72
C GLY D 74 2.14 50.51 -21.75
N ILE D 75 0.93 50.85 -21.28
CA ILE D 75 -0.13 51.23 -22.18
C ILE D 75 0.23 52.55 -22.87
N ILE D 76 0.02 52.62 -24.18
CA ILE D 76 0.32 53.85 -24.89
C ILE D 76 -0.87 54.80 -24.69
N THR D 77 -0.66 56.10 -24.81
CA THR D 77 -1.72 57.05 -24.53
C THR D 77 -2.71 57.19 -25.69
N ASN D 78 -2.20 57.35 -26.90
CA ASN D 78 -3.04 57.46 -28.09
C ASN D 78 -2.26 57.11 -29.35
N TRP D 79 -2.90 56.39 -30.27
CA TRP D 79 -2.22 55.95 -31.48
C TRP D 79 -2.09 57.05 -32.53
N ASP D 80 -2.65 58.22 -32.23
CA ASP D 80 -2.55 59.35 -33.15
C ASP D 80 -1.09 59.77 -33.29
N ASP D 81 -0.37 59.76 -32.17
CA ASP D 81 1.03 60.12 -32.17
C ASP D 81 1.90 58.91 -32.53
N MET D 82 1.52 57.75 -32.01
CA MET D 82 2.25 56.51 -32.23
C MET D 82 2.35 56.18 -33.73
N GLU D 83 1.22 56.29 -34.43
CA GLU D 83 1.21 56.04 -35.87
C GLU D 83 2.15 57.00 -36.58
N LYS D 84 2.27 58.20 -36.06
CA LYS D 84 3.09 59.21 -36.70
C LYS D 84 4.56 58.85 -36.49
N ILE D 85 4.87 58.34 -35.30
CA ILE D 85 6.17 57.75 -35.02
C ILE D 85 6.46 56.74 -36.12
N TRP D 86 5.55 55.79 -36.28
CA TRP D 86 5.74 54.68 -37.22
C TRP D 86 5.97 55.14 -38.67
N HIS D 87 5.00 55.87 -39.21
CA HIS D 87 5.07 56.35 -40.59
C HIS D 87 6.37 57.10 -40.83
N HIS D 88 6.70 58.01 -39.91
CA HIS D 88 7.92 58.78 -40.02
C HIS D 88 9.12 57.83 -40.10
N THR D 89 9.15 56.85 -39.22
CA THR D 89 10.26 55.89 -39.14
C THR D 89 10.44 55.06 -40.40
N PHE D 90 9.40 54.37 -40.81
CA PHE D 90 9.47 53.51 -41.98
C PHE D 90 9.76 54.29 -43.26
N TYR D 91 9.07 55.40 -43.46
CA TYR D 91 9.19 56.11 -44.74
C TYR D 91 10.44 56.98 -44.86
N ASN D 92 10.71 57.86 -43.90
CA ASN D 92 11.77 58.84 -44.14
C ASN D 92 13.11 58.52 -43.46
N GLU D 93 13.23 57.31 -42.93
CA GLU D 93 14.47 56.89 -42.28
C GLU D 93 15.08 55.68 -42.97
N LEU D 94 14.56 54.49 -42.64
CA LEU D 94 15.13 53.24 -43.12
C LEU D 94 15.01 53.09 -44.63
N ARG D 95 14.15 53.92 -45.23
CA ARG D 95 13.92 53.90 -46.67
C ARG D 95 13.50 52.50 -47.09
N VAL D 96 12.55 51.96 -46.35
CA VAL D 96 12.03 50.63 -46.58
C VAL D 96 10.56 50.68 -46.98
N ALA D 97 10.21 49.91 -48.00
CA ALA D 97 8.83 49.79 -48.43
C ALA D 97 8.00 49.13 -47.33
N PRO D 98 6.68 49.38 -47.32
CA PRO D 98 5.79 48.75 -46.34
C PRO D 98 5.54 47.26 -46.62
N GLU D 99 5.59 46.87 -47.89
CA GLU D 99 5.31 45.49 -48.28
C GLU D 99 6.59 44.65 -48.35
N GLU D 100 7.69 45.29 -48.00
CA GLU D 100 9.00 44.64 -47.89
C GLU D 100 8.89 43.32 -47.12
N HIS D 101 8.35 43.37 -45.91
CA HIS D 101 8.35 42.20 -45.02
C HIS D 101 7.09 41.95 -44.19
N PRO D 102 7.04 40.76 -43.57
CA PRO D 102 6.29 40.44 -42.36
C PRO D 102 7.06 40.93 -41.14
N THR D 103 6.41 41.59 -40.19
CA THR D 103 7.14 42.26 -39.12
C THR D 103 7.01 41.55 -37.77
N LEU D 104 7.84 41.96 -36.82
CA LEU D 104 7.89 41.35 -35.50
C LEU D 104 7.91 42.42 -34.40
N LEU D 105 6.87 42.44 -33.57
CA LEU D 105 6.78 43.44 -32.51
C LEU D 105 6.83 42.86 -31.10
N THR D 106 7.20 43.71 -30.14
CA THR D 106 7.20 43.33 -28.74
C THR D 106 6.20 44.19 -27.97
N GLU D 107 5.81 43.72 -26.80
CA GLU D 107 4.92 44.47 -25.93
C GLU D 107 5.41 44.21 -24.50
N ALA D 108 4.66 44.70 -23.52
CA ALA D 108 4.91 44.30 -22.15
C ALA D 108 4.32 42.90 -21.99
N PRO D 109 4.65 42.20 -20.90
CA PRO D 109 4.07 40.86 -20.79
C PRO D 109 2.59 40.91 -20.43
N LEU D 110 2.20 41.89 -19.61
CA LEU D 110 0.83 41.99 -19.16
C LEU D 110 0.16 43.30 -19.53
N ASN D 111 0.43 43.81 -20.73
CA ASN D 111 -0.17 45.06 -21.14
C ASN D 111 -1.65 44.78 -21.41
N PRO D 112 -2.53 45.64 -20.90
CA PRO D 112 -3.98 45.52 -21.05
C PRO D 112 -4.43 45.32 -22.49
N LYS D 113 -4.93 44.13 -22.81
CA LYS D 113 -5.49 43.93 -24.14
C LYS D 113 -6.88 44.56 -24.14
N ALA D 114 -7.22 45.29 -25.21
CA ALA D 114 -6.48 45.27 -26.45
C ALA D 114 -5.61 46.50 -26.66
N ASN D 115 -4.44 46.52 -26.02
CA ASN D 115 -3.44 47.56 -26.30
C ASN D 115 -2.50 47.06 -27.38
N ARG D 116 -2.60 45.77 -27.70
CA ARG D 116 -1.81 45.19 -28.79
C ARG D 116 -2.61 45.25 -30.07
N GLU D 117 -3.93 45.12 -29.97
CA GLU D 117 -4.78 45.13 -31.14
C GLU D 117 -4.65 46.44 -31.90
N LYS D 118 -5.20 47.52 -31.35
CA LYS D 118 -5.25 48.81 -32.03
C LYS D 118 -3.96 49.11 -32.80
N MET D 119 -2.83 48.73 -32.21
CA MET D 119 -1.55 48.77 -32.90
C MET D 119 -1.58 47.87 -34.13
N THR D 120 -1.72 46.57 -33.87
CA THR D 120 -1.63 45.55 -34.91
C THR D 120 -2.52 45.92 -36.10
N GLN D 121 -3.73 46.38 -35.78
CA GLN D 121 -4.75 46.68 -36.78
C GLN D 121 -4.41 47.96 -37.53
N ILE D 122 -4.15 49.03 -36.80
CA ILE D 122 -3.85 50.31 -37.45
C ILE D 122 -2.64 50.18 -38.38
N MET D 123 -1.56 49.58 -37.88
CA MET D 123 -0.38 49.34 -38.70
C MET D 123 -0.70 48.36 -39.82
N PHE D 124 -1.72 47.53 -39.63
CA PHE D 124 -2.08 46.52 -40.62
C PHE D 124 -2.80 47.15 -41.81
N GLU D 125 -3.66 48.12 -41.52
CA GLU D 125 -4.46 48.76 -42.56
C GLU D 125 -3.69 49.91 -43.23
N THR D 126 -2.83 50.55 -42.46
CA THR D 126 -2.04 51.66 -42.99
C THR D 126 -0.81 51.18 -43.75
N PHE D 127 -0.03 50.32 -43.12
CA PHE D 127 1.29 49.95 -43.63
C PHE D 127 1.28 48.60 -44.33
N ASN D 128 0.21 47.84 -44.13
CA ASN D 128 -0.07 46.65 -44.94
C ASN D 128 1.06 45.61 -44.97
N VAL D 129 1.87 45.58 -43.91
CA VAL D 129 2.82 44.49 -43.71
C VAL D 129 2.03 43.18 -43.75
N PRO D 130 2.28 42.35 -44.78
CA PRO D 130 1.46 41.19 -45.13
C PRO D 130 1.34 40.11 -44.05
N ALA D 131 2.09 40.23 -42.96
CA ALA D 131 1.92 39.31 -41.83
C ALA D 131 2.15 40.02 -40.49
N MET D 132 2.41 39.23 -39.45
CA MET D 132 2.53 39.78 -38.10
C MET D 132 2.93 38.70 -37.10
N TYR D 133 3.57 39.12 -36.01
CA TYR D 133 3.84 38.24 -34.88
C TYR D 133 4.33 39.11 -33.72
N VAL D 134 3.82 38.86 -32.52
CA VAL D 134 4.25 39.66 -31.39
C VAL D 134 4.82 38.78 -30.27
N ALA D 135 6.12 38.93 -30.03
CA ALA D 135 6.78 38.19 -28.95
C ALA D 135 6.99 39.11 -27.77
N ILE D 136 6.83 38.58 -26.56
CA ILE D 136 6.92 39.40 -25.34
C ILE D 136 8.35 39.84 -25.03
N GLN D 137 8.49 41.04 -24.50
CA GLN D 137 9.79 41.70 -24.34
C GLN D 137 10.74 40.96 -23.40
N ALA D 138 10.17 40.26 -22.42
CA ALA D 138 10.99 39.54 -21.45
C ALA D 138 11.67 38.29 -22.01
N VAL D 139 10.88 37.44 -22.67
CA VAL D 139 11.38 36.17 -23.20
C VAL D 139 12.60 36.35 -24.12
N LEU D 140 12.56 37.41 -24.94
CA LEU D 140 13.63 37.68 -25.90
C LEU D 140 14.98 37.94 -25.22
N SER D 141 14.94 38.41 -23.98
CA SER D 141 16.16 38.78 -23.26
C SER D 141 17.03 37.56 -22.94
N LEU D 142 16.47 36.37 -23.11
CA LEU D 142 17.21 35.14 -22.91
C LEU D 142 18.02 34.80 -24.15
N TYR D 143 17.49 35.21 -25.31
CA TYR D 143 18.11 34.91 -26.60
C TYR D 143 19.40 35.69 -26.85
N ALA D 144 19.76 36.57 -25.93
CA ALA D 144 20.99 37.36 -26.09
C ALA D 144 22.21 36.46 -25.99
N SER D 145 22.51 36.04 -24.76
CA SER D 145 23.65 35.15 -24.52
C SER D 145 23.25 33.71 -24.83
N GLY D 146 22.02 33.53 -25.30
CA GLY D 146 21.53 32.24 -25.76
C GLY D 146 21.46 31.16 -24.71
N ARG D 147 20.94 31.50 -23.54
CA ARG D 147 20.66 30.51 -22.51
C ARG D 147 19.23 29.98 -22.68
N THR D 148 18.91 28.87 -22.01
CA THR D 148 17.58 28.29 -22.14
C THR D 148 16.76 28.43 -20.85
N THR D 149 17.43 28.68 -19.75
CA THR D 149 16.78 28.71 -18.44
C THR D 149 16.92 30.09 -17.81
N GLY D 150 16.14 30.35 -16.76
CA GLY D 150 16.39 31.53 -15.95
C GLY D 150 15.22 32.45 -15.67
N ILE D 151 15.36 33.23 -14.61
CA ILE D 151 14.45 34.31 -14.29
C ILE D 151 15.01 35.60 -14.87
N VAL D 152 14.23 36.25 -15.71
CA VAL D 152 14.66 37.47 -16.36
C VAL D 152 14.07 38.68 -15.66
N LEU D 153 14.96 39.57 -15.21
CA LEU D 153 14.57 40.84 -14.59
C LEU D 153 14.80 41.97 -15.58
N ASP D 154 13.77 42.33 -16.34
CA ASP D 154 13.94 43.35 -17.36
C ASP D 154 13.24 44.65 -16.96
N SER D 155 14.05 45.64 -16.60
CA SER D 155 13.52 46.92 -16.16
C SER D 155 14.04 48.04 -17.05
N GLY D 156 13.15 48.59 -17.84
CA GLY D 156 13.45 49.80 -18.58
C GLY D 156 12.32 50.77 -18.34
N ASP D 157 12.59 52.05 -18.54
CA ASP D 157 11.55 53.07 -18.51
C ASP D 157 10.49 52.66 -19.55
N GLY D 158 9.24 52.53 -19.13
CA GLY D 158 8.85 52.70 -17.73
C GLY D 158 8.10 51.55 -17.09
N VAL D 159 8.32 50.32 -17.57
CA VAL D 159 7.71 49.15 -16.96
C VAL D 159 8.69 48.00 -16.82
N THR D 160 8.90 47.52 -15.60
CA THR D 160 9.76 46.35 -15.39
C THR D 160 8.95 45.07 -15.35
N HIS D 161 9.61 43.94 -15.56
CA HIS D 161 8.97 42.64 -15.42
C HIS D 161 9.96 41.60 -14.91
N ASN D 162 9.39 40.57 -14.28
CA ASN D 162 10.15 39.48 -13.68
C ASN D 162 9.62 38.13 -14.16
N VAL D 163 10.16 37.59 -15.25
CA VAL D 163 9.60 36.35 -15.78
C VAL D 163 10.52 35.13 -15.62
N PRO D 164 10.05 34.14 -14.85
CA PRO D 164 10.81 32.89 -14.70
C PRO D 164 10.48 31.92 -15.83
N ILE D 165 11.51 31.43 -16.50
CA ILE D 165 11.33 30.46 -17.56
C ILE D 165 12.22 29.24 -17.31
N TYR D 166 11.65 28.05 -17.42
CA TYR D 166 12.45 26.84 -17.36
C TYR D 166 12.69 26.34 -18.77
N GLU D 167 13.45 25.25 -18.89
CA GLU D 167 13.78 24.69 -20.20
C GLU D 167 12.74 23.66 -20.66
N GLY D 168 11.96 24.01 -21.69
CA GLY D 168 12.02 25.31 -22.33
C GLY D 168 10.72 26.07 -22.19
N TYR D 169 9.73 25.41 -21.58
CA TYR D 169 8.43 26.04 -21.32
C TYR D 169 8.57 27.18 -20.30
N ALA D 170 7.55 28.03 -20.22
CA ALA D 170 7.65 29.22 -19.37
C ALA D 170 6.50 29.36 -18.38
N LEU D 171 6.83 29.51 -17.10
CA LEU D 171 5.82 29.69 -16.05
C LEU D 171 5.18 31.06 -16.22
N PRO D 172 3.87 31.09 -16.52
CA PRO D 172 3.17 32.36 -16.77
C PRO D 172 2.76 33.10 -15.50
N HIS D 173 2.38 32.36 -14.46
CA HIS D 173 1.70 32.94 -13.31
C HIS D 173 2.64 33.43 -12.21
N ALA D 174 3.93 33.15 -12.36
CA ALA D 174 4.89 33.49 -11.32
C ALA D 174 5.54 34.84 -11.57
N ILE D 175 4.89 35.69 -12.36
CA ILE D 175 5.48 36.99 -12.71
C ILE D 175 4.76 38.14 -12.02
N MET D 176 5.53 39.00 -11.35
CA MET D 176 4.97 40.19 -10.72
C MET D 176 5.52 41.43 -11.40
N ARG D 177 4.62 42.31 -11.84
CA ARG D 177 4.99 43.51 -12.57
C ARG D 177 4.79 44.77 -11.74
N LEU D 178 5.86 45.51 -11.52
CA LEU D 178 5.81 46.73 -10.74
C LEU D 178 5.89 47.93 -11.67
N ASP D 179 4.99 48.88 -11.50
CA ASP D 179 5.09 50.12 -12.27
C ASP D 179 6.06 51.05 -11.55
N LEU D 180 7.35 50.78 -11.74
CA LEU D 180 8.41 51.54 -11.07
C LEU D 180 9.26 52.34 -12.05
N ALA D 181 10.48 51.86 -12.32
CA ALA D 181 11.41 52.53 -13.21
C ALA D 181 10.77 52.74 -14.58
N GLY D 182 11.14 53.81 -15.29
CA GLY D 182 12.18 54.74 -14.88
C GLY D 182 11.77 56.19 -14.76
N ARG D 183 10.60 56.56 -15.31
CA ARG D 183 10.14 57.95 -15.22
C ARG D 183 9.90 58.34 -13.77
N ASP D 184 9.67 57.35 -12.93
CA ASP D 184 9.48 57.58 -11.50
C ASP D 184 10.82 57.87 -10.83
N LEU D 185 11.88 57.30 -11.39
CA LEU D 185 13.24 57.56 -10.90
C LEU D 185 13.71 58.94 -11.32
N THR D 186 13.42 59.30 -12.57
CA THR D 186 13.71 60.64 -13.08
C THR D 186 12.97 61.67 -12.24
N ASP D 187 11.65 61.48 -12.13
CA ASP D 187 10.81 62.40 -11.36
C ASP D 187 11.24 62.47 -9.91
N TYR D 188 11.67 61.33 -9.34
CA TYR D 188 12.15 61.35 -7.96
C TYR D 188 13.44 62.14 -7.82
N LEU D 189 14.36 61.94 -8.77
CA LEU D 189 15.63 62.68 -8.76
C LEU D 189 15.35 64.17 -8.84
N MET D 190 14.40 64.54 -9.68
CA MET D 190 13.98 65.93 -9.82
C MET D 190 13.30 66.43 -8.54
N LYS D 191 12.68 65.50 -7.81
CA LYS D 191 11.99 65.82 -6.57
C LYS D 191 12.95 66.04 -5.41
N ILE D 192 14.10 65.37 -5.47
CA ILE D 192 15.12 65.50 -4.44
C ILE D 192 16.28 66.40 -4.81
N LEU D 193 16.26 66.93 -6.03
CA LEU D 193 17.32 67.84 -6.45
C LEU D 193 16.99 69.24 -5.96
N THR D 194 15.71 69.47 -5.70
CA THR D 194 15.22 70.73 -5.13
C THR D 194 15.89 70.94 -3.78
N GLU D 195 16.33 69.85 -3.18
CA GLU D 195 16.98 69.84 -1.89
C GLU D 195 18.22 70.73 -1.93
N ARG D 196 18.81 70.88 -3.11
CA ARG D 196 19.92 71.81 -3.29
C ARG D 196 19.59 72.98 -4.21
N GLY D 197 18.31 73.33 -4.33
CA GLY D 197 17.93 74.62 -4.89
C GLY D 197 17.75 74.66 -6.40
N TYR D 198 18.08 73.57 -7.07
CA TYR D 198 17.99 73.53 -8.52
C TYR D 198 16.55 73.28 -8.96
N SER D 199 16.01 74.21 -9.76
CA SER D 199 14.62 74.11 -10.20
C SER D 199 14.52 73.56 -11.61
N PHE D 200 13.76 72.48 -11.74
CA PHE D 200 13.68 71.73 -12.99
C PHE D 200 12.22 71.51 -13.41
N VAL D 201 11.41 72.56 -13.27
CA VAL D 201 9.96 72.45 -13.46
C VAL D 201 9.51 72.00 -14.86
N THR D 202 10.16 72.49 -15.91
CA THR D 202 9.63 72.34 -17.26
C THR D 202 9.81 70.92 -17.81
N THR D 203 8.88 70.50 -18.65
CA THR D 203 8.87 69.15 -19.23
C THR D 203 10.13 68.88 -20.03
N ALA D 204 10.45 69.79 -20.94
CA ALA D 204 11.63 69.64 -21.78
C ALA D 204 12.89 69.46 -20.94
N GLU D 205 13.03 70.34 -19.94
CA GLU D 205 14.26 70.39 -19.14
C GLU D 205 14.47 69.05 -18.43
N ARG D 206 13.39 68.31 -18.22
CA ARG D 206 13.46 67.03 -17.53
C ARG D 206 14.45 66.10 -18.19
N GLU D 207 14.60 66.24 -19.51
CA GLU D 207 15.53 65.40 -20.25
C GLU D 207 16.94 65.51 -19.66
N ILE D 208 17.33 66.73 -19.33
CA ILE D 208 18.64 67.00 -18.76
C ILE D 208 18.83 66.22 -17.46
N VAL D 209 17.77 66.14 -16.65
CA VAL D 209 17.82 65.38 -15.40
C VAL D 209 18.23 63.94 -15.70
N ARG D 210 17.63 63.37 -16.74
CA ARG D 210 17.91 62.00 -17.13
C ARG D 210 19.41 61.82 -17.40
N ASP D 211 20.02 62.83 -18.00
CA ASP D 211 21.45 62.74 -18.30
C ASP D 211 22.29 62.79 -17.03
N ILE D 212 21.86 63.58 -16.05
CA ILE D 212 22.59 63.59 -14.78
C ILE D 212 22.37 62.27 -14.06
N LYS D 213 21.30 61.56 -14.45
CA LYS D 213 21.06 60.20 -13.96
C LYS D 213 22.07 59.25 -14.61
N GLU D 214 22.40 59.52 -15.87
CA GLU D 214 23.28 58.66 -16.66
C GLU D 214 24.67 58.52 -16.05
N LYS D 215 25.45 59.59 -16.12
CA LYS D 215 26.86 59.54 -15.78
C LYS D 215 27.04 59.51 -14.27
N LEU D 216 26.40 60.47 -13.61
CA LEU D 216 26.57 60.66 -12.18
C LEU D 216 25.65 59.76 -11.37
N CYS D 217 25.98 58.48 -11.29
CA CYS D 217 25.16 57.54 -10.55
C CYS D 217 25.92 56.29 -10.14
N TYR D 218 25.49 55.69 -9.03
CA TYR D 218 26.04 54.44 -8.53
C TYR D 218 25.21 53.96 -7.35
N VAL D 219 24.93 52.66 -7.33
CA VAL D 219 24.17 52.08 -6.22
C VAL D 219 25.15 51.63 -5.15
N ALA D 220 24.90 52.04 -3.91
CA ALA D 220 25.77 51.66 -2.80
C ALA D 220 25.72 50.15 -2.56
N LEU D 221 26.51 49.67 -1.60
CA LEU D 221 26.43 48.26 -1.23
C LEU D 221 25.75 48.09 0.12
N ASP D 222 26.05 48.98 1.05
CA ASP D 222 25.41 49.02 2.35
C ASP D 222 24.95 50.45 2.63
N PHE D 223 23.74 50.77 2.19
CA PHE D 223 23.23 52.14 2.26
C PHE D 223 23.38 52.73 3.66
N GLU D 224 22.75 52.10 4.65
CA GLU D 224 22.72 52.62 6.02
C GLU D 224 24.09 53.00 6.61
N ASN D 225 25.11 52.19 6.37
CA ASN D 225 26.42 52.49 6.92
C ASN D 225 27.16 53.50 6.05
N GLU D 226 26.83 53.49 4.77
CA GLU D 226 27.41 54.43 3.82
C GLU D 226 26.93 55.86 4.04
N MET D 227 25.69 56.00 4.52
CA MET D 227 25.09 57.32 4.68
C MET D 227 25.82 58.15 5.73
N ALA D 228 26.27 57.49 6.79
CA ALA D 228 27.03 58.16 7.83
C ALA D 228 28.30 58.79 7.28
N THR D 229 29.12 57.97 6.63
CA THR D 229 30.40 58.43 6.12
C THR D 229 30.22 59.36 4.92
N ALA D 230 29.04 59.32 4.30
CA ALA D 230 28.73 60.22 3.21
C ALA D 230 28.72 61.66 3.71
N ALA D 231 28.30 61.84 4.96
CA ALA D 231 28.24 63.16 5.57
C ALA D 231 29.63 63.74 5.80
N SER D 232 30.63 62.85 5.92
CA SER D 232 32.02 63.27 6.05
C SER D 232 32.43 64.16 4.88
N SER D 233 33.39 65.05 5.13
CA SER D 233 33.74 66.10 4.17
C SER D 233 34.27 65.52 2.85
N SER D 234 34.89 64.34 2.93
CA SER D 234 35.40 63.66 1.74
C SER D 234 34.35 63.61 0.65
N SER D 235 34.65 64.22 -0.48
CA SER D 235 33.64 64.43 -1.49
C SER D 235 33.31 63.09 -2.15
N LEU D 236 32.07 62.66 -1.96
CA LEU D 236 31.52 61.56 -2.74
C LEU D 236 30.62 62.20 -3.78
N GLU D 237 30.90 63.49 -3.99
CA GLU D 237 30.22 64.33 -4.94
C GLU D 237 31.07 64.61 -6.17
N LYS D 238 30.50 64.39 -7.36
CA LYS D 238 31.16 64.76 -8.60
C LYS D 238 30.39 65.88 -9.28
N SER D 239 31.09 66.87 -9.80
CA SER D 239 30.45 68.07 -10.33
C SER D 239 30.23 67.99 -11.83
N TYR D 240 28.98 67.96 -12.24
CA TYR D 240 28.60 67.90 -13.65
C TYR D 240 28.30 69.31 -14.15
N GLU D 241 28.50 69.54 -15.45
CA GLU D 241 28.20 70.86 -16.01
C GLU D 241 27.00 70.76 -16.94
N LEU D 242 26.14 71.76 -16.89
CA LEU D 242 24.82 71.69 -17.51
C LEU D 242 24.89 72.49 -18.82
N PRO D 243 24.17 72.02 -19.87
CA PRO D 243 24.26 72.55 -21.24
C PRO D 243 24.42 74.07 -21.36
N ASP D 244 23.78 74.86 -20.51
CA ASP D 244 24.03 76.30 -20.50
C ASP D 244 25.39 76.61 -19.86
N GLY D 245 25.46 77.68 -19.08
CA GLY D 245 26.68 77.96 -18.32
C GLY D 245 26.80 77.17 -17.04
N GLN D 246 25.67 76.98 -16.35
CA GLN D 246 25.65 76.54 -14.95
C GLN D 246 26.43 75.25 -14.68
N VAL D 247 27.14 75.24 -13.54
CA VAL D 247 27.82 74.04 -13.07
C VAL D 247 27.14 73.52 -11.81
N ILE D 248 26.63 72.30 -11.88
CA ILE D 248 25.89 71.73 -10.75
C ILE D 248 26.69 70.61 -10.07
N THR D 249 26.81 70.72 -8.76
CA THR D 249 27.57 69.75 -7.99
C THR D 249 26.66 68.91 -7.10
N ILE D 250 26.36 67.69 -7.51
CA ILE D 250 25.54 66.80 -6.68
C ILE D 250 26.36 65.66 -6.08
N GLY D 251 26.07 65.35 -4.82
CA GLY D 251 26.69 64.26 -4.11
C GLY D 251 25.61 63.54 -3.33
N ASN D 252 25.97 62.88 -2.25
CA ASN D 252 25.02 62.24 -1.33
C ASN D 252 23.87 61.57 -2.07
N GLU D 253 22.84 62.37 -2.36
CA GLU D 253 21.64 61.92 -3.04
C GLU D 253 21.96 61.21 -4.36
N ARG D 254 23.13 61.50 -4.92
CA ARG D 254 23.58 60.87 -6.15
C ARG D 254 23.51 59.35 -6.04
N PHE D 255 23.86 58.81 -4.88
CA PHE D 255 23.73 57.37 -4.69
C PHE D 255 22.42 57.02 -3.96
N ARG D 256 21.80 58.00 -3.32
CA ARG D 256 20.53 57.76 -2.63
C ARG D 256 19.39 57.51 -3.61
N CYS D 257 19.27 58.39 -4.61
CA CYS D 257 18.19 58.31 -5.60
C CYS D 257 18.01 56.93 -6.26
N PRO D 258 19.09 56.33 -6.82
CA PRO D 258 18.85 55.05 -7.48
C PRO D 258 18.45 53.96 -6.49
N GLU D 259 18.92 54.08 -5.26
CA GLU D 259 18.63 53.12 -4.21
C GLU D 259 17.13 52.87 -4.06
N THR D 260 16.34 53.89 -4.39
CA THR D 260 14.87 53.82 -4.44
C THR D 260 14.34 52.53 -5.08
N LEU D 261 15.09 51.98 -6.06
CA LEU D 261 14.71 50.73 -6.70
C LEU D 261 14.42 49.62 -5.68
N PHE D 262 15.26 49.51 -4.65
CA PHE D 262 14.92 48.74 -3.46
C PHE D 262 14.33 49.75 -2.49
N GLN D 263 13.55 49.31 -1.51
CA GLN D 263 13.08 50.26 -0.50
C GLN D 263 12.26 51.38 -1.16
N PRO D 264 11.19 51.03 -1.90
CA PRO D 264 10.52 52.12 -2.63
C PRO D 264 9.47 52.81 -1.78
N SER D 265 9.76 52.96 -0.50
CA SER D 265 8.91 53.75 0.39
C SER D 265 9.10 55.22 0.07
N PHE D 266 10.30 55.58 -0.36
CA PHE D 266 10.68 56.96 -0.66
C PHE D 266 9.70 57.64 -1.62
N ILE D 267 9.09 56.86 -2.51
CA ILE D 267 8.13 57.38 -3.47
C ILE D 267 6.76 57.47 -2.82
N GLY D 268 6.52 56.58 -1.85
CA GLY D 268 5.22 56.51 -1.20
C GLY D 268 4.40 55.38 -1.79
N MET D 269 5.09 54.39 -2.33
CA MET D 269 4.44 53.19 -2.83
C MET D 269 4.85 52.01 -1.96
N GLU D 270 3.88 51.19 -1.58
CA GLU D 270 4.09 50.16 -0.58
C GLU D 270 4.67 48.86 -1.16
N SER D 271 4.38 48.59 -2.43
CA SER D 271 4.88 47.38 -3.07
C SER D 271 6.38 47.31 -2.90
N ALA D 272 6.88 46.21 -2.35
CA ALA D 272 8.27 46.14 -1.92
C ALA D 272 9.24 46.13 -3.09
N GLY D 273 10.51 46.37 -2.79
CA GLY D 273 11.53 46.55 -3.81
C GLY D 273 11.77 45.36 -4.72
N ILE D 274 12.41 45.63 -5.85
CA ILE D 274 12.80 44.59 -6.81
C ILE D 274 13.58 43.46 -6.12
N HIS D 275 14.45 43.84 -5.20
CA HIS D 275 15.00 42.95 -4.19
C HIS D 275 14.04 41.84 -3.81
N GLU D 276 12.89 42.23 -3.27
CA GLU D 276 11.96 41.26 -2.70
C GLU D 276 11.07 40.66 -3.77
N THR D 277 10.79 41.40 -4.84
CA THR D 277 9.90 40.90 -5.88
C THR D 277 10.54 39.78 -6.68
N THR D 278 11.88 39.80 -6.80
CA THR D 278 12.59 38.72 -7.47
C THR D 278 12.37 37.39 -6.74
N TYR D 279 12.69 37.40 -5.45
CA TYR D 279 12.49 36.23 -4.60
C TYR D 279 11.02 35.81 -4.56
N ASN D 280 10.13 36.77 -4.33
CA ASN D 280 8.72 36.49 -4.17
C ASN D 280 8.10 35.97 -5.47
N SER D 281 8.72 36.27 -6.59
CA SER D 281 8.30 35.72 -7.86
C SER D 281 8.85 34.30 -8.02
N ILE D 282 10.08 34.12 -7.54
CA ILE D 282 10.76 32.82 -7.66
C ILE D 282 10.06 31.74 -6.83
N MET D 283 9.79 32.03 -5.55
CA MET D 283 9.09 31.05 -4.71
C MET D 283 7.59 31.04 -4.99
N LYS D 284 7.20 31.58 -6.14
CA LYS D 284 5.85 31.39 -6.65
C LYS D 284 5.93 30.36 -7.76
N CYS D 285 7.13 29.83 -7.96
CA CYS D 285 7.35 28.73 -8.88
C CYS D 285 7.26 27.42 -8.13
N ASP D 286 7.61 26.33 -8.80
CA ASP D 286 7.58 25.01 -8.17
C ASP D 286 8.84 24.74 -7.36
N ILE D 287 8.67 24.03 -6.25
CA ILE D 287 9.73 23.82 -5.27
C ILE D 287 11.00 23.21 -5.86
N ASP D 288 10.83 22.32 -6.84
CA ASP D 288 11.94 21.61 -7.45
C ASP D 288 12.79 22.50 -8.35
N ILE D 289 12.15 23.44 -9.04
CA ILE D 289 12.80 24.21 -10.09
C ILE D 289 13.74 25.31 -9.57
N ARG D 290 13.50 25.77 -8.35
CA ARG D 290 14.19 26.94 -7.81
C ARG D 290 15.70 26.83 -7.87
N LYS D 291 16.20 25.60 -7.72
CA LYS D 291 17.63 25.34 -7.70
C LYS D 291 18.32 25.98 -8.91
N ASP D 292 17.64 25.99 -10.06
CA ASP D 292 18.31 26.53 -11.23
C ASP D 292 17.66 27.86 -11.67
N LEU D 293 16.59 28.28 -11.01
CA LEU D 293 16.09 29.63 -11.27
C LEU D 293 17.05 30.62 -10.64
N TYR D 294 17.56 30.23 -9.47
CA TYR D 294 18.69 30.92 -8.88
C TYR D 294 19.90 30.74 -9.79
N ALA D 295 20.94 31.51 -9.55
CA ALA D 295 22.20 31.37 -10.28
C ALA D 295 22.04 31.56 -11.79
N ASN D 296 21.00 32.27 -12.19
CA ASN D 296 20.80 32.53 -13.61
C ASN D 296 19.97 33.77 -13.88
N ASN D 297 19.92 34.68 -12.91
CA ASN D 297 19.34 36.00 -13.17
C ASN D 297 20.14 36.68 -14.26
N VAL D 298 19.51 36.87 -15.42
CA VAL D 298 20.13 37.61 -16.51
C VAL D 298 19.41 38.94 -16.68
N MET D 299 20.11 40.04 -16.40
CA MET D 299 19.47 41.34 -16.40
C MET D 299 19.44 41.94 -17.80
N SER D 300 18.58 42.92 -17.99
CA SER D 300 18.44 43.59 -19.28
C SER D 300 17.81 44.96 -19.07
N GLY D 301 17.55 45.65 -20.17
CA GLY D 301 16.95 46.98 -20.10
C GLY D 301 18.05 48.02 -19.99
N GLY D 302 17.66 49.26 -19.68
CA GLY D 302 18.64 50.32 -19.54
C GLY D 302 18.78 50.79 -18.10
N THR D 303 18.08 50.14 -17.19
CA THR D 303 18.11 50.55 -15.79
C THR D 303 18.95 49.58 -14.98
N THR D 304 19.53 48.61 -15.67
CA THR D 304 20.53 47.75 -15.05
C THR D 304 21.90 48.16 -15.54
N MET D 305 22.10 49.48 -15.65
CA MET D 305 23.36 50.05 -16.09
C MET D 305 24.12 50.66 -14.91
N TYR D 306 23.47 50.72 -13.76
CA TYR D 306 24.10 51.23 -12.55
C TYR D 306 25.32 50.40 -12.15
N PRO D 307 26.39 51.07 -11.72
CA PRO D 307 27.61 50.36 -11.27
C PRO D 307 27.47 49.73 -9.88
N GLY D 308 26.26 49.76 -9.33
CA GLY D 308 26.00 49.14 -8.04
C GLY D 308 25.70 47.67 -8.19
N ILE D 309 24.54 47.36 -8.78
CA ILE D 309 24.18 45.99 -9.13
C ILE D 309 25.32 45.39 -9.97
N ALA D 310 25.46 44.07 -9.99
CA ALA D 310 24.51 43.13 -9.42
C ALA D 310 24.86 42.60 -8.03
N ASP D 311 25.94 43.06 -7.44
CA ASP D 311 26.44 42.39 -6.24
C ASP D 311 25.77 43.07 -5.04
N ARG D 312 25.14 44.22 -5.30
CA ARG D 312 24.16 44.79 -4.38
C ARG D 312 22.98 43.83 -4.28
N MET D 313 22.40 43.57 -5.45
CA MET D 313 21.34 42.58 -5.57
C MET D 313 21.74 41.29 -4.88
N GLN D 314 23.00 40.90 -5.04
CA GLN D 314 23.53 39.68 -4.44
C GLN D 314 23.44 39.72 -2.92
N LYS D 315 24.25 40.59 -2.30
CA LYS D 315 24.23 40.72 -0.84
C LYS D 315 22.82 40.90 -0.28
N GLU D 316 21.94 41.52 -1.05
CA GLU D 316 20.55 41.67 -0.61
C GLU D 316 19.81 40.34 -0.64
N ILE D 317 20.00 39.59 -1.72
CA ILE D 317 19.29 38.33 -1.93
C ILE D 317 19.76 37.26 -0.95
N THR D 318 21.07 37.08 -0.83
CA THR D 318 21.65 36.02 0.01
C THR D 318 21.14 36.12 1.45
N ALA D 319 20.78 37.33 1.86
CA ALA D 319 20.21 37.55 3.17
C ALA D 319 18.74 37.11 3.21
N LEU D 320 18.06 37.22 2.06
CA LEU D 320 16.66 36.84 1.97
C LEU D 320 16.52 35.42 1.43
N ALA D 321 17.43 35.04 0.54
CA ALA D 321 17.39 33.71 -0.05
C ALA D 321 17.68 32.67 1.02
N PRO D 322 17.26 31.42 0.78
CA PRO D 322 17.67 30.34 1.69
C PRO D 322 19.18 30.13 1.65
N SER D 323 19.73 29.50 2.68
CA SER D 323 21.16 29.28 2.77
C SER D 323 21.67 28.16 1.87
N THR D 324 22.99 28.10 1.71
CA THR D 324 23.68 27.04 0.97
C THR D 324 23.23 26.96 -0.48
N MET D 325 22.90 28.10 -1.07
CA MET D 325 22.50 28.12 -2.46
C MET D 325 23.38 29.07 -3.24
N LYS D 326 23.92 28.59 -4.35
CA LYS D 326 24.84 29.39 -5.15
C LYS D 326 24.05 30.24 -6.14
N ILE D 327 24.33 31.53 -6.12
CA ILE D 327 23.51 32.48 -6.86
C ILE D 327 24.35 33.35 -7.79
N LYS D 328 24.48 32.91 -9.04
CA LYS D 328 25.11 33.74 -10.07
C LYS D 328 24.12 34.82 -10.48
N ILE D 329 24.65 36.01 -10.75
CA ILE D 329 23.78 37.13 -11.09
C ILE D 329 24.27 37.63 -12.43
N ILE D 330 24.34 36.74 -13.40
CA ILE D 330 25.06 37.03 -14.64
C ILE D 330 24.33 38.08 -15.46
N ALA D 331 25.03 39.18 -15.74
CA ALA D 331 24.49 40.23 -16.58
C ALA D 331 25.58 40.72 -17.51
N PRO D 332 25.34 40.59 -18.83
CA PRO D 332 26.31 40.93 -19.88
C PRO D 332 26.71 42.41 -19.86
N PRO D 333 27.76 42.76 -20.61
CA PRO D 333 27.85 44.15 -21.09
C PRO D 333 26.88 44.28 -22.27
N GLU D 334 26.76 45.44 -22.90
CA GLU D 334 25.94 45.59 -24.12
C GLU D 334 24.43 45.40 -23.85
N ARG D 335 24.07 45.21 -22.57
CA ARG D 335 22.71 44.83 -22.18
C ARG D 335 21.61 45.71 -22.76
N LYS D 336 21.95 46.96 -23.07
CA LYS D 336 20.98 47.94 -23.56
C LYS D 336 20.30 47.45 -24.85
N TYR D 337 20.97 46.58 -25.58
CA TYR D 337 20.42 46.08 -26.83
C TYR D 337 20.02 44.62 -26.75
N SER D 338 20.03 44.06 -25.54
CA SER D 338 19.79 42.63 -25.32
C SER D 338 18.53 42.17 -26.03
N VAL D 339 17.41 42.82 -25.69
CA VAL D 339 16.12 42.51 -26.29
C VAL D 339 16.22 42.42 -27.81
N TRP D 340 16.86 43.41 -28.43
CA TRP D 340 16.91 43.44 -29.89
C TRP D 340 17.72 42.27 -30.43
N ILE D 341 18.85 41.96 -29.79
CA ILE D 341 19.69 40.86 -30.25
C ILE D 341 18.88 39.57 -30.17
N GLY D 342 17.84 39.58 -29.34
CA GLY D 342 16.87 38.50 -29.31
C GLY D 342 16.10 38.42 -30.61
N GLY D 343 15.37 39.49 -30.94
CA GLY D 343 14.45 39.47 -32.06
C GLY D 343 15.09 39.04 -33.36
N SER D 344 16.29 39.55 -33.61
CA SER D 344 17.04 39.22 -34.81
C SER D 344 17.22 37.72 -34.93
N ILE D 345 17.62 37.12 -33.81
CA ILE D 345 17.88 35.69 -33.76
C ILE D 345 16.58 34.98 -34.05
N LEU D 346 15.48 35.55 -33.59
CA LEU D 346 14.20 34.86 -33.65
C LEU D 346 13.68 34.75 -35.08
N ALA D 347 13.31 35.88 -35.69
CA ALA D 347 12.68 35.88 -37.01
C ALA D 347 13.59 35.36 -38.12
N SER D 348 14.89 35.30 -37.85
CA SER D 348 15.83 34.76 -38.82
C SER D 348 15.85 33.25 -38.71
N LEU D 349 15.62 32.76 -37.49
CA LEU D 349 15.59 31.32 -37.23
C LEU D 349 14.39 30.64 -37.86
N SER D 350 14.62 29.47 -38.42
CA SER D 350 13.55 28.51 -38.63
C SER D 350 13.01 28.15 -37.25
N THR D 351 11.73 27.80 -37.11
CA THR D 351 10.82 27.61 -38.24
C THR D 351 9.51 28.30 -37.90
N PHE D 352 9.50 29.02 -36.77
CA PHE D 352 8.27 29.61 -36.23
C PHE D 352 7.67 30.66 -37.18
N GLN D 353 8.23 30.77 -38.37
CA GLN D 353 7.68 31.60 -39.44
C GLN D 353 6.21 31.25 -39.66
N GLN D 354 5.88 29.97 -39.43
CA GLN D 354 4.53 29.45 -39.64
C GLN D 354 3.66 29.57 -38.39
N MET D 355 4.10 30.37 -37.42
CA MET D 355 3.25 30.76 -36.30
C MET D 355 2.88 32.23 -36.46
N TRP D 356 3.10 32.75 -37.66
CA TRP D 356 2.72 34.12 -37.98
C TRP D 356 1.23 34.24 -38.28
N ILE D 357 0.76 35.48 -38.39
CA ILE D 357 -0.59 35.74 -38.84
C ILE D 357 -0.51 36.66 -40.06
N THR D 358 -0.78 36.09 -41.23
CA THR D 358 -0.75 36.87 -42.46
C THR D 358 -2.12 37.50 -42.71
N LYS D 359 -2.32 38.08 -43.89
CA LYS D 359 -3.54 38.84 -44.15
C LYS D 359 -4.75 37.94 -44.39
N GLN D 360 -4.55 36.87 -45.16
CA GLN D 360 -5.64 35.94 -45.48
C GLN D 360 -6.30 35.43 -44.21
N GLU D 361 -5.50 35.33 -43.14
CA GLU D 361 -5.98 34.84 -41.85
C GLU D 361 -6.41 36.02 -40.97
N TYR D 362 -6.53 37.20 -41.55
CA TYR D 362 -6.98 38.37 -40.79
C TYR D 362 -8.30 38.90 -41.32
N ASP D 363 -8.84 38.26 -42.36
CA ASP D 363 -10.15 38.65 -42.88
C ASP D 363 -11.24 37.79 -42.23
N GLU D 364 -10.81 36.65 -41.70
CA GLU D 364 -11.70 35.72 -41.00
C GLU D 364 -12.04 36.19 -39.59
N ALA D 365 -11.03 36.23 -38.72
CA ALA D 365 -11.24 36.52 -37.31
C ALA D 365 -10.97 37.98 -37.02
N GLY D 366 -9.89 38.49 -37.60
CA GLY D 366 -9.50 39.88 -37.42
C GLY D 366 -8.88 40.17 -36.06
N PRO D 367 -9.49 41.09 -35.30
CA PRO D 367 -9.05 41.57 -33.98
C PRO D 367 -8.72 40.47 -32.97
N SER D 368 -9.29 39.29 -33.14
CA SER D 368 -8.95 38.16 -32.28
C SER D 368 -7.75 37.42 -32.85
N ILE D 369 -7.63 36.13 -32.51
CA ILE D 369 -6.59 35.23 -33.03
C ILE D 369 -5.14 35.69 -32.75
N VAL D 370 -4.97 36.97 -32.40
CA VAL D 370 -3.65 37.53 -32.14
C VAL D 370 -2.97 36.88 -30.94
N HIS D 371 -3.77 36.28 -30.06
CA HIS D 371 -3.24 35.64 -28.86
C HIS D 371 -3.38 34.12 -28.92
N THR E 5 22.94 -64.61 -4.43
CA THR E 5 22.38 -65.97 -4.49
C THR E 5 21.35 -66.17 -3.37
N THR E 6 21.22 -65.14 -2.52
CA THR E 6 20.36 -65.22 -1.34
C THR E 6 18.91 -65.40 -1.70
N ALA E 7 18.08 -65.74 -0.70
CA ALA E 7 16.62 -65.73 -0.86
C ALA E 7 16.05 -64.61 0.00
N LEU E 8 14.94 -64.02 -0.43
CA LEU E 8 14.43 -62.83 0.24
C LEU E 8 13.03 -63.01 0.82
N VAL E 9 12.89 -62.81 2.12
CA VAL E 9 11.58 -62.81 2.77
C VAL E 9 11.03 -61.39 2.85
N CYS E 10 9.96 -61.15 2.09
CA CYS E 10 9.39 -59.82 1.99
C CYS E 10 7.93 -59.85 2.39
N ASP E 11 7.59 -59.19 3.49
CA ASP E 11 6.19 -59.21 3.90
C ASP E 11 5.51 -57.87 3.62
N ASN E 12 4.46 -57.99 2.81
CA ASN E 12 3.51 -56.93 2.53
C ASN E 12 2.38 -56.98 3.55
N GLY E 13 2.36 -56.01 4.44
CA GLY E 13 1.21 -55.74 5.28
C GLY E 13 0.72 -54.36 4.89
N SER E 14 -0.31 -53.86 5.55
CA SER E 14 -0.69 -52.47 5.35
C SER E 14 0.22 -51.55 6.15
N GLY E 15 1.44 -52.02 6.39
CA GLY E 15 2.39 -51.33 7.23
C GLY E 15 3.02 -50.11 6.58
N LEU E 16 4.32 -49.85 6.74
CA LEU E 16 5.36 -50.69 7.38
C LEU E 16 5.54 -52.04 6.65
N VAL E 17 5.99 -51.95 5.40
CA VAL E 17 6.42 -53.11 4.62
C VAL E 17 7.79 -53.58 5.14
N LYS E 18 8.00 -54.88 5.27
CA LYS E 18 9.31 -55.29 5.77
C LYS E 18 10.10 -56.12 4.76
N ALA E 19 11.37 -55.78 4.60
CA ALA E 19 12.25 -56.53 3.69
C ALA E 19 13.64 -56.76 4.28
N GLY E 20 14.11 -57.99 4.15
CA GLY E 20 15.43 -58.38 4.63
C GLY E 20 15.70 -59.81 4.22
N PHE E 21 16.96 -60.14 3.93
CA PHE E 21 17.29 -61.45 3.36
C PHE E 21 16.99 -62.62 4.31
N ALA E 22 17.13 -63.84 3.80
CA ALA E 22 16.79 -65.06 4.55
C ALA E 22 17.51 -65.11 5.89
N GLY E 23 17.04 -64.29 6.84
CA GLY E 23 17.67 -64.17 8.13
C GLY E 23 18.58 -62.96 8.19
N ASP E 24 19.11 -62.66 9.37
CA ASP E 24 18.91 -63.49 10.55
C ASP E 24 18.30 -62.70 11.71
N ASP E 25 18.06 -61.41 11.49
CA ASP E 25 17.68 -60.51 12.58
C ASP E 25 16.28 -59.92 12.46
N ALA E 26 16.14 -58.93 11.60
CA ALA E 26 14.94 -58.13 11.44
C ALA E 26 15.04 -57.57 10.03
N PRO E 27 13.93 -57.04 9.49
CA PRO E 27 14.01 -56.46 8.13
C PRO E 27 15.12 -55.41 7.98
N ARG E 28 15.90 -55.54 6.90
CA ARG E 28 16.95 -54.57 6.61
C ARG E 28 16.31 -53.21 6.38
N ALA E 29 15.12 -53.22 5.77
CA ALA E 29 14.43 -52.00 5.35
C ALA E 29 12.94 -52.04 5.70
N VAL E 30 12.48 -50.95 6.32
CA VAL E 30 11.09 -50.76 6.71
C VAL E 30 10.61 -49.36 6.31
N PHE E 31 9.42 -49.26 5.73
CA PHE E 31 8.84 -47.98 5.32
C PHE E 31 7.31 -48.07 5.21
N PRO E 32 6.61 -46.93 5.35
CA PRO E 32 5.14 -46.86 5.48
C PRO E 32 4.28 -47.29 4.29
N SER E 33 4.88 -47.70 3.18
CA SER E 33 4.15 -48.31 2.06
C SER E 33 3.09 -47.40 1.43
N ILE E 34 3.43 -46.15 1.18
CA ILE E 34 2.47 -45.22 0.61
C ILE E 34 2.96 -44.61 -0.69
N VAL E 35 2.04 -44.41 -1.64
CA VAL E 35 2.29 -43.55 -2.78
C VAL E 35 1.39 -42.33 -2.67
N GLY E 36 1.94 -41.17 -3.01
CA GLY E 36 1.19 -39.93 -2.92
C GLY E 36 1.56 -39.01 -4.05
N ARG E 37 0.56 -38.67 -4.87
CA ARG E 37 0.78 -37.73 -5.93
C ARG E 37 0.59 -36.33 -5.37
N PRO E 38 1.24 -35.34 -6.00
CA PRO E 38 1.17 -33.95 -5.56
C PRO E 38 -0.13 -33.28 -6.00
N ARG E 39 -0.96 -32.90 -5.03
CA ARG E 39 -2.28 -32.37 -5.32
C ARG E 39 -2.23 -30.99 -5.98
N HIS E 40 -1.02 -30.47 -6.18
CA HIS E 40 -0.85 -29.17 -6.82
C HIS E 40 0.08 -29.25 -8.02
N GLN E 41 0.17 -28.14 -8.74
CA GLN E 41 1.07 -27.98 -9.86
C GLN E 41 2.41 -27.40 -9.43
N GLY E 42 3.49 -28.01 -9.91
CA GLY E 42 4.83 -27.60 -9.52
C GLY E 42 5.52 -26.77 -10.57
N VAL E 43 6.29 -25.77 -10.14
CA VAL E 43 6.88 -24.83 -11.07
C VAL E 43 8.28 -24.36 -10.69
N MET E 44 9.22 -25.28 -10.52
CA MET E 44 10.60 -24.85 -10.28
C MET E 44 11.55 -25.86 -10.99
N VAL E 45 11.16 -26.22 -12.21
CA VAL E 45 12.07 -26.79 -13.22
C VAL E 45 12.68 -28.16 -12.82
N GLY E 46 13.28 -28.85 -13.79
CA GLY E 46 14.05 -30.05 -13.51
C GLY E 46 13.77 -31.31 -14.34
N MET E 47 12.52 -31.78 -14.43
CA MET E 47 11.34 -31.20 -13.78
C MET E 47 11.44 -31.34 -12.26
N GLY E 48 12.38 -32.16 -11.81
CA GLY E 48 12.74 -32.20 -10.41
C GLY E 48 11.70 -32.99 -9.65
N GLN E 49 10.47 -32.52 -9.74
CA GLN E 49 9.38 -33.08 -8.98
C GLN E 49 9.02 -34.43 -9.56
N LYS E 50 8.78 -35.41 -8.69
CA LYS E 50 8.42 -36.75 -9.14
C LYS E 50 6.93 -36.85 -9.46
N ASP E 51 6.59 -37.78 -10.33
CA ASP E 51 5.20 -38.01 -10.71
C ASP E 51 4.46 -38.55 -9.48
N SER E 52 5.18 -39.31 -8.67
CA SER E 52 4.65 -39.79 -7.41
C SER E 52 5.76 -40.23 -6.47
N TYR E 53 5.67 -39.82 -5.21
CA TYR E 53 6.64 -40.26 -4.22
C TYR E 53 6.15 -41.57 -3.61
N VAL E 54 7.02 -42.57 -3.57
CA VAL E 54 6.77 -43.77 -2.79
C VAL E 54 7.34 -43.48 -1.40
N GLY E 55 7.14 -44.36 -0.44
CA GLY E 55 7.88 -44.26 0.81
C GLY E 55 9.36 -44.36 0.50
N ASP E 56 10.22 -43.82 1.37
CA ASP E 56 9.82 -43.24 2.64
C ASP E 56 9.53 -41.75 2.48
N GLU E 57 10.05 -41.17 1.40
CA GLU E 57 9.93 -39.74 1.13
C GLU E 57 8.46 -39.26 1.11
N ALA E 58 7.54 -40.16 0.78
CA ALA E 58 6.13 -39.83 0.76
C ALA E 58 5.58 -39.76 2.18
N GLN E 59 6.45 -39.99 3.15
CA GLN E 59 6.09 -39.85 4.55
C GLN E 59 6.89 -38.71 5.16
N SER E 60 7.84 -38.19 4.41
CA SER E 60 8.63 -37.04 4.84
C SER E 60 8.08 -35.75 4.25
N LYS E 61 7.35 -35.88 3.14
CA LYS E 61 6.85 -34.71 2.43
C LYS E 61 5.32 -34.74 2.31
N ARG E 62 4.66 -34.96 3.44
CA ARG E 62 3.21 -34.89 3.51
C ARG E 62 2.66 -33.50 3.23
N GLY E 63 1.34 -33.39 3.15
CA GLY E 63 0.65 -32.12 3.05
C GLY E 63 0.64 -31.56 1.64
N ILE E 64 1.66 -31.90 0.86
CA ILE E 64 1.71 -31.47 -0.52
C ILE E 64 1.39 -32.67 -1.40
N LEU E 65 0.91 -33.73 -0.76
CA LEU E 65 0.59 -34.97 -1.47
C LEU E 65 -0.80 -35.46 -1.07
N THR E 66 -1.28 -36.48 -1.77
CA THR E 66 -2.49 -37.20 -1.36
C THR E 66 -2.16 -38.66 -1.15
N LEU E 67 -1.90 -39.04 0.10
CA LEU E 67 -1.52 -40.42 0.39
C LEU E 67 -2.63 -41.38 -0.03
N LYS E 68 -2.26 -42.40 -0.78
CA LYS E 68 -3.22 -43.42 -1.23
C LYS E 68 -2.65 -44.78 -0.92
N TYR E 69 -3.22 -45.45 0.08
CA TYR E 69 -2.74 -46.77 0.43
C TYR E 69 -3.09 -47.77 -0.67
N PRO E 70 -2.07 -48.44 -1.23
CA PRO E 70 -2.18 -49.37 -2.35
C PRO E 70 -2.92 -50.63 -1.94
N ILE E 71 -2.94 -50.89 -0.64
CA ILE E 71 -3.71 -52.01 -0.11
C ILE E 71 -4.61 -51.46 0.97
N GLU E 72 -5.70 -52.17 1.24
CA GLU E 72 -6.77 -51.63 2.08
C GLU E 72 -7.69 -52.73 2.57
N HIC E 73 -7.61 -53.02 3.87
CA HIC E 73 -8.41 -54.09 4.48
C HIC E 73 -8.15 -55.41 3.75
O HIC E 73 -9.08 -56.09 3.32
CB HIC E 73 -9.90 -53.75 4.44
CG HIC E 73 -10.25 -52.47 5.13
ND1 HIC E 73 -10.35 -52.37 6.50
CD2 HIC E 73 -10.50 -51.23 4.65
CE1 HIC E 73 -10.67 -51.13 6.84
NE2 HIC E 73 -10.77 -50.42 5.73
CZ HIC E 73 -11.05 -49.18 5.66
N GLY E 74 -6.87 -55.76 3.62
CA GLY E 74 -6.48 -57.06 3.09
C GLY E 74 -6.37 -57.08 1.58
N ILE E 75 -7.50 -57.02 0.88
CA ILE E 75 -7.48 -56.93 -0.57
C ILE E 75 -6.87 -55.59 -0.98
N ILE E 76 -5.99 -55.62 -1.97
CA ILE E 76 -5.36 -54.38 -2.42
C ILE E 76 -6.31 -53.68 -3.39
N THR E 77 -6.16 -52.36 -3.54
CA THR E 77 -7.06 -51.59 -4.38
C THR E 77 -6.69 -51.71 -5.87
N ASN E 78 -5.41 -51.58 -6.20
CA ASN E 78 -4.95 -51.70 -7.57
C ASN E 78 -3.45 -52.01 -7.66
N TRP E 79 -3.08 -52.88 -8.60
CA TRP E 79 -1.68 -53.27 -8.73
C TRP E 79 -0.85 -52.23 -9.49
N ASP E 80 -1.49 -51.17 -9.96
CA ASP E 80 -0.77 -50.11 -10.65
C ASP E 80 0.18 -49.43 -9.67
N ASP E 81 -0.29 -49.25 -8.44
CA ASP E 81 0.52 -48.63 -7.40
C ASP E 81 1.42 -49.67 -6.72
N MET E 82 0.83 -50.85 -6.49
CA MET E 82 1.50 -51.95 -5.83
C MET E 82 2.78 -52.37 -6.56
N GLU E 83 2.65 -52.55 -7.87
CA GLU E 83 3.79 -52.94 -8.69
C GLU E 83 4.88 -51.89 -8.58
N LYS E 84 4.49 -50.63 -8.45
CA LYS E 84 5.47 -49.56 -8.39
C LYS E 84 6.20 -49.60 -7.06
N ILE E 85 5.46 -49.93 -6.00
CA ILE E 85 6.08 -50.23 -4.70
C ILE E 85 7.18 -51.25 -4.95
N TRP E 86 6.80 -52.36 -5.59
CA TRP E 86 7.72 -53.47 -5.81
C TRP E 86 8.97 -53.08 -6.60
N HIS E 87 8.77 -52.59 -7.82
CA HIS E 87 9.85 -52.19 -8.73
C HIS E 87 10.81 -51.24 -8.04
N HIS E 88 10.24 -50.22 -7.39
CA HIS E 88 11.03 -49.24 -6.66
C HIS E 88 11.89 -49.96 -5.61
N THR E 89 11.26 -50.87 -4.86
CA THR E 89 11.95 -51.60 -3.79
C THR E 89 13.11 -52.48 -4.26
N PHE E 90 12.83 -53.38 -5.19
CA PHE E 90 13.86 -54.29 -5.68
C PHE E 90 14.99 -53.55 -6.37
N TYR E 91 14.66 -52.58 -7.22
CA TYR E 91 15.73 -51.93 -7.98
C TYR E 91 16.53 -50.90 -7.20
N ASN E 92 15.87 -49.92 -6.56
CA ASN E 92 16.64 -48.81 -6.00
C ASN E 92 16.85 -48.84 -4.48
N GLU E 93 16.50 -49.94 -3.83
CA GLU E 93 16.69 -50.02 -2.37
C GLU E 93 17.65 -51.13 -1.97
N LEU E 94 17.14 -52.35 -1.91
CA LEU E 94 17.91 -53.47 -1.39
C LEU E 94 19.12 -53.78 -2.26
N ARG E 95 19.12 -53.23 -3.47
CA ARG E 95 20.21 -53.42 -4.43
C ARG E 95 20.40 -54.91 -4.68
N VAL E 96 19.28 -55.57 -4.93
CA VAL E 96 19.25 -56.99 -5.20
C VAL E 96 18.71 -57.23 -6.61
N ALA E 97 19.37 -58.12 -7.34
CA ALA E 97 18.91 -58.49 -8.68
C ALA E 97 17.57 -59.22 -8.59
N PRO E 98 16.78 -59.18 -9.69
CA PRO E 98 15.51 -59.90 -9.74
C PRO E 98 15.69 -61.42 -9.86
N GLU E 99 16.80 -61.86 -10.44
CA GLU E 99 17.04 -63.30 -10.62
C GLU E 99 17.84 -63.89 -9.45
N GLU E 100 18.17 -63.02 -8.49
CA GLU E 100 18.83 -63.42 -7.26
C GLU E 100 18.17 -64.64 -6.61
N HIS E 101 16.86 -64.60 -6.38
CA HIS E 101 16.24 -65.64 -5.56
C HIS E 101 14.90 -66.18 -6.02
N PRO E 102 14.50 -67.30 -5.40
CA PRO E 102 13.11 -67.73 -5.17
C PRO E 102 12.61 -67.00 -3.94
N THR E 103 11.42 -66.42 -3.98
CA THR E 103 11.00 -65.54 -2.88
C THR E 103 9.94 -66.18 -1.99
N LEU E 104 9.64 -65.52 -0.87
CA LEU E 104 8.66 -66.00 0.09
C LEU E 104 7.71 -64.84 0.40
N LEU E 105 6.43 -65.04 0.10
CA LEU E 105 5.45 -63.99 0.30
C LEU E 105 4.41 -64.37 1.35
N THR E 106 3.79 -63.35 1.93
CA THR E 106 2.70 -63.54 2.89
C THR E 106 1.40 -62.94 2.38
N GLU E 107 0.28 -63.41 2.92
CA GLU E 107 -1.02 -62.84 2.61
C GLU E 107 -1.88 -62.85 3.87
N ALA E 108 -3.13 -62.47 3.74
CA ALA E 108 -4.10 -62.65 4.81
C ALA E 108 -4.53 -64.12 4.82
N PRO E 109 -5.22 -64.56 5.89
CA PRO E 109 -5.60 -65.97 5.87
C PRO E 109 -6.76 -66.26 4.91
N LEU E 110 -7.72 -65.35 4.82
CA LEU E 110 -8.89 -65.56 3.97
C LEU E 110 -9.08 -64.45 2.96
N ASN E 111 -8.00 -63.94 2.40
CA ASN E 111 -8.14 -62.86 1.42
C ASN E 111 -8.75 -63.42 0.15
N PRO E 112 -9.75 -62.72 -0.40
CA PRO E 112 -10.41 -63.14 -1.63
C PRO E 112 -9.42 -63.40 -2.77
N LYS E 113 -9.25 -64.66 -3.14
CA LYS E 113 -8.44 -64.98 -4.31
C LYS E 113 -9.34 -64.70 -5.51
N ALA E 114 -8.78 -64.14 -6.57
CA ALA E 114 -7.34 -64.16 -6.80
C ALA E 114 -6.68 -62.83 -6.48
N ASN E 115 -6.46 -62.59 -5.19
CA ASN E 115 -5.65 -61.47 -4.72
C ASN E 115 -4.21 -61.92 -4.54
N ARG E 116 -4.00 -63.24 -4.60
CA ARG E 116 -2.65 -63.77 -4.53
C ARG E 116 -2.12 -63.96 -5.94
N GLU E 117 -3.02 -64.30 -6.87
CA GLU E 117 -2.60 -64.52 -8.24
C GLU E 117 -1.99 -63.26 -8.82
N LYS E 118 -2.81 -62.25 -9.13
CA LYS E 118 -2.35 -61.03 -9.80
C LYS E 118 -1.00 -60.55 -9.31
N MET E 119 -0.79 -60.67 -8.00
CA MET E 119 0.51 -60.43 -7.40
C MET E 119 1.52 -61.40 -7.97
N THR E 120 1.32 -62.69 -7.70
CA THR E 120 2.27 -63.73 -8.07
C THR E 120 2.64 -63.64 -9.55
N GLN E 121 1.64 -63.37 -10.38
CA GLN E 121 1.79 -63.35 -11.84
C GLN E 121 2.52 -62.11 -12.32
N ILE E 122 2.04 -60.93 -11.93
CA ILE E 122 2.68 -59.69 -12.37
C ILE E 122 4.14 -59.69 -11.91
N MET E 123 4.35 -60.06 -10.65
CA MET E 123 5.68 -60.19 -10.08
C MET E 123 6.49 -61.27 -10.81
N PHE E 124 5.78 -62.23 -11.38
CA PHE E 124 6.43 -63.36 -12.06
C PHE E 124 6.95 -62.98 -13.45
N GLU E 125 6.16 -62.19 -14.17
CA GLU E 125 6.51 -61.84 -15.55
C GLU E 125 7.42 -60.62 -15.57
N THR E 126 7.26 -59.75 -14.58
CA THR E 126 8.08 -58.55 -14.50
C THR E 126 9.43 -58.84 -13.86
N PHE E 127 9.42 -59.48 -12.70
CA PHE E 127 10.62 -59.59 -11.87
C PHE E 127 11.29 -60.96 -12.01
N ASN E 128 10.56 -61.92 -12.58
CA ASN E 128 11.16 -63.19 -13.00
C ASN E 128 11.89 -63.94 -11.89
N VAL E 129 11.49 -63.71 -10.64
CA VAL E 129 11.93 -64.54 -9.53
C VAL E 129 11.55 -65.98 -9.90
N PRO E 130 12.58 -66.83 -10.13
CA PRO E 130 12.41 -68.15 -10.74
C PRO E 130 11.50 -69.12 -9.98
N ALA E 131 11.09 -68.77 -8.76
CA ALA E 131 10.11 -69.59 -8.04
C ALA E 131 9.18 -68.74 -7.20
N MET E 132 8.50 -69.37 -6.24
CA MET E 132 7.51 -68.67 -5.42
C MET E 132 6.95 -69.61 -4.34
N TYR E 133 6.49 -69.01 -3.25
CA TYR E 133 5.74 -69.72 -2.21
C TYR E 133 5.13 -68.69 -1.28
N VAL E 134 3.87 -68.89 -0.90
CA VAL E 134 3.21 -67.95 -0.03
C VAL E 134 2.71 -68.62 1.23
N ALA E 135 3.27 -68.23 2.37
CA ALA E 135 2.84 -68.77 3.64
C ALA E 135 1.93 -67.76 4.32
N ILE E 136 0.88 -68.24 4.99
CA ILE E 136 -0.09 -67.33 5.58
C ILE E 136 0.50 -66.61 6.79
N GLN E 137 0.14 -65.34 6.95
CA GLN E 137 0.79 -64.44 7.90
C GLN E 137 0.64 -64.88 9.36
N ALA E 138 -0.43 -65.59 9.68
CA ALA E 138 -0.67 -66.05 11.04
C ALA E 138 0.31 -67.15 11.42
N VAL E 139 0.45 -68.15 10.56
CA VAL E 139 1.31 -69.30 10.81
C VAL E 139 2.74 -68.88 11.14
N LEU E 140 3.25 -67.88 10.43
CA LEU E 140 4.61 -67.43 10.62
C LEU E 140 4.86 -66.84 12.02
N SER E 141 3.81 -66.30 12.62
CA SER E 141 3.92 -65.63 13.91
C SER E 141 4.23 -66.59 15.06
N LEU E 142 4.11 -67.89 14.79
CA LEU E 142 4.40 -68.91 15.78
C LEU E 142 5.89 -69.18 15.82
N TYR E 143 6.54 -69.01 14.67
CA TYR E 143 7.97 -69.29 14.53
C TYR E 143 8.84 -68.27 15.27
N ALA E 144 8.19 -67.27 15.87
CA ALA E 144 8.88 -66.26 16.64
C ALA E 144 9.46 -66.91 17.90
N SER E 145 8.57 -67.25 18.83
CA SER E 145 8.97 -67.92 20.06
C SER E 145 9.20 -69.41 19.81
N GLY E 146 9.02 -69.83 18.56
CA GLY E 146 9.33 -71.18 18.14
C GLY E 146 8.48 -72.20 18.88
N ARG E 147 7.19 -71.88 19.03
CA ARG E 147 6.25 -72.83 19.59
C ARG E 147 5.58 -73.65 18.49
N THR E 148 4.94 -74.75 18.88
CA THR E 148 4.26 -75.59 17.92
C THR E 148 2.75 -75.54 18.11
N THR E 149 2.33 -75.06 19.27
CA THR E 149 0.92 -75.06 19.64
C THR E 149 0.44 -73.64 19.83
N GLY E 150 -0.87 -73.45 19.87
CA GLY E 150 -1.42 -72.17 20.29
C GLY E 150 -2.41 -71.54 19.33
N ILE E 151 -3.22 -70.64 19.88
CA ILE E 151 -4.09 -69.79 19.09
C ILE E 151 -3.36 -68.48 18.84
N VAL E 152 -3.20 -68.11 17.57
CA VAL E 152 -2.48 -66.91 17.23
C VAL E 152 -3.44 -65.78 16.96
N LEU E 153 -3.27 -64.71 17.74
CA LEU E 153 -4.06 -63.50 17.62
C LEU E 153 -3.22 -62.41 16.96
N ASP E 154 -3.28 -62.33 15.63
CA ASP E 154 -2.43 -61.37 14.91
C ASP E 154 -3.21 -60.22 14.31
N SER E 155 -3.06 -59.04 14.91
CA SER E 155 -3.78 -57.85 14.47
C SER E 155 -2.81 -56.73 14.13
N GLY E 156 -2.73 -56.43 12.84
CA GLY E 156 -2.01 -55.27 12.37
C GLY E 156 -2.94 -54.53 11.45
N ASP E 157 -2.67 -53.26 11.21
CA ASP E 157 -3.42 -52.50 10.20
C ASP E 157 -3.34 -53.26 8.88
N GLY E 158 -4.50 -53.59 8.30
CA GLY E 158 -5.79 -53.30 8.91
C GLY E 158 -6.68 -54.53 8.99
N VAL E 159 -6.07 -55.70 9.10
CA VAL E 159 -6.83 -56.94 9.19
C VAL E 159 -6.28 -57.84 10.29
N THR E 160 -7.13 -58.19 11.26
CA THR E 160 -6.72 -59.13 12.30
C THR E 160 -7.13 -60.54 11.93
N HIS E 161 -6.50 -61.52 12.57
CA HIS E 161 -6.91 -62.90 12.41
C HIS E 161 -6.68 -63.66 13.71
N ASN E 162 -7.47 -64.70 13.89
CA ASN E 162 -7.37 -65.55 15.06
C ASN E 162 -7.28 -66.99 14.57
N VAL E 163 -6.06 -67.47 14.34
CA VAL E 163 -5.91 -68.81 13.79
C VAL E 163 -5.37 -69.79 14.82
N PRO E 164 -6.17 -70.80 15.15
CA PRO E 164 -5.74 -71.83 16.09
C PRO E 164 -4.95 -72.93 15.40
N ILE E 165 -3.77 -73.21 15.93
CA ILE E 165 -2.94 -74.29 15.40
C ILE E 165 -2.54 -75.22 16.52
N TYR E 166 -2.71 -76.52 16.30
CA TYR E 166 -2.22 -77.51 17.25
C TYR E 166 -0.90 -78.05 16.73
N GLU E 167 -0.28 -78.95 17.50
CA GLU E 167 0.99 -79.55 17.12
C GLU E 167 0.76 -80.82 16.29
N GLY E 168 1.06 -80.77 15.00
CA GLY E 168 1.54 -79.55 14.36
C GLY E 168 0.59 -79.04 13.29
N TYR E 169 -0.48 -79.78 13.04
CA TYR E 169 -1.50 -79.37 12.07
C TYR E 169 -2.29 -78.14 12.53
N ALA E 170 -3.00 -77.52 11.59
CA ALA E 170 -3.75 -76.29 11.88
C ALA E 170 -5.19 -76.42 11.44
N LEU E 171 -6.10 -76.18 12.38
CA LEU E 171 -7.53 -76.24 12.09
C LEU E 171 -7.92 -75.08 11.17
N PRO E 172 -8.40 -75.39 9.97
CA PRO E 172 -8.75 -74.37 8.98
C PRO E 172 -10.08 -73.68 9.25
N HIS E 173 -11.05 -74.42 9.78
CA HIS E 173 -12.43 -73.93 9.84
C HIS E 173 -12.69 -73.14 11.11
N ALA E 174 -11.74 -73.13 12.03
CA ALA E 174 -11.92 -72.48 13.32
C ALA E 174 -11.37 -71.06 13.36
N ILE E 175 -11.21 -70.44 12.19
CA ILE E 175 -10.59 -69.11 12.15
C ILE E 175 -11.60 -68.00 11.85
N MET E 176 -11.60 -66.97 12.71
CA MET E 176 -12.47 -65.82 12.53
C MET E 176 -11.68 -64.55 12.25
N ARG E 177 -12.05 -63.86 11.17
CA ARG E 177 -11.36 -62.64 10.75
C ARG E 177 -12.23 -61.39 10.94
N LEU E 178 -11.73 -60.45 11.74
CA LEU E 178 -12.46 -59.21 11.99
C LEU E 178 -11.82 -58.05 11.22
N ASP E 179 -12.62 -57.30 10.48
CA ASP E 179 -12.09 -56.09 9.86
C ASP E 179 -12.18 -54.94 10.85
N LEU E 180 -11.27 -54.92 11.82
CA LEU E 180 -11.27 -53.89 12.86
C LEU E 180 -10.01 -53.01 12.77
N ALA E 181 -9.06 -53.26 13.67
CA ALA E 181 -7.82 -52.48 13.73
C ALA E 181 -7.12 -52.55 12.37
N GLY E 182 -6.38 -51.50 11.99
CA GLY E 182 -6.14 -50.33 12.82
C GLY E 182 -6.60 -49.01 12.24
N ARG E 183 -6.90 -48.99 10.94
CA ARG E 183 -7.36 -47.75 10.30
C ARG E 183 -8.67 -47.28 10.92
N ASP E 184 -9.41 -48.23 11.48
CA ASP E 184 -10.65 -47.91 12.16
C ASP E 184 -10.34 -47.31 13.53
N LEU E 185 -9.20 -47.70 14.09
CA LEU E 185 -8.77 -47.12 15.37
C LEU E 185 -8.25 -45.70 15.15
N THR E 186 -7.49 -45.52 14.08
CA THR E 186 -7.01 -44.19 13.71
C THR E 186 -8.22 -43.29 13.45
N ASP E 187 -9.13 -43.76 12.59
CA ASP E 187 -10.32 -42.99 12.26
C ASP E 187 -11.22 -42.71 13.47
N TYR E 188 -11.32 -43.68 14.39
CA TYR E 188 -12.14 -43.44 15.57
C TYR E 188 -11.49 -42.39 16.46
N LEU E 189 -10.18 -42.47 16.62
CA LEU E 189 -9.45 -41.48 17.40
C LEU E 189 -9.64 -40.09 16.79
N MET E 190 -9.60 -40.03 15.47
CA MET E 190 -9.78 -38.77 14.75
C MET E 190 -11.21 -38.26 14.92
N LYS E 191 -12.15 -39.20 15.08
CA LYS E 191 -13.55 -38.84 15.27
C LYS E 191 -13.87 -38.39 16.69
N ILE E 192 -13.11 -38.88 17.67
CA ILE E 192 -13.33 -38.51 19.07
C ILE E 192 -12.38 -37.43 19.56
N LEU E 193 -11.44 -37.01 18.73
CA LEU E 193 -10.54 -35.94 19.10
C LEU E 193 -11.25 -34.63 18.80
N THR E 194 -12.24 -34.70 17.91
CA THR E 194 -13.06 -33.54 17.55
C THR E 194 -13.81 -33.02 18.76
N GLU E 195 -14.00 -33.89 19.76
CA GLU E 195 -14.68 -33.52 20.99
C GLU E 195 -13.93 -32.39 21.67
N ARG E 196 -12.63 -32.25 21.42
CA ARG E 196 -11.89 -31.11 21.96
C ARG E 196 -11.41 -30.13 20.90
N GLY E 197 -12.09 -30.08 19.76
CA GLY E 197 -11.92 -28.97 18.84
C GLY E 197 -10.85 -29.14 17.79
N TYR E 198 -10.07 -30.20 17.91
CA TYR E 198 -8.98 -30.43 16.98
C TYR E 198 -9.51 -31.05 15.68
N SER E 199 -9.29 -30.37 14.57
CA SER E 199 -9.75 -30.83 13.27
C SER E 199 -8.61 -31.46 12.49
N PHE E 200 -8.80 -32.71 12.08
CA PHE E 200 -7.75 -33.49 11.45
C PHE E 200 -8.24 -34.07 10.13
N VAL E 201 -8.96 -33.25 9.37
CA VAL E 201 -9.68 -33.67 8.17
C VAL E 201 -8.85 -34.22 6.98
N THR E 202 -7.73 -33.59 6.64
CA THR E 202 -7.06 -33.87 5.38
C THR E 202 -6.26 -35.18 5.41
N THR E 203 -6.11 -35.80 4.24
CA THR E 203 -5.50 -37.12 4.10
C THR E 203 -4.11 -37.21 4.70
N ALA E 204 -3.24 -36.29 4.30
CA ALA E 204 -1.88 -36.29 4.81
C ALA E 204 -1.85 -36.20 6.33
N GLU E 205 -2.59 -35.24 6.86
CA GLU E 205 -2.52 -34.92 8.29
C GLU E 205 -2.97 -36.12 9.13
N ARG E 206 -3.74 -37.02 8.52
CA ARG E 206 -4.25 -38.18 9.25
C ARG E 206 -3.09 -38.94 9.86
N GLU E 207 -1.95 -38.92 9.19
CA GLU E 207 -0.77 -39.63 9.67
C GLU E 207 -0.39 -39.19 11.09
N ILE E 208 -0.48 -37.90 11.33
CA ILE E 208 -0.14 -37.34 12.64
C ILE E 208 -1.01 -37.96 13.73
N VAL E 209 -2.29 -38.22 13.41
CA VAL E 209 -3.19 -38.85 14.37
C VAL E 209 -2.60 -40.17 14.82
N ARG E 210 -2.09 -40.93 13.85
CA ARG E 210 -1.50 -42.23 14.12
C ARG E 210 -0.37 -42.11 15.15
N ASP E 211 0.40 -41.02 15.08
CA ASP E 211 1.49 -40.86 16.05
C ASP E 211 0.96 -40.58 17.46
N ILE E 212 -0.15 -39.86 17.59
CA ILE E 212 -0.72 -39.66 18.91
C ILE E 212 -1.33 -40.98 19.39
N LYS E 213 -1.59 -41.88 18.45
CA LYS E 213 -2.00 -43.24 18.79
C LYS E 213 -0.81 -44.00 19.35
N GLU E 214 0.37 -43.71 18.79
CA GLU E 214 1.61 -44.38 19.16
C GLU E 214 1.98 -44.16 20.63
N LYS E 215 2.37 -42.95 20.95
CA LYS E 215 2.95 -42.64 22.25
C LYS E 215 1.90 -42.54 23.35
N LEU E 216 0.89 -41.71 23.10
CA LEU E 216 -0.13 -41.39 24.09
C LEU E 216 -1.27 -42.39 24.13
N CYS E 217 -1.03 -43.57 24.70
CA CYS E 217 -2.08 -44.58 24.77
C CYS E 217 -1.87 -45.59 25.89
N TYR E 218 -2.98 -46.14 26.36
CA TYR E 218 -2.99 -47.20 27.37
C TYR E 218 -4.41 -47.69 27.54
N VAL E 219 -4.59 -49.00 27.61
CA VAL E 219 -5.91 -49.58 27.81
C VAL E 219 -6.16 -49.79 29.30
N ALA E 220 -7.31 -49.33 29.78
CA ALA E 220 -7.65 -49.48 31.19
C ALA E 220 -7.81 -50.96 31.56
N LEU E 221 -8.05 -51.26 32.83
CA LEU E 221 -8.31 -52.63 33.24
C LEU E 221 -9.79 -52.84 33.58
N ASP E 222 -10.39 -51.82 34.21
CA ASP E 222 -11.82 -51.83 34.51
C ASP E 222 -12.40 -50.51 34.00
N PHE E 223 -12.74 -50.48 32.72
CA PHE E 223 -13.19 -49.27 32.04
C PHE E 223 -14.36 -48.58 32.75
N GLU E 224 -15.45 -49.31 32.89
CA GLU E 224 -16.73 -48.77 33.39
C GLU E 224 -16.57 -47.99 34.69
N ASN E 225 -15.73 -48.48 35.59
CA ASN E 225 -15.48 -47.80 36.86
C ASN E 225 -14.39 -46.73 36.74
N GLU E 226 -13.47 -46.94 35.80
CA GLU E 226 -12.36 -46.01 35.57
C GLU E 226 -12.85 -44.69 34.97
N MET E 227 -13.93 -44.75 34.22
CA MET E 227 -14.46 -43.56 33.54
C MET E 227 -14.88 -42.50 34.55
N ALA E 228 -15.44 -42.96 35.67
CA ALA E 228 -15.84 -42.08 36.75
C ALA E 228 -14.65 -41.28 37.28
N THR E 229 -13.58 -41.99 37.65
CA THR E 229 -12.41 -41.37 38.26
C THR E 229 -11.64 -40.54 37.23
N ALA E 230 -11.87 -40.82 35.96
CA ALA E 230 -11.25 -40.03 34.90
C ALA E 230 -11.72 -38.58 34.96
N ALA E 231 -12.97 -38.39 35.35
CA ALA E 231 -13.55 -37.06 35.46
C ALA E 231 -12.93 -36.25 36.59
N SER E 232 -12.39 -36.95 37.60
CA SER E 232 -11.68 -36.31 38.70
C SER E 232 -10.53 -35.46 38.16
N SER E 233 -10.18 -34.40 38.87
CA SER E 233 -9.24 -33.40 38.35
C SER E 233 -7.85 -33.96 38.07
N SER E 234 -7.45 -34.98 38.82
CA SER E 234 -6.16 -35.64 38.62
C SER E 234 -5.99 -36.04 37.17
N SER E 235 -4.98 -35.47 36.52
CA SER E 235 -4.85 -35.59 35.07
C SER E 235 -4.41 -36.98 34.67
N LEU E 236 -5.28 -37.65 33.90
CA LEU E 236 -4.89 -38.86 33.21
C LEU E 236 -4.65 -38.45 31.76
N GLU E 237 -4.37 -37.15 31.62
CA GLU E 237 -4.07 -36.50 30.36
C GLU E 237 -2.59 -36.19 30.22
N LYS E 238 -2.00 -36.60 29.10
CA LYS E 238 -0.64 -36.21 28.78
C LYS E 238 -0.67 -35.35 27.52
N SER E 239 0.08 -34.26 27.52
CA SER E 239 0.01 -33.31 26.44
C SER E 239 1.12 -33.53 25.41
N TYR E 240 0.73 -33.90 24.19
CA TYR E 240 1.67 -34.14 23.12
C TYR E 240 1.82 -32.87 22.31
N GLU E 241 2.98 -32.69 21.68
CA GLU E 241 3.21 -31.51 20.88
C GLU E 241 3.27 -31.87 19.40
N LEU E 242 2.68 -31.02 18.58
CA LEU E 242 2.39 -31.36 17.19
C LEU E 242 3.44 -30.70 16.32
N PRO E 243 3.85 -31.36 15.22
CA PRO E 243 4.98 -30.97 14.36
C PRO E 243 5.14 -29.46 14.14
N ASP E 244 4.04 -28.72 14.04
CA ASP E 244 4.14 -27.26 13.99
C ASP E 244 4.45 -26.72 15.40
N GLY E 245 3.84 -25.59 15.75
CA GLY E 245 3.95 -25.09 17.11
C GLY E 245 2.99 -25.77 18.08
N GLN E 246 1.79 -26.10 17.60
CA GLN E 246 0.66 -26.42 18.47
C GLN E 246 0.92 -27.50 19.53
N VAL E 247 0.38 -27.26 20.72
CA VAL E 247 0.42 -28.22 21.81
C VAL E 247 -0.98 -28.75 22.06
N ILE E 248 -1.15 -30.06 21.90
CA ILE E 248 -2.47 -30.66 22.04
C ILE E 248 -2.54 -31.49 23.32
N THR E 249 -3.59 -31.26 24.10
CA THR E 249 -3.76 -31.97 25.35
C THR E 249 -4.94 -32.92 25.29
N ILE E 250 -4.65 -34.20 25.11
CA ILE E 250 -5.69 -35.22 25.10
C ILE E 250 -5.60 -36.10 26.34
N GLY E 251 -6.76 -36.37 26.93
CA GLY E 251 -6.88 -37.21 28.11
C GLY E 251 -8.06 -38.14 27.93
N ASN E 252 -8.66 -38.59 29.03
CA ASN E 252 -9.90 -39.39 29.00
C ASN E 252 -9.98 -40.32 27.79
N GLU E 253 -10.37 -39.71 26.67
CA GLU E 253 -10.53 -40.42 25.40
C GLU E 253 -9.26 -41.19 25.02
N ARG E 254 -8.13 -40.76 25.56
CA ARG E 254 -6.84 -41.41 25.34
C ARG E 254 -6.90 -42.90 25.66
N PHE E 255 -7.60 -43.25 26.73
CA PHE E 255 -7.78 -44.66 27.06
C PHE E 255 -9.11 -45.18 26.53
N ARG E 256 -10.01 -44.27 26.16
CA ARG E 256 -11.30 -44.68 25.60
C ARG E 256 -11.14 -45.29 24.22
N CYS E 257 -10.42 -44.57 23.35
CA CYS E 257 -10.23 -44.95 21.95
C CYS E 257 -9.76 -46.39 21.72
N PRO E 258 -8.66 -46.80 22.39
CA PRO E 258 -8.21 -48.17 22.10
C PRO E 258 -9.20 -49.22 22.60
N GLU E 259 -9.94 -48.89 23.66
CA GLU E 259 -10.93 -49.81 24.23
C GLU E 259 -11.93 -50.30 23.19
N THR E 260 -12.19 -49.46 22.18
CA THR E 260 -13.03 -49.82 21.03
C THR E 260 -12.74 -51.23 20.51
N LEU E 261 -11.48 -51.66 20.64
CA LEU E 261 -11.06 -53.00 20.27
C LEU E 261 -11.96 -54.07 20.87
N PHE E 262 -12.31 -53.90 22.15
CA PHE E 262 -13.41 -54.65 22.73
C PHE E 262 -14.65 -53.78 22.63
N GLN E 263 -15.84 -54.39 22.63
CA GLN E 263 -17.06 -53.58 22.65
C GLN E 263 -17.08 -52.65 21.42
N PRO E 264 -17.02 -53.22 20.21
CA PRO E 264 -16.89 -52.33 19.04
C PRO E 264 -18.23 -51.83 18.53
N SER E 265 -19.15 -51.53 19.45
CA SER E 265 -20.39 -50.88 19.10
C SER E 265 -20.11 -49.42 18.75
N PHE E 266 -19.11 -48.84 19.42
CA PHE E 266 -18.73 -47.45 19.21
C PHE E 266 -18.51 -47.11 17.74
N ILE E 267 -18.07 -48.11 16.97
CA ILE E 267 -17.81 -47.93 15.55
C ILE E 267 -19.11 -48.05 14.74
N GLY E 268 -20.03 -48.87 15.25
CA GLY E 268 -21.28 -49.12 14.55
C GLY E 268 -21.24 -50.39 13.75
N MET E 269 -20.36 -51.30 14.15
CA MET E 269 -20.25 -52.63 13.53
C MET E 269 -20.67 -53.68 14.56
N GLU E 270 -21.40 -54.70 14.10
CA GLU E 270 -22.06 -55.63 15.01
C GLU E 270 -21.19 -56.77 15.56
N SER E 271 -20.20 -57.21 14.81
CA SER E 271 -19.32 -58.29 15.27
C SER E 271 -18.70 -57.94 16.61
N ALA E 272 -18.85 -58.82 17.60
CA ALA E 272 -18.45 -58.52 18.96
C ALA E 272 -16.93 -58.46 19.09
N GLY E 273 -16.44 -57.90 20.19
CA GLY E 273 -15.04 -57.62 20.36
C GLY E 273 -14.09 -58.81 20.33
N ILE E 274 -12.79 -58.52 20.16
CA ILE E 274 -11.74 -59.54 20.19
C ILE E 274 -11.84 -60.39 21.45
N HIS E 275 -12.15 -59.73 22.56
CA HIS E 275 -12.64 -60.36 23.80
C HIS E 275 -13.40 -61.64 23.48
N GLU E 276 -14.51 -61.49 22.78
CA GLU E 276 -15.45 -62.60 22.60
C GLU E 276 -15.06 -63.47 21.41
N THR E 277 -14.43 -62.87 20.40
CA THR E 277 -14.07 -63.63 19.21
C THR E 277 -12.95 -64.64 19.48
N THR E 278 -12.09 -64.33 20.45
CA THR E 278 -11.04 -65.27 20.84
C THR E 278 -11.63 -66.57 21.39
N TYR E 279 -12.47 -66.43 22.42
CA TYR E 279 -13.16 -67.56 23.01
C TYR E 279 -14.04 -68.29 21.99
N ASN E 280 -14.88 -67.53 21.27
CA ASN E 280 -15.83 -68.13 20.35
C ASN E 280 -15.12 -68.79 19.18
N SER E 281 -13.87 -68.40 18.93
CA SER E 281 -13.08 -69.09 17.93
C SER E 281 -12.52 -70.38 18.51
N ILE E 282 -12.12 -70.31 19.78
CA ILE E 282 -11.54 -71.49 20.42
C ILE E 282 -12.55 -72.61 20.60
N MET E 283 -13.74 -72.32 21.13
CA MET E 283 -14.75 -73.37 21.29
C MET E 283 -15.44 -73.70 19.98
N LYS E 284 -14.78 -73.35 18.88
CA LYS E 284 -15.16 -73.84 17.56
C LYS E 284 -14.17 -74.93 17.15
N CYS E 285 -13.27 -75.26 18.06
CA CYS E 285 -12.35 -76.38 17.88
C CYS E 285 -12.94 -77.63 18.53
N ASP E 286 -12.15 -78.69 18.63
CA ASP E 286 -12.61 -79.90 19.29
C ASP E 286 -12.46 -79.76 20.80
N ILE E 287 -13.40 -80.33 21.54
CA ILE E 287 -13.49 -80.12 22.98
C ILE E 287 -12.20 -80.50 23.74
N ASP E 288 -11.52 -81.53 23.26
CA ASP E 288 -10.34 -82.04 23.95
C ASP E 288 -9.11 -81.15 23.81
N ILE E 289 -8.95 -80.51 22.64
CA ILE E 289 -7.72 -79.79 22.36
C ILE E 289 -7.64 -78.45 23.10
N ARG E 290 -8.81 -77.96 23.52
CA ARG E 290 -8.95 -76.61 24.06
C ARG E 290 -8.00 -76.35 25.22
N LYS E 291 -7.72 -77.40 26.00
CA LYS E 291 -6.87 -77.29 27.19
C LYS E 291 -5.55 -76.60 26.85
N ASP E 292 -5.03 -76.81 25.65
CA ASP E 292 -3.73 -76.24 25.35
C ASP E 292 -3.84 -75.08 24.37
N LEU E 293 -5.04 -74.80 23.87
CA LEU E 293 -5.21 -73.58 23.09
C LEU E 293 -5.17 -72.41 24.05
N TYR E 294 -5.77 -72.62 25.22
CA TYR E 294 -5.62 -71.70 26.32
C TYR E 294 -4.17 -71.71 26.79
N ALA E 295 -3.79 -70.72 27.60
CA ALA E 295 -2.46 -70.64 28.18
C ALA E 295 -1.36 -70.64 27.12
N ASN E 296 -1.71 -70.23 25.91
CA ASN E 296 -0.73 -70.16 24.83
C ASN E 296 -1.09 -69.18 23.72
N ASN E 297 -1.95 -68.21 24.02
CA ASN E 297 -2.16 -67.09 23.11
C ASN E 297 -0.85 -66.34 22.88
N VAL E 298 -0.32 -66.40 21.67
CA VAL E 298 0.87 -65.61 21.35
C VAL E 298 0.49 -64.49 20.42
N MET E 299 0.59 -63.25 20.92
CA MET E 299 0.12 -62.09 20.18
C MET E 299 1.21 -61.57 19.23
N SER E 300 0.80 -60.76 18.26
CA SER E 300 1.72 -60.21 17.26
C SER E 300 1.15 -58.97 16.61
N GLY E 301 1.85 -58.45 15.62
CA GLY E 301 1.40 -57.28 14.91
C GLY E 301 1.90 -56.00 15.54
N GLY E 302 1.34 -54.87 15.12
CA GLY E 302 1.74 -53.59 15.67
C GLY E 302 0.64 -53.02 16.54
N THR E 303 -0.43 -53.78 16.73
CA THR E 303 -1.57 -53.30 17.50
C THR E 303 -1.62 -53.96 18.87
N THR E 304 -0.64 -54.81 19.15
CA THR E 304 -0.47 -55.34 20.51
C THR E 304 0.72 -54.67 21.18
N MET E 305 0.85 -53.36 20.94
CA MET E 305 1.92 -52.58 21.54
C MET E 305 1.40 -51.71 22.67
N TYR E 306 0.08 -51.68 22.83
CA TYR E 306 -0.56 -50.95 23.92
C TYR E 306 -0.14 -51.49 25.29
N PRO E 307 0.09 -50.59 26.25
CA PRO E 307 0.45 -50.98 27.62
C PRO E 307 -0.74 -51.50 28.44
N GLY E 308 -1.88 -51.70 27.78
CA GLY E 308 -3.05 -52.23 28.44
C GLY E 308 -3.02 -53.75 28.50
N ILE E 309 -3.15 -54.37 27.34
CA ILE E 309 -2.99 -55.83 27.22
C ILE E 309 -1.64 -56.24 27.81
N ALA E 310 -1.48 -57.49 28.25
CA ALA E 310 -2.44 -58.57 28.03
C ALA E 310 -3.35 -58.88 29.22
N ASP E 311 -3.22 -58.13 30.31
CA ASP E 311 -3.85 -58.56 31.54
C ASP E 311 -5.27 -57.97 31.53
N ARG E 312 -5.49 -57.01 30.62
CA ARG E 312 -6.84 -56.63 30.24
C ARG E 312 -7.49 -57.82 29.57
N MET E 313 -6.86 -58.27 28.50
CA MET E 313 -7.26 -59.47 27.80
C MET E 313 -7.49 -60.62 28.79
N GLN E 314 -6.59 -60.72 29.77
CA GLN E 314 -6.66 -61.78 30.77
C GLN E 314 -7.94 -61.70 31.61
N LYS E 315 -8.06 -60.68 32.46
CA LYS E 315 -9.28 -60.53 33.27
C LYS E 315 -10.54 -60.60 32.43
N GLU E 316 -10.45 -60.17 31.17
CA GLU E 316 -11.60 -60.23 30.29
C GLU E 316 -11.95 -61.67 29.90
N ILE E 317 -10.94 -62.46 29.56
CA ILE E 317 -11.17 -63.84 29.14
C ILE E 317 -11.64 -64.67 30.32
N THR E 318 -10.94 -64.54 31.45
CA THR E 318 -11.20 -65.34 32.63
C THR E 318 -12.66 -65.25 33.08
N ALA E 319 -13.31 -64.15 32.74
CA ALA E 319 -14.73 -63.97 33.03
C ALA E 319 -15.60 -64.75 32.05
N LEU E 320 -15.11 -64.90 30.82
CA LEU E 320 -15.84 -65.59 29.77
C LEU E 320 -15.43 -67.05 29.65
N ALA E 321 -14.17 -67.33 29.92
CA ALA E 321 -13.63 -68.69 29.82
C ALA E 321 -14.28 -69.62 30.83
N PRO E 322 -14.17 -70.94 30.61
CA PRO E 322 -14.63 -71.85 31.67
C PRO E 322 -13.81 -71.66 32.94
N SER E 323 -14.35 -72.07 34.07
CA SER E 323 -13.65 -71.91 35.34
C SER E 323 -12.54 -72.94 35.48
N THR E 324 -11.68 -72.74 36.47
CA THR E 324 -10.60 -73.68 36.81
C THR E 324 -9.62 -73.90 35.65
N MET E 325 -9.40 -72.87 34.86
CA MET E 325 -8.44 -73.02 33.76
C MET E 325 -7.35 -71.95 33.83
N LYS E 326 -6.11 -72.42 33.77
CA LYS E 326 -4.95 -71.56 33.86
C LYS E 326 -4.53 -71.03 32.47
N ILE E 327 -4.44 -69.71 32.36
CA ILE E 327 -4.26 -69.06 31.07
C ILE E 327 -3.08 -68.10 31.01
N LYS E 328 -1.90 -68.56 30.60
CA LYS E 328 -0.83 -67.63 30.30
C LYS E 328 -1.13 -67.02 28.94
N ILE E 329 -0.78 -65.76 28.76
CA ILE E 329 -1.08 -65.08 27.52
C ILE E 329 0.25 -64.52 27.00
N ILE E 330 1.18 -65.42 26.74
CA ILE E 330 2.56 -65.03 26.50
C ILE E 330 2.65 -64.23 25.20
N ALA E 331 3.17 -63.02 25.31
CA ALA E 331 3.40 -62.17 24.15
C ALA E 331 4.75 -61.50 24.28
N PRO E 332 5.62 -61.75 23.29
CA PRO E 332 7.01 -61.26 23.30
C PRO E 332 7.10 -59.73 23.33
N PRO E 333 8.29 -59.20 23.60
CA PRO E 333 8.62 -57.86 23.11
C PRO E 333 8.96 -57.99 21.63
N GLU E 334 9.33 -56.90 20.94
CA GLU E 334 9.80 -56.97 19.55
C GLU E 334 8.71 -57.43 18.57
N ARG E 335 7.48 -57.60 19.07
CA ARG E 335 6.40 -58.24 18.32
C ARG E 335 6.16 -57.63 16.93
N LYS E 336 6.52 -56.36 16.76
CA LYS E 336 6.31 -55.66 15.50
C LYS E 336 7.04 -56.36 14.35
N TYR E 337 8.09 -57.09 14.69
CA TYR E 337 8.87 -57.80 13.68
C TYR E 337 8.72 -59.31 13.79
N SER E 338 7.79 -59.75 14.63
CA SER E 338 7.60 -61.18 14.93
C SER E 338 7.48 -61.99 13.65
N VAL E 339 6.49 -61.63 12.83
CA VAL E 339 6.24 -62.29 11.56
C VAL E 339 7.53 -62.47 10.77
N TRP E 340 8.32 -61.41 10.71
CA TRP E 340 9.52 -61.47 9.89
C TRP E 340 10.51 -62.47 10.45
N ILE E 341 10.68 -62.46 11.78
CA ILE E 341 11.60 -63.41 12.43
C ILE E 341 11.12 -64.82 12.16
N GLY E 342 9.82 -64.96 11.89
CA GLY E 342 9.28 -66.22 11.45
C GLY E 342 9.81 -66.56 10.07
N GLY E 343 9.48 -65.71 9.09
CA GLY E 343 9.74 -66.00 7.69
C GLY E 343 11.19 -66.34 7.42
N SER E 344 12.08 -65.59 8.04
CA SER E 344 13.52 -65.77 7.88
C SER E 344 13.92 -67.19 8.21
N ILE E 345 13.39 -67.68 9.32
CA ILE E 345 13.71 -69.02 9.80
C ILE E 345 13.28 -70.05 8.77
N LEU E 346 12.16 -69.78 8.10
CA LEU E 346 11.52 -70.76 7.25
C LEU E 346 12.32 -71.10 5.98
N ALA E 347 12.48 -70.13 5.08
CA ALA E 347 13.10 -70.39 3.78
C ALA E 347 14.56 -70.83 3.89
N SER E 348 15.15 -70.60 5.05
CA SER E 348 16.52 -71.05 5.29
C SER E 348 16.48 -72.50 5.73
N LEU E 349 15.41 -72.87 6.42
CA LEU E 349 15.21 -74.24 6.90
C LEU E 349 14.93 -75.20 5.74
N SER E 350 15.51 -76.39 5.83
CA SER E 350 15.01 -77.52 5.06
C SER E 350 13.57 -77.79 5.51
N THR E 351 12.73 -78.31 4.63
CA THR E 351 13.10 -78.74 3.29
C THR E 351 12.04 -78.29 2.30
N PHE E 352 11.10 -77.48 2.81
CA PHE E 352 9.91 -77.09 2.06
C PHE E 352 10.22 -76.31 0.78
N GLN E 353 11.51 -76.20 0.47
CA GLN E 353 11.98 -75.64 -0.79
C GLN E 353 11.29 -76.35 -1.95
N GLN E 354 11.00 -77.63 -1.74
CA GLN E 354 10.41 -78.46 -2.79
C GLN E 354 8.87 -78.46 -2.78
N MET E 355 8.26 -77.53 -2.03
CA MET E 355 6.83 -77.29 -2.20
C MET E 355 6.64 -75.93 -2.85
N TRP E 356 7.72 -75.44 -3.47
CA TRP E 356 7.70 -74.20 -4.24
C TRP E 356 7.09 -74.41 -5.61
N ILE E 357 6.87 -73.30 -6.31
CA ILE E 357 6.45 -73.35 -7.71
C ILE E 357 7.49 -72.58 -8.52
N THR E 358 8.30 -73.31 -9.28
CA THR E 358 9.33 -72.68 -10.10
C THR E 358 8.75 -72.33 -11.47
N LYS E 359 9.60 -71.96 -12.42
CA LYS E 359 9.11 -71.46 -13.70
C LYS E 359 8.55 -72.56 -14.59
N GLN E 360 9.23 -73.69 -14.67
CA GLN E 360 8.80 -74.80 -15.52
C GLN E 360 7.39 -75.23 -15.18
N GLU E 361 7.01 -75.07 -13.92
CA GLU E 361 5.71 -75.49 -13.43
C GLU E 361 4.70 -74.36 -13.47
N TYR E 362 5.03 -73.27 -14.18
CA TYR E 362 4.09 -72.17 -14.33
C TYR E 362 3.75 -72.02 -15.81
N ASP E 363 4.32 -72.90 -16.64
CA ASP E 363 4.05 -72.95 -18.07
C ASP E 363 2.93 -73.96 -18.32
N GLU E 364 2.80 -74.93 -17.41
CA GLU E 364 1.78 -75.96 -17.51
C GLU E 364 0.39 -75.47 -17.07
N ALA E 365 0.26 -75.17 -15.79
CA ALA E 365 -1.05 -74.82 -15.22
C ALA E 365 -1.23 -73.31 -15.12
N GLY E 366 -0.18 -72.64 -14.66
CA GLY E 366 -0.18 -71.20 -14.50
C GLY E 366 -0.93 -70.70 -13.27
N PRO E 367 -1.93 -69.83 -13.49
CA PRO E 367 -2.75 -69.17 -12.46
C PRO E 367 -3.33 -70.09 -11.39
N SER E 368 -3.49 -71.38 -11.70
CA SER E 368 -3.94 -72.34 -10.69
C SER E 368 -2.72 -72.87 -9.94
N ILE E 369 -2.84 -74.07 -9.37
CA ILE E 369 -1.75 -74.77 -8.67
C ILE E 369 -1.16 -74.02 -7.46
N VAL E 370 -1.41 -72.71 -7.39
CA VAL E 370 -0.87 -71.86 -6.33
C VAL E 370 -1.34 -72.26 -4.92
N HIS E 371 -2.48 -72.94 -4.84
CA HIS E 371 -3.04 -73.31 -3.55
C HIS E 371 -2.97 -74.82 -3.31
N THR F 5 -21.98 35.52 32.84
CA THR F 5 -21.67 34.14 33.16
C THR F 5 -21.77 33.26 31.91
N THR F 6 -22.20 33.87 30.80
CA THR F 6 -22.44 33.15 29.56
C THR F 6 -21.17 32.53 29.01
N ALA F 7 -21.29 31.64 28.04
CA ALA F 7 -20.14 31.10 27.32
C ALA F 7 -20.11 31.63 25.89
N LEU F 8 -18.90 31.76 25.33
CA LEU F 8 -18.77 32.43 24.04
C LEU F 8 -18.18 31.51 22.97
N VAL F 9 -18.94 31.35 21.89
CA VAL F 9 -18.47 30.64 20.71
C VAL F 9 -17.88 31.63 19.71
N CYS F 10 -16.58 31.57 19.54
CA CYS F 10 -15.85 32.53 18.72
C CYS F 10 -15.08 31.83 17.61
N ASP F 11 -15.45 32.08 16.36
CA ASP F 11 -14.73 31.43 15.28
C ASP F 11 -13.79 32.39 14.55
N ASN F 12 -12.52 31.99 14.57
CA ASN F 12 -11.47 32.59 13.80
C ASN F 12 -11.38 31.93 12.43
N GLY F 13 -11.74 32.68 11.40
CA GLY F 13 -11.42 32.27 10.04
C GLY F 13 -10.48 33.31 9.51
N SER F 14 -10.07 33.20 8.25
CA SER F 14 -9.32 34.29 7.63
C SER F 14 -10.30 35.36 7.19
N GLY F 15 -11.43 35.43 7.91
CA GLY F 15 -12.53 36.30 7.59
C GLY F 15 -12.26 37.76 7.94
N LEU F 16 -13.21 38.51 8.49
CA LEU F 16 -14.53 38.12 9.00
C LEU F 16 -14.45 37.13 10.18
N VAL F 17 -13.88 37.61 11.29
CA VAL F 17 -13.91 36.88 12.57
C VAL F 17 -15.32 37.00 13.16
N LYS F 18 -15.88 35.92 13.70
CA LYS F 18 -17.23 36.05 14.24
C LYS F 18 -17.30 35.75 15.75
N ALA F 19 -18.00 36.61 16.48
CA ALA F 19 -18.17 36.42 17.93
C ALA F 19 -19.58 36.74 18.42
N GLY F 20 -20.10 35.86 19.27
CA GLY F 20 -21.42 36.02 19.86
C GLY F 20 -21.63 34.92 20.88
N PHE F 21 -22.36 35.21 21.97
CA PHE F 21 -22.46 34.28 23.10
C PHE F 21 -23.13 32.95 22.75
N ALA F 22 -23.10 32.01 23.70
CA ALA F 22 -23.61 30.65 23.50
C ALA F 22 -25.03 30.64 22.98
N GLY F 23 -25.20 31.03 21.72
CA GLY F 23 -26.50 31.14 21.11
C GLY F 23 -27.03 32.56 21.15
N ASP F 24 -28.15 32.80 20.48
CA ASP F 24 -28.89 31.74 19.81
C ASP F 24 -29.07 32.02 18.32
N ASP F 25 -28.54 33.15 17.86
CA ASP F 25 -28.81 33.63 16.51
C ASP F 25 -27.58 33.66 15.59
N ALA F 26 -26.73 34.66 15.78
CA ALA F 26 -25.60 34.92 14.92
C ALA F 26 -24.62 35.72 15.76
N PRO F 27 -23.35 35.85 15.31
CA PRO F 27 -22.38 36.64 16.07
C PRO F 27 -22.84 38.07 16.40
N ARG F 28 -22.65 38.46 17.66
CA ARG F 28 -22.98 39.82 18.08
C ARG F 28 -22.12 40.80 17.31
N ALA F 29 -20.88 40.38 17.05
CA ALA F 29 -19.87 41.24 16.43
C ALA F 29 -19.11 40.50 15.32
N VAL F 30 -19.03 41.18 14.16
CA VAL F 30 -18.35 40.70 12.96
C VAL F 30 -17.46 41.79 12.36
N PHE F 31 -16.22 41.45 12.00
CA PHE F 31 -15.30 42.40 11.38
C PHE F 31 -14.19 41.67 10.59
N PRO F 32 -13.60 42.35 9.59
CA PRO F 32 -12.67 41.76 8.60
C PRO F 32 -11.32 41.21 9.10
N SER F 33 -11.06 41.27 10.40
CA SER F 33 -9.90 40.60 11.01
C SER F 33 -8.53 41.08 10.50
N ILE F 34 -8.35 42.39 10.38
CA ILE F 34 -7.08 42.94 9.91
C ILE F 34 -6.46 43.93 10.89
N VAL F 35 -5.13 43.92 10.98
CA VAL F 35 -4.38 45.01 11.57
C VAL F 35 -3.57 45.71 10.48
N GLY F 36 -3.49 47.03 10.58
CA GLY F 36 -2.78 47.80 9.58
C GLY F 36 -2.05 48.96 10.21
N ARG F 37 -0.73 48.98 10.02
CA ARG F 37 0.08 50.08 10.52
C ARG F 37 0.11 51.18 9.47
N PRO F 38 0.30 52.43 9.93
CA PRO F 38 0.34 53.59 9.02
C PRO F 38 1.69 53.73 8.34
N ARG F 39 1.71 53.57 7.01
CA ARG F 39 2.95 53.55 6.24
C ARG F 39 3.59 54.93 6.14
N HIS F 40 2.97 55.93 6.75
CA HIS F 40 3.50 57.29 6.70
C HIS F 40 3.74 57.87 8.09
N GLN F 41 4.33 59.06 8.10
CA GLN F 41 4.55 59.82 9.31
C GLN F 41 3.37 60.75 9.63
N GLY F 42 2.93 60.73 10.87
CA GLY F 42 1.78 61.51 11.29
C GLY F 42 2.18 62.75 12.08
N VAL F 43 1.45 63.84 11.87
CA VAL F 43 1.80 65.13 12.46
C VAL F 43 0.56 65.93 12.87
N MET F 44 -0.28 65.37 13.73
CA MET F 44 -1.47 66.10 14.17
C MET F 44 -1.76 65.83 15.68
N VAL F 45 -0.70 65.80 16.48
CA VAL F 45 -0.78 65.98 17.95
C VAL F 45 -1.64 64.94 18.69
N GLY F 46 -1.45 64.81 20.00
CA GLY F 46 -2.36 64.01 20.80
C GLY F 46 -1.86 62.94 21.77
N MET F 47 -1.03 61.98 21.36
CA MET F 47 -0.48 61.84 20.00
C MET F 47 -1.55 61.54 18.95
N GLY F 48 -2.76 61.23 19.41
CA GLY F 48 -3.92 61.18 18.54
C GLY F 48 -3.97 59.92 17.72
N GLN F 49 -2.95 59.71 16.91
CA GLN F 49 -2.92 58.58 16.00
C GLN F 49 -2.67 57.30 16.76
N LYS F 50 -3.36 56.23 16.38
CA LYS F 50 -3.19 54.93 17.01
C LYS F 50 -1.92 54.27 16.47
N ASP F 51 -1.33 53.39 17.26
CA ASP F 51 -0.12 52.68 16.82
C ASP F 51 -0.44 51.74 15.67
N SER F 52 -1.64 51.16 15.72
CA SER F 52 -2.13 50.30 14.66
C SER F 52 -3.63 50.14 14.78
N TYR F 53 -4.34 50.27 13.66
CA TYR F 53 -5.78 50.06 13.69
C TYR F 53 -6.06 48.59 13.47
N VAL F 54 -6.88 48.00 14.34
CA VAL F 54 -7.44 46.69 14.08
C VAL F 54 -8.74 46.95 13.34
N GLY F 55 -9.40 45.90 12.83
CA GLY F 55 -10.75 46.08 12.35
C GLY F 55 -11.62 46.54 13.51
N ASP F 56 -12.73 47.23 13.24
CA ASP F 56 -13.21 47.45 11.87
C ASP F 56 -12.65 48.74 11.30
N GLU F 57 -12.20 49.64 12.17
CA GLU F 57 -11.70 50.95 11.74
C GLU F 57 -10.58 50.85 10.71
N ALA F 58 -9.85 49.73 10.74
CA ALA F 58 -8.77 49.49 9.77
C ALA F 58 -9.34 49.08 8.43
N GLN F 59 -10.67 49.02 8.35
CA GLN F 59 -11.36 48.72 7.10
C GLN F 59 -12.13 49.97 6.69
N SER F 60 -12.13 50.97 7.58
CA SER F 60 -12.75 52.24 7.29
C SER F 60 -11.70 53.24 6.81
N LYS F 61 -10.46 53.00 7.20
CA LYS F 61 -9.37 53.92 6.90
C LYS F 61 -8.22 53.28 6.12
N ARG F 62 -8.55 52.61 5.03
CA ARG F 62 -7.55 52.06 4.12
C ARG F 62 -6.73 53.19 3.48
N GLY F 63 -5.68 52.82 2.76
CA GLY F 63 -4.93 53.79 1.98
C GLY F 63 -3.92 54.56 2.81
N ILE F 64 -4.20 54.68 4.11
CA ILE F 64 -3.27 55.32 5.02
C ILE F 64 -2.60 54.20 5.83
N LEU F 65 -2.82 52.97 5.40
CA LEU F 65 -2.28 51.82 6.10
C LEU F 65 -1.60 50.82 5.16
N THR F 66 -0.95 49.82 5.75
CA THR F 66 -0.50 48.64 5.01
C THR F 66 -1.16 47.44 5.66
N LEU F 67 -2.28 47.00 5.10
CA LEU F 67 -3.05 45.93 5.70
C LEU F 67 -2.23 44.64 5.79
N LYS F 68 -2.21 44.05 6.98
CA LYS F 68 -1.48 42.82 7.23
C LYS F 68 -2.36 41.77 7.91
N TYR F 69 -2.72 40.74 7.17
CA TYR F 69 -3.54 39.67 7.73
C TYR F 69 -2.75 38.83 8.73
N PRO F 70 -3.28 38.73 9.95
CA PRO F 70 -2.62 38.02 11.06
C PRO F 70 -2.59 36.52 10.80
N ILE F 71 -3.50 36.05 9.96
CA ILE F 71 -3.51 34.65 9.57
C ILE F 71 -3.57 34.60 8.06
N GLU F 72 -3.11 33.50 7.47
CA GLU F 72 -2.92 33.43 6.03
C GLU F 72 -2.78 31.99 5.55
N HIC F 73 -3.77 31.52 4.80
CA HIC F 73 -3.82 30.14 4.32
C HIC F 73 -3.74 29.16 5.49
O HIC F 73 -2.89 28.26 5.52
CB HIC F 73 -2.68 29.87 3.32
CG HIC F 73 -2.74 30.72 2.09
ND1 HIC F 73 -2.28 32.01 2.05
CD2 HIC F 73 -3.23 30.46 0.85
CE1 HIC F 73 -2.45 32.51 0.84
NE2 HIC F 73 -3.03 31.59 0.09
CZ HIC F 73 -3.35 31.71 -1.13
N GLY F 74 -4.63 29.36 6.47
CA GLY F 74 -4.80 28.43 7.57
C GLY F 74 -3.90 28.66 8.76
N ILE F 75 -2.62 28.35 8.62
CA ILE F 75 -1.65 28.63 9.69
C ILE F 75 -1.50 30.14 9.81
N ILE F 76 -1.48 30.66 11.03
CA ILE F 76 -1.33 32.09 11.20
C ILE F 76 0.15 32.44 11.09
N THR F 77 0.46 33.68 10.74
CA THR F 77 1.84 34.09 10.52
C THR F 77 2.56 34.39 11.84
N ASN F 78 1.91 35.14 12.73
CA ASN F 78 2.51 35.48 14.02
C ASN F 78 1.45 35.84 15.07
N TRP F 79 1.67 35.38 16.31
CA TRP F 79 0.70 35.64 17.37
C TRP F 79 0.82 37.03 17.98
N ASP F 80 1.81 37.82 17.54
CA ASP F 80 1.94 39.18 18.04
C ASP F 80 0.76 40.02 17.60
N ASP F 81 0.31 39.82 16.37
CA ASP F 81 -0.82 40.57 15.84
C ASP F 81 -2.12 39.90 16.26
N MET F 82 -2.13 38.58 16.23
CA MET F 82 -3.29 37.79 16.59
C MET F 82 -3.73 38.08 18.03
N GLU F 83 -2.78 38.11 18.95
CA GLU F 83 -3.09 38.39 20.34
C GLU F 83 -3.73 39.76 20.46
N LYS F 84 -3.32 40.70 19.60
CA LYS F 84 -3.87 42.05 19.66
C LYS F 84 -5.31 42.04 19.14
N ILE F 85 -5.55 41.23 18.11
CA ILE F 85 -6.91 40.97 17.66
C ILE F 85 -7.74 40.57 18.87
N TRP F 86 -7.27 39.54 19.56
CA TRP F 86 -7.99 38.96 20.70
C TRP F 86 -8.25 39.96 21.82
N HIS F 87 -7.19 40.54 22.38
CA HIS F 87 -7.28 41.49 23.48
C HIS F 87 -8.24 42.63 23.15
N HIS F 88 -8.06 43.20 21.96
CA HIS F 88 -8.91 44.29 21.51
C HIS F 88 -10.37 43.82 21.52
N THR F 89 -10.62 42.63 20.98
CA THR F 89 -11.98 42.10 20.89
C THR F 89 -12.65 41.87 22.23
N PHE F 90 -12.00 41.09 23.10
CA PHE F 90 -12.58 40.79 24.40
C PHE F 90 -12.75 42.03 25.28
N TYR F 91 -11.73 42.86 25.33
CA TYR F 91 -11.78 43.98 26.26
C TYR F 91 -12.63 45.17 25.79
N ASN F 92 -12.41 45.67 24.57
CA ASN F 92 -13.09 46.92 24.22
C ASN F 92 -14.32 46.76 23.30
N GLU F 93 -14.78 45.53 23.11
CA GLU F 93 -15.96 45.30 22.27
C GLU F 93 -17.13 44.65 23.01
N LEU F 94 -17.06 43.32 23.16
CA LEU F 94 -18.17 42.55 23.72
C LEU F 94 -18.49 42.88 25.17
N ARG F 95 -17.59 43.62 25.82
CA ARG F 95 -17.76 44.01 27.23
C ARG F 95 -17.87 42.74 28.06
N VAL F 96 -16.97 41.80 27.81
CA VAL F 96 -16.96 40.54 28.53
C VAL F 96 -15.68 40.34 29.33
N ALA F 97 -15.84 39.90 30.58
CA ALA F 97 -14.70 39.56 31.42
C ALA F 97 -13.98 38.34 30.85
N PRO F 98 -12.69 38.19 31.16
CA PRO F 98 -11.95 37.01 30.68
C PRO F 98 -12.33 35.71 31.40
N GLU F 99 -12.73 35.81 32.66
CA GLU F 99 -13.07 34.64 33.47
C GLU F 99 -14.56 34.31 33.40
N GLU F 100 -15.27 35.09 32.60
CA GLU F 100 -16.68 34.88 32.32
C GLU F 100 -16.98 33.40 32.03
N HIS F 101 -16.28 32.82 31.06
CA HIS F 101 -16.61 31.46 30.60
C HIS F 101 -15.42 30.55 30.26
N PRO F 102 -15.74 29.26 30.05
CA PRO F 102 -14.96 28.31 29.24
C PRO F 102 -15.29 28.53 27.76
N THR F 103 -14.29 28.58 26.90
CA THR F 103 -14.51 29.01 25.52
C THR F 103 -14.45 27.87 24.49
N LEU F 104 -14.87 28.17 23.27
CA LEU F 104 -14.92 27.21 22.18
C LEU F 104 -14.29 27.80 20.92
N LEU F 105 -13.23 27.18 20.44
CA LEU F 105 -12.54 27.67 19.24
C LEU F 105 -12.60 26.68 18.09
N THR F 106 -12.45 27.19 16.87
CA THR F 106 -12.40 26.34 15.69
C THR F 106 -11.04 26.49 15.01
N GLU F 107 -10.70 25.50 14.20
CA GLU F 107 -9.47 25.51 13.43
C GLU F 107 -9.74 24.92 12.06
N ALA F 108 -8.69 24.77 11.25
CA ALA F 108 -8.80 23.99 10.04
C ALA F 108 -8.75 22.52 10.45
N PRO F 109 -9.10 21.60 9.53
CA PRO F 109 -9.05 20.21 9.96
C PRO F 109 -7.62 19.66 10.05
N LEU F 110 -6.75 20.10 9.15
CA LEU F 110 -5.39 19.57 9.10
C LEU F 110 -4.35 20.66 9.27
N ASN F 111 -4.63 21.62 10.16
CA ASN F 111 -3.70 22.71 10.40
C ASN F 111 -2.49 22.16 11.13
N PRO F 112 -1.29 22.53 10.67
CA PRO F 112 -0.04 22.08 11.29
C PRO F 112 0.01 22.32 12.79
N LYS F 113 -0.06 21.29 13.62
CA LYS F 113 0.13 21.53 15.04
C LYS F 113 1.64 21.61 15.24
N ALA F 114 2.10 22.56 16.06
CA ALA F 114 1.24 23.22 17.03
C ALA F 114 0.84 24.63 16.61
N ASN F 115 -0.14 24.73 15.72
CA ASN F 115 -0.75 26.01 15.41
C ASN F 115 -1.97 26.23 16.29
N ARG F 116 -2.38 25.18 17.00
CA ARG F 116 -3.49 25.29 17.94
C ARG F 116 -2.92 25.56 19.32
N GLU F 117 -1.73 25.01 19.59
CA GLU F 117 -1.11 25.18 20.89
C GLU F 117 -0.87 26.66 21.17
N LYS F 118 0.11 27.25 20.49
CA LYS F 118 0.53 28.62 20.76
C LYS F 118 -0.65 29.55 21.03
N MET F 119 -1.74 29.33 20.28
CA MET F 119 -3.01 29.99 20.55
C MET F 119 -3.54 29.60 21.91
N THR F 120 -3.86 28.32 22.07
CA THR F 120 -4.49 27.81 23.28
C THR F 120 -3.75 28.29 24.52
N GLN F 121 -2.43 28.26 24.45
CA GLN F 121 -1.56 28.58 25.56
C GLN F 121 -1.53 30.08 25.82
N ILE F 122 -1.25 30.86 24.79
CA ILE F 122 -1.17 32.32 24.96
C ILE F 122 -2.50 32.84 25.50
N MET F 123 -3.60 32.40 24.90
CA MET F 123 -4.94 32.75 25.34
C MET F 123 -5.21 32.24 26.75
N PHE F 124 -4.53 31.15 27.12
CA PHE F 124 -4.77 30.53 28.41
C PHE F 124 -4.08 31.29 29.55
N GLU F 125 -2.87 31.77 29.27
CA GLU F 125 -2.06 32.45 30.28
C GLU F 125 -2.40 33.94 30.35
N THR F 126 -2.79 34.51 29.21
CA THR F 126 -3.16 35.91 29.15
C THR F 126 -4.59 36.13 29.59
N PHE F 127 -5.52 35.38 29.01
CA PHE F 127 -6.95 35.64 29.17
C PHE F 127 -7.59 34.72 30.22
N ASN F 128 -6.88 33.65 30.58
CA ASN F 128 -7.24 32.85 31.75
C ASN F 128 -8.67 32.30 31.75
N VAL F 129 -9.24 32.12 30.56
CA VAL F 129 -10.48 31.37 30.43
C VAL F 129 -10.26 30.00 31.06
N PRO F 130 -10.97 29.72 32.17
CA PRO F 130 -10.69 28.57 33.04
C PRO F 130 -10.81 27.20 32.36
N ALA F 131 -11.30 27.15 31.12
CA ALA F 131 -11.30 25.90 30.36
C ALA F 131 -11.05 26.13 28.87
N MET F 132 -11.39 25.14 28.05
CA MET F 132 -11.11 25.20 26.61
C MET F 132 -11.66 23.97 25.87
N TYR F 133 -11.94 24.13 24.57
CA TYR F 133 -12.27 23.03 23.68
C TYR F 133 -12.23 23.55 22.26
N VAL F 134 -11.63 22.77 21.35
CA VAL F 134 -11.54 23.20 19.97
C VAL F 134 -12.15 22.19 19.01
N ALA F 135 -13.23 22.58 18.35
CA ALA F 135 -13.90 21.72 17.39
C ALA F 135 -13.55 22.16 15.98
N ILE F 136 -13.38 21.21 15.07
CA ILE F 136 -12.94 21.53 13.71
C ILE F 136 -14.04 22.22 12.89
N GLN F 137 -13.62 23.16 12.04
CA GLN F 137 -14.53 24.08 11.36
C GLN F 137 -15.51 23.39 10.41
N ALA F 138 -15.11 22.25 9.86
CA ALA F 138 -15.97 21.52 8.93
C ALA F 138 -17.16 20.88 9.63
N VAL F 139 -16.89 20.16 10.71
CA VAL F 139 -17.92 19.42 11.45
C VAL F 139 -19.10 20.30 11.87
N LEU F 140 -18.80 21.52 12.30
CA LEU F 140 -19.83 22.43 12.80
C LEU F 140 -20.86 22.78 11.72
N SER F 141 -20.45 22.71 10.46
CA SER F 141 -21.30 23.10 9.35
C SER F 141 -22.48 22.13 9.17
N LEU F 142 -22.44 21.00 9.86
CA LEU F 142 -23.54 20.03 9.82
C LEU F 142 -24.62 20.42 10.82
N TYR F 143 -24.21 21.07 11.91
CA TYR F 143 -25.13 21.48 12.97
C TYR F 143 -26.05 22.62 12.58
N ALA F 144 -25.86 23.17 11.37
CA ALA F 144 -26.69 24.27 10.91
C ALA F 144 -28.13 23.83 10.69
N SER F 145 -28.35 23.09 9.59
CA SER F 145 -29.67 22.57 9.28
C SER F 145 -29.92 21.29 10.08
N GLY F 146 -28.95 20.94 10.92
CA GLY F 146 -29.07 19.83 11.85
C GLY F 146 -29.20 18.46 11.22
N ARG F 147 -28.37 18.18 10.22
CA ARG F 147 -28.28 16.83 9.66
C ARG F 147 -27.24 16.04 10.40
N THR F 148 -27.23 14.72 10.23
CA THR F 148 -26.24 13.87 10.89
C THR F 148 -25.26 13.29 9.89
N THR F 149 -25.62 13.31 8.62
CA THR F 149 -24.85 12.66 7.58
C THR F 149 -24.35 13.68 6.57
N GLY F 150 -23.39 13.29 5.74
CA GLY F 150 -23.03 14.08 4.59
C GLY F 150 -21.55 14.42 4.44
N ILE F 151 -21.18 14.73 3.20
CA ILE F 151 -19.86 15.27 2.91
C ILE F 151 -19.96 16.79 2.88
N VAL F 152 -19.17 17.45 3.72
CA VAL F 152 -19.21 18.89 3.82
C VAL F 152 -18.07 19.54 3.05
N LEU F 153 -18.44 20.44 2.13
CA LEU F 153 -17.48 21.21 1.36
C LEU F 153 -17.44 22.61 1.93
N ASP F 154 -16.51 22.86 2.84
CA ASP F 154 -16.47 24.17 3.50
C ASP F 154 -15.29 24.98 2.98
N SER F 155 -15.61 25.99 2.18
CA SER F 155 -14.61 26.82 1.54
C SER F 155 -14.77 28.28 1.90
N GLY F 156 -13.83 28.78 2.69
CA GLY F 156 -13.73 30.21 2.94
C GLY F 156 -12.29 30.63 2.71
N ASP F 157 -12.09 31.91 2.48
CA ASP F 157 -10.74 32.48 2.42
C ASP F 157 -10.06 32.13 3.76
N GLY F 158 -8.90 31.48 3.70
CA GLY F 158 -8.29 31.06 2.46
C GLY F 158 -7.94 29.58 2.37
N VAL F 159 -8.71 28.75 3.09
CA VAL F 159 -8.53 27.30 3.04
C VAL F 159 -9.86 26.57 2.92
N THR F 160 -10.03 25.78 1.86
CA THR F 160 -11.22 24.96 1.75
C THR F 160 -10.93 23.55 2.28
N HIS F 161 -11.97 22.81 2.64
CA HIS F 161 -11.82 21.42 3.01
C HIS F 161 -13.04 20.62 2.62
N ASN F 162 -12.84 19.31 2.50
CA ASN F 162 -13.89 18.38 2.15
C ASN F 162 -13.96 17.25 3.16
N VAL F 163 -14.79 17.40 4.20
CA VAL F 163 -14.83 16.38 5.23
C VAL F 163 -16.13 15.58 5.19
N PRO F 164 -16.02 14.28 4.88
CA PRO F 164 -17.15 13.35 4.86
C PRO F 164 -17.43 12.74 6.22
N ILE F 165 -18.67 12.84 6.67
CA ILE F 165 -19.08 12.24 7.93
C ILE F 165 -20.32 11.37 7.75
N TYR F 166 -20.27 10.17 8.30
CA TYR F 166 -21.46 9.32 8.34
C TYR F 166 -22.06 9.42 9.73
N GLU F 167 -23.17 8.72 9.94
CA GLU F 167 -23.88 8.74 11.22
C GLU F 167 -23.35 7.67 12.18
N GLY F 168 -22.68 8.10 13.25
CA GLY F 168 -22.38 9.50 13.49
C GLY F 168 -20.88 9.76 13.53
N TYR F 169 -20.10 8.68 13.43
CA TYR F 169 -18.64 8.77 13.43
C TYR F 169 -18.16 9.47 12.15
N ALA F 170 -16.91 9.91 12.13
CA ALA F 170 -16.40 10.68 10.99
C ALA F 170 -15.13 10.10 10.41
N LEU F 171 -15.16 9.83 9.11
CA LEU F 171 -14.00 9.29 8.40
C LEU F 171 -12.92 10.36 8.33
N PRO F 172 -11.76 10.10 8.95
CA PRO F 172 -10.68 11.09 8.98
C PRO F 172 -9.87 11.16 7.69
N HIS F 173 -9.65 10.03 7.03
CA HIS F 173 -8.67 9.95 5.96
C HIS F 173 -9.22 10.28 4.58
N ALA F 174 -10.52 10.49 4.49
CA ALA F 174 -11.14 10.73 3.20
C ALA F 174 -11.25 12.23 2.88
N ILE F 175 -10.41 13.03 3.53
CA ILE F 175 -10.48 14.49 3.36
C ILE F 175 -9.30 15.02 2.53
N MET F 176 -9.61 15.79 1.50
CA MET F 176 -8.57 16.43 0.70
C MET F 176 -8.67 17.94 0.86
N ARG F 177 -7.55 18.57 1.22
CA ARG F 177 -7.57 20.00 1.47
C ARG F 177 -6.82 20.74 0.39
N LEU F 178 -7.53 21.63 -0.30
CA LEU F 178 -6.96 22.41 -1.38
C LEU F 178 -6.70 23.82 -0.88
N ASP F 179 -5.48 24.32 -1.09
CA ASP F 179 -5.20 25.70 -0.76
C ASP F 179 -5.67 26.55 -1.93
N LEU F 180 -6.98 26.79 -2.01
CA LEU F 180 -7.56 27.52 -3.13
C LEU F 180 -8.17 28.86 -2.71
N ALA F 181 -9.50 28.92 -2.64
CA ALA F 181 -10.21 30.15 -2.28
C ALA F 181 -9.73 30.65 -0.92
N GLY F 182 -9.74 31.96 -0.69
CA GLY F 182 -10.26 32.93 -1.63
C GLY F 182 -9.27 34.00 -2.06
N ARG F 183 -8.14 34.13 -1.35
CA ARG F 183 -7.14 35.13 -1.70
C ARG F 183 -6.57 34.85 -3.09
N ASP F 184 -6.64 33.60 -3.51
CA ASP F 184 -6.18 33.23 -4.83
C ASP F 184 -7.21 33.68 -5.86
N LEU F 185 -8.47 33.73 -5.46
CA LEU F 185 -9.54 34.23 -6.32
C LEU F 185 -9.51 35.75 -6.40
N THR F 186 -9.28 36.39 -5.26
CA THR F 186 -9.13 37.85 -5.22
C THR F 186 -7.94 38.24 -6.09
N ASP F 187 -6.79 37.65 -5.82
CA ASP F 187 -5.57 37.93 -6.56
C ASP F 187 -5.71 37.58 -8.04
N TYR F 188 -6.44 36.51 -8.36
CA TYR F 188 -6.63 36.14 -9.76
C TYR F 188 -7.50 37.17 -10.46
N LEU F 189 -8.55 37.62 -9.79
CA LEU F 189 -9.42 38.64 -10.34
C LEU F 189 -8.62 39.91 -10.60
N MET F 190 -7.74 40.24 -9.66
CA MET F 190 -6.88 41.42 -9.80
C MET F 190 -5.89 41.23 -10.94
N LYS F 191 -5.50 39.99 -11.20
CA LYS F 191 -4.54 39.68 -12.26
C LYS F 191 -5.19 39.71 -13.65
N ILE F 192 -6.48 39.41 -13.72
CA ILE F 192 -7.19 39.40 -14.98
C ILE F 192 -7.99 40.67 -15.22
N LEU F 193 -8.02 41.55 -14.22
CA LEU F 193 -8.71 42.81 -14.38
C LEU F 193 -7.76 43.82 -15.01
N THR F 194 -6.47 43.56 -14.89
CA THR F 194 -5.44 44.40 -15.52
C THR F 194 -5.60 44.39 -17.03
N GLU F 195 -6.26 43.35 -17.52
CA GLU F 195 -6.49 43.15 -18.94
C GLU F 195 -7.26 44.34 -19.52
N ARG F 196 -8.02 45.03 -18.70
CA ARG F 196 -8.73 46.23 -19.17
C ARG F 196 -8.19 47.52 -18.57
N GLY F 197 -6.92 47.51 -18.19
CA GLY F 197 -6.21 48.76 -17.91
C GLY F 197 -6.29 49.19 -16.46
N TYR F 198 -7.09 48.49 -15.68
CA TYR F 198 -7.27 48.85 -14.29
C TYR F 198 -6.10 48.36 -13.46
N SER F 199 -5.39 49.28 -12.83
CA SER F 199 -4.22 48.95 -12.04
C SER F 199 -4.56 48.94 -10.55
N PHE F 200 -4.30 47.81 -9.90
CA PHE F 200 -4.72 47.60 -8.52
C PHE F 200 -3.55 47.16 -7.63
N VAL F 201 -2.40 47.82 -7.80
CA VAL F 201 -1.17 47.35 -7.16
C VAL F 201 -1.19 47.30 -5.61
N THR F 202 -1.75 48.31 -4.95
CA THR F 202 -1.58 48.44 -3.50
C THR F 202 -2.51 47.51 -2.70
N THR F 203 -2.02 47.08 -1.53
CA THR F 203 -2.70 46.13 -0.65
C THR F 203 -4.09 46.62 -0.22
N ALA F 204 -4.14 47.86 0.26
CA ALA F 204 -5.40 48.44 0.70
C ALA F 204 -6.45 48.33 -0.40
N GLU F 205 -6.05 48.72 -1.61
CA GLU F 205 -6.98 48.78 -2.72
C GLU F 205 -7.53 47.39 -3.02
N ARG F 206 -6.79 46.36 -2.65
CA ARG F 206 -7.21 44.98 -2.91
C ARG F 206 -8.58 44.73 -2.29
N GLU F 207 -8.89 45.41 -1.20
CA GLU F 207 -10.18 45.23 -0.56
C GLU F 207 -11.30 45.51 -1.55
N ILE F 208 -11.14 46.59 -2.31
CA ILE F 208 -12.11 46.99 -3.31
C ILE F 208 -12.30 45.88 -4.34
N VAL F 209 -11.21 45.22 -4.71
CA VAL F 209 -11.28 44.11 -5.66
C VAL F 209 -12.25 43.07 -5.14
N ARG F 210 -12.09 42.74 -3.85
CA ARG F 210 -12.92 41.75 -3.20
C ARG F 210 -14.39 42.15 -3.30
N ASP F 211 -14.66 43.44 -3.18
CA ASP F 211 -16.03 43.92 -3.24
C ASP F 211 -16.63 43.75 -4.65
N ILE F 212 -15.80 43.95 -5.68
CA ILE F 212 -16.29 43.75 -7.04
C ILE F 212 -16.47 42.26 -7.29
N LYS F 213 -15.83 41.44 -6.46
CA LYS F 213 -16.03 40.00 -6.51
C LYS F 213 -17.41 39.67 -5.93
N GLU F 214 -17.83 40.46 -4.94
CA GLU F 214 -19.09 40.23 -4.24
C GLU F 214 -20.30 40.29 -5.16
N LYS F 215 -20.62 41.51 -5.61
CA LYS F 215 -21.87 41.76 -6.32
C LYS F 215 -21.79 41.26 -7.75
N LEU F 216 -20.75 41.70 -8.44
CA LEU F 216 -20.61 41.42 -9.86
C LEU F 216 -19.92 40.09 -10.12
N CYS F 217 -20.64 39.00 -9.92
CA CYS F 217 -20.10 37.68 -10.14
C CYS F 217 -21.21 36.65 -10.35
N TYR F 218 -20.90 35.62 -11.11
CA TYR F 218 -21.81 34.51 -11.35
C TYR F 218 -21.09 33.41 -12.11
N VAL F 219 -21.31 32.17 -11.71
CA VAL F 219 -20.68 31.03 -12.38
C VAL F 219 -21.60 30.52 -13.48
N ALA F 220 -21.05 30.34 -14.68
CA ALA F 220 -21.83 29.85 -15.82
C ALA F 220 -22.29 28.40 -15.58
N LEU F 221 -23.04 27.84 -16.53
CA LEU F 221 -23.44 26.44 -16.43
C LEU F 221 -22.65 25.57 -17.42
N ASP F 222 -22.44 26.09 -18.62
CA ASP F 222 -21.62 25.42 -19.62
C ASP F 222 -20.63 26.45 -20.15
N PHE F 223 -19.51 26.58 -19.47
CA PHE F 223 -18.52 27.62 -19.77
C PHE F 223 -18.04 27.69 -21.21
N GLU F 224 -17.41 26.60 -21.65
CA GLU F 224 -16.74 26.56 -22.94
C GLU F 224 -17.63 27.04 -24.09
N ASN F 225 -18.92 26.68 -24.01
CA ASN F 225 -19.88 27.10 -25.03
C ASN F 225 -20.42 28.50 -24.73
N GLU F 226 -20.42 28.88 -23.46
CA GLU F 226 -20.89 30.20 -23.07
C GLU F 226 -19.95 31.30 -23.55
N MET F 227 -18.65 31.00 -23.64
CA MET F 227 -17.69 32.01 -24.08
C MET F 227 -17.88 32.48 -25.51
N ALA F 228 -18.29 31.58 -26.40
CA ALA F 228 -18.53 31.95 -27.78
C ALA F 228 -19.55 33.08 -27.85
N THR F 229 -20.73 32.86 -27.26
CA THR F 229 -21.81 33.83 -27.30
C THR F 229 -21.51 35.03 -26.39
N ALA F 230 -20.57 34.84 -25.47
CA ALA F 230 -20.13 35.93 -24.61
C ALA F 230 -19.51 37.04 -25.45
N ALA F 231 -18.86 36.63 -26.53
CA ALA F 231 -18.21 37.56 -27.44
C ALA F 231 -19.22 38.44 -28.18
N SER F 232 -20.45 37.95 -28.31
CA SER F 232 -21.52 38.74 -28.91
C SER F 232 -21.67 40.08 -28.20
N SER F 233 -22.11 41.11 -28.92
CA SER F 233 -22.10 42.48 -28.40
C SER F 233 -23.00 42.67 -27.19
N SER F 234 -24.08 41.88 -27.12
CA SER F 234 -25.00 41.93 -25.98
C SER F 234 -24.24 41.83 -24.67
N SER F 235 -24.37 42.88 -23.85
CA SER F 235 -23.53 43.01 -22.68
C SER F 235 -23.92 42.00 -21.62
N LEU F 236 -22.99 41.11 -21.29
CA LEU F 236 -23.11 40.27 -20.12
C LEU F 236 -22.21 40.92 -19.09
N GLU F 237 -21.98 42.21 -19.34
CA GLU F 237 -21.17 43.08 -18.51
C GLU F 237 -22.05 44.04 -17.70
N LYS F 238 -21.81 44.09 -16.41
CA LYS F 238 -22.47 45.07 -15.55
C LYS F 238 -21.42 46.03 -15.02
N SER F 239 -21.75 47.32 -15.01
CA SER F 239 -20.77 48.33 -14.67
C SER F 239 -20.86 48.76 -13.20
N TYR F 240 -19.79 48.49 -12.46
CA TYR F 240 -19.73 48.83 -11.04
C TYR F 240 -19.05 50.18 -10.91
N GLU F 241 -19.37 50.91 -9.85
CA GLU F 241 -18.75 52.21 -9.63
C GLU F 241 -17.83 52.18 -8.42
N LEU F 242 -16.69 52.85 -8.54
CA LEU F 242 -15.59 52.68 -7.57
C LEU F 242 -15.58 53.89 -6.63
N PRO F 243 -15.25 53.67 -5.35
CA PRO F 243 -15.34 54.66 -4.27
C PRO F 243 -14.93 56.09 -4.62
N ASP F 244 -13.91 56.26 -5.47
CA ASP F 244 -13.59 57.61 -5.95
C ASP F 244 -14.59 58.02 -7.04
N GLY F 245 -14.10 58.68 -8.09
CA GLY F 245 -14.95 59.01 -9.22
C GLY F 245 -15.14 57.82 -10.16
N GLN F 246 -14.08 57.05 -10.33
CA GLN F 246 -13.95 56.09 -11.43
C GLN F 246 -15.12 55.12 -11.57
N VAL F 247 -15.53 54.87 -12.81
CA VAL F 247 -16.55 53.88 -13.12
C VAL F 247 -15.90 52.72 -13.88
N ILE F 248 -16.00 51.52 -13.32
CA ILE F 248 -15.34 50.37 -13.94
C ILE F 248 -16.37 49.42 -14.54
N THR F 249 -16.15 49.07 -15.81
CA THR F 249 -17.06 48.20 -16.54
C THR F 249 -16.39 46.85 -16.83
N ILE F 250 -16.76 45.83 -16.06
CA ILE F 250 -16.22 44.49 -16.28
C ILE F 250 -17.27 43.56 -16.89
N GLY F 251 -16.82 42.73 -17.84
CA GLY F 251 -17.67 41.77 -18.49
C GLY F 251 -16.94 40.44 -18.56
N ASN F 252 -17.28 39.61 -19.53
CA ASN F 252 -16.60 38.33 -19.79
C ASN F 252 -15.98 37.71 -18.55
N GLU F 253 -14.80 38.23 -18.19
CA GLU F 253 -14.03 37.77 -17.06
C GLU F 253 -14.83 37.76 -15.75
N ARG F 254 -15.89 38.56 -15.69
CA ARG F 254 -16.79 38.60 -14.53
C ARG F 254 -17.27 37.19 -14.17
N PHE F 255 -17.57 36.39 -15.19
CA PHE F 255 -17.95 35.01 -14.95
C PHE F 255 -16.75 34.05 -15.11
N ARG F 256 -15.68 34.51 -15.75
CA ARG F 256 -14.49 33.68 -15.91
C ARG F 256 -13.75 33.46 -14.61
N CYS F 257 -13.48 34.54 -13.88
CA CYS F 257 -12.72 34.49 -12.64
C CYS F 257 -13.22 33.44 -11.62
N PRO F 258 -14.53 33.43 -11.30
CA PRO F 258 -14.95 32.42 -10.31
C PRO F 258 -14.83 31.00 -10.85
N GLU F 259 -14.99 30.85 -12.17
CA GLU F 259 -14.93 29.55 -12.82
C GLU F 259 -13.63 28.82 -12.50
N THR F 260 -12.57 29.59 -12.22
CA THR F 260 -11.28 29.08 -11.75
C THR F 260 -11.41 28.01 -10.67
N LEU F 261 -12.45 28.10 -9.85
CA LEU F 261 -12.71 27.13 -8.79
C LEU F 261 -12.69 25.68 -9.31
N PHE F 262 -13.29 25.44 -10.47
CA PHE F 262 -13.02 24.21 -11.20
C PHE F 262 -11.93 24.55 -12.20
N GLN F 263 -11.19 23.56 -12.67
CA GLN F 263 -10.20 23.79 -13.73
C GLN F 263 -9.15 24.82 -13.27
N PRO F 264 -8.43 24.54 -12.17
CA PRO F 264 -7.52 25.56 -11.66
C PRO F 264 -6.15 25.51 -12.33
N SER F 265 -6.15 25.22 -13.63
CA SER F 265 -4.94 25.30 -14.43
C SER F 265 -4.59 26.77 -14.63
N PHE F 266 -5.63 27.60 -14.70
CA PHE F 266 -5.50 29.03 -14.88
C PHE F 266 -4.54 29.65 -13.88
N ILE F 267 -4.50 29.07 -12.69
CA ILE F 267 -3.63 29.55 -11.62
C ILE F 267 -2.22 29.00 -11.77
N GLY F 268 -2.12 27.79 -12.34
CA GLY F 268 -0.83 27.14 -12.48
C GLY F 268 -0.59 26.16 -11.36
N MET F 269 -1.68 25.65 -10.78
CA MET F 269 -1.60 24.65 -9.74
C MET F 269 -2.19 23.35 -10.29
N GLU F 270 -1.51 22.24 -10.00
CA GLU F 270 -1.82 20.97 -10.65
C GLU F 270 -3.00 20.25 -10.02
N SER F 271 -3.20 20.45 -8.73
CA SER F 271 -4.31 19.82 -8.04
C SER F 271 -5.63 20.17 -8.73
N ALA F 272 -6.39 19.15 -9.12
CA ALA F 272 -7.57 19.35 -9.95
C ALA F 272 -8.67 20.05 -9.15
N GLY F 273 -9.67 20.56 -9.87
CA GLY F 273 -10.71 21.40 -9.28
C GLY F 273 -11.56 20.74 -8.20
N ILE F 274 -12.27 21.59 -7.45
CA ILE F 274 -13.22 21.15 -6.41
C ILE F 274 -14.21 20.13 -6.98
N HIS F 275 -14.65 20.38 -8.22
CA HIS F 275 -15.29 19.39 -9.08
C HIS F 275 -14.81 17.99 -8.73
N GLU F 276 -13.52 17.76 -8.94
CA GLU F 276 -12.98 16.42 -8.85
C GLU F 276 -12.64 16.05 -7.42
N THR F 277 -12.31 17.03 -6.59
CA THR F 277 -11.92 16.70 -5.21
C THR F 277 -13.11 16.22 -4.39
N THR F 278 -14.31 16.71 -4.71
CA THR F 278 -15.51 16.23 -4.02
C THR F 278 -15.72 14.74 -4.27
N TYR F 279 -15.79 14.37 -5.54
CA TYR F 279 -15.93 12.97 -5.94
C TYR F 279 -14.78 12.11 -5.43
N ASN F 280 -13.55 12.56 -5.66
CA ASN F 280 -12.36 11.78 -5.32
C ASN F 280 -12.22 11.62 -3.81
N SER F 281 -12.83 12.51 -3.05
CA SER F 281 -12.86 12.37 -1.60
C SER F 281 -13.96 11.37 -1.24
N ILE F 282 -15.06 11.42 -1.98
CA ILE F 282 -16.20 10.55 -1.69
C ILE F 282 -15.85 9.08 -1.95
N MET F 283 -15.29 8.77 -3.11
CA MET F 283 -14.88 7.40 -3.40
C MET F 283 -13.56 7.06 -2.73
N LYS F 284 -13.21 7.82 -1.70
CA LYS F 284 -12.11 7.45 -0.82
C LYS F 284 -12.69 6.90 0.48
N CYS F 285 -14.01 6.81 0.52
CA CYS F 285 -14.71 6.16 1.62
C CYS F 285 -14.98 4.71 1.28
N ASP F 286 -15.76 4.04 2.12
CA ASP F 286 -16.11 2.64 1.85
C ASP F 286 -17.30 2.54 0.89
N ILE F 287 -17.27 1.51 0.05
CA ILE F 287 -18.18 1.37 -1.07
C ILE F 287 -19.67 1.43 -0.68
N ASP F 288 -20.01 0.91 0.50
CA ASP F 288 -21.41 0.83 0.92
C ASP F 288 -22.00 2.20 1.28
N ILE F 289 -21.19 3.06 1.87
CA ILE F 289 -21.70 4.30 2.45
C ILE F 289 -22.02 5.38 1.41
N ARG F 290 -21.40 5.29 0.24
CA ARG F 290 -21.45 6.36 -0.76
C ARG F 290 -22.87 6.76 -1.15
N LYS F 291 -23.79 5.79 -1.11
CA LYS F 291 -25.18 6.01 -1.49
C LYS F 291 -25.75 7.23 -0.77
N ASP F 292 -25.36 7.45 0.47
CA ASP F 292 -25.96 8.57 1.19
C ASP F 292 -24.97 9.71 1.39
N LEU F 293 -23.73 9.51 0.97
CA LEU F 293 -22.80 10.65 0.95
C LEU F 293 -23.19 11.55 -0.20
N TYR F 294 -23.63 10.93 -1.29
CA TYR F 294 -24.28 11.67 -2.36
C TYR F 294 -25.59 12.23 -1.83
N ALA F 295 -26.18 13.16 -2.58
CA ALA F 295 -27.49 13.73 -2.24
C ALA F 295 -27.53 14.36 -0.86
N ASN F 296 -26.36 14.77 -0.35
CA ASN F 296 -26.31 15.42 0.94
C ASN F 296 -25.11 16.32 1.13
N ASN F 297 -24.51 16.78 0.04
CA ASN F 297 -23.52 17.84 0.14
C ASN F 297 -24.18 19.07 0.74
N VAL F 298 -23.77 19.44 1.94
CA VAL F 298 -24.26 20.68 2.53
C VAL F 298 -23.09 21.66 2.54
N MET F 299 -23.21 22.69 1.72
CA MET F 299 -22.11 23.63 1.55
C MET F 299 -22.18 24.73 2.59
N SER F 300 -21.05 25.42 2.77
CA SER F 300 -20.94 26.49 3.74
C SER F 300 -19.78 27.40 3.36
N GLY F 301 -19.49 28.37 4.22
CA GLY F 301 -18.41 29.30 3.96
C GLY F 301 -18.91 30.52 3.22
N GLY F 302 -17.98 31.32 2.70
CA GLY F 302 -18.35 32.53 1.98
C GLY F 302 -18.07 32.44 0.50
N THR F 303 -17.64 31.26 0.03
CA THR F 303 -17.32 31.10 -1.38
C THR F 303 -18.39 30.28 -2.07
N THR F 304 -19.42 29.92 -1.31
CA THR F 304 -20.60 29.31 -1.90
C THR F 304 -21.73 30.33 -1.93
N MET F 305 -21.36 31.57 -2.22
CA MET F 305 -22.33 32.65 -2.32
C MET F 305 -22.57 32.99 -3.78
N TYR F 306 -21.77 32.40 -4.65
CA TYR F 306 -21.95 32.57 -6.09
C TYR F 306 -23.31 32.07 -6.54
N PRO F 307 -23.96 32.80 -7.46
CA PRO F 307 -25.25 32.41 -8.04
C PRO F 307 -25.13 31.32 -9.11
N GLY F 308 -23.95 30.76 -9.28
CA GLY F 308 -23.72 29.70 -10.24
C GLY F 308 -24.07 28.33 -9.71
N ILE F 309 -23.28 27.85 -8.77
CA ILE F 309 -23.58 26.60 -8.05
C ILE F 309 -25.01 26.68 -7.47
N ALA F 310 -25.66 25.55 -7.22
CA ALA F 310 -25.07 24.21 -7.27
C ALA F 310 -25.33 23.39 -8.52
N ASP F 311 -26.03 23.94 -9.50
CA ASP F 311 -26.50 23.10 -10.60
C ASP F 311 -25.36 23.09 -11.62
N ARG F 312 -24.42 24.02 -11.43
CA ARG F 312 -23.11 23.90 -12.05
C ARG F 312 -22.40 22.69 -11.47
N MET F 313 -22.21 22.72 -10.15
CA MET F 313 -21.65 21.61 -9.40
C MET F 313 -22.36 20.31 -9.76
N GLN F 314 -23.68 20.38 -9.90
CA GLN F 314 -24.51 19.24 -10.22
C GLN F 314 -24.15 18.67 -11.58
N LYS F 315 -24.43 19.43 -12.64
CA LYS F 315 -24.11 18.98 -14.01
C LYS F 315 -22.67 18.51 -14.13
N GLU F 316 -21.78 19.10 -13.34
CA GLU F 316 -20.40 18.70 -13.36
C GLU F 316 -20.18 17.33 -12.73
N ILE F 317 -20.81 17.09 -11.59
CA ILE F 317 -20.64 15.84 -10.87
C ILE F 317 -21.29 14.70 -11.65
N THR F 318 -22.53 14.89 -12.08
CA THR F 318 -23.30 13.85 -12.77
C THR F 318 -22.58 13.29 -13.99
N ALA F 319 -21.70 14.10 -14.58
CA ALA F 319 -20.89 13.65 -15.70
C ALA F 319 -19.73 12.77 -15.21
N LEU F 320 -19.25 13.07 -14.00
CA LEU F 320 -18.13 12.34 -13.42
C LEU F 320 -18.63 11.23 -12.49
N ALA F 321 -19.76 11.50 -11.82
CA ALA F 321 -20.32 10.54 -10.89
C ALA F 321 -20.79 9.30 -11.64
N PRO F 322 -20.94 8.17 -10.94
CA PRO F 322 -21.56 7.02 -11.59
C PRO F 322 -23.01 7.32 -11.95
N SER F 323 -23.55 6.55 -12.89
CA SER F 323 -24.93 6.77 -13.35
C SER F 323 -25.95 6.23 -12.35
N THR F 324 -27.22 6.58 -12.57
CA THR F 324 -28.34 6.10 -11.79
C THR F 324 -28.25 6.46 -10.31
N MET F 325 -27.65 7.60 -10.00
CA MET F 325 -27.54 8.03 -8.62
C MET F 325 -28.11 9.43 -8.46
N LYS F 326 -28.98 9.60 -7.47
CA LYS F 326 -29.63 10.89 -7.23
C LYS F 326 -28.78 11.78 -6.33
N ILE F 327 -28.54 13.01 -6.78
CA ILE F 327 -27.60 13.90 -6.12
C ILE F 327 -28.22 15.25 -5.75
N LYS F 328 -28.78 15.35 -4.56
CA LYS F 328 -29.21 16.65 -4.06
C LYS F 328 -28.00 17.41 -3.55
N ILE F 329 -27.98 18.72 -3.75
CA ILE F 329 -26.82 19.51 -3.40
C ILE F 329 -27.26 20.65 -2.50
N ILE F 330 -27.90 20.29 -1.39
CA ILE F 330 -28.59 21.26 -0.55
C ILE F 330 -27.61 22.21 0.12
N ALA F 331 -27.79 23.49 -0.15
CA ALA F 331 -26.99 24.53 0.49
C ALA F 331 -27.93 25.67 0.86
N PRO F 332 -28.01 25.98 2.17
CA PRO F 332 -28.96 26.95 2.71
C PRO F 332 -28.79 28.37 2.14
N PRO F 333 -29.77 29.25 2.40
CA PRO F 333 -29.44 30.68 2.42
C PRO F 333 -28.75 30.96 3.76
N GLU F 334 -28.34 32.19 4.04
CA GLU F 334 -27.80 32.55 5.36
C GLU F 334 -26.47 31.81 5.69
N ARG F 335 -25.96 31.05 4.72
CA ARG F 335 -24.82 30.14 4.92
C ARG F 335 -23.58 30.77 5.56
N LYS F 336 -23.42 32.07 5.40
CA LYS F 336 -22.23 32.76 5.88
C LYS F 336 -22.04 32.59 7.40
N TYR F 337 -23.12 32.33 8.11
CA TYR F 337 -23.04 32.19 9.56
C TYR F 337 -23.27 30.74 9.99
N SER F 338 -23.32 29.82 9.02
CA SER F 338 -23.67 28.43 9.28
C SER F 338 -22.83 27.84 10.40
N VAL F 339 -21.51 27.87 10.22
CA VAL F 339 -20.57 27.37 11.21
C VAL F 339 -20.91 27.91 12.59
N TRP F 340 -21.18 29.21 12.68
CA TRP F 340 -21.44 29.79 14.00
C TRP F 340 -22.73 29.25 14.60
N ILE F 341 -23.78 29.11 13.78
CA ILE F 341 -25.05 28.58 14.28
C ILE F 341 -24.81 27.16 14.75
N GLY F 342 -23.75 26.54 14.24
CA GLY F 342 -23.30 25.26 14.74
C GLY F 342 -22.80 25.41 16.17
N GLY F 343 -21.77 26.23 16.35
CA GLY F 343 -21.08 26.33 17.62
C GLY F 343 -22.03 26.63 18.78
N SER F 344 -22.96 27.53 18.53
CA SER F 344 -23.95 27.93 19.52
C SER F 344 -24.68 26.74 20.07
N ILE F 345 -25.10 25.87 19.17
CA ILE F 345 -25.86 24.68 19.53
C ILE F 345 -25.00 23.81 20.43
N LEU F 346 -23.71 23.77 20.15
CA LEU F 346 -22.82 22.80 20.81
C LEU F 346 -22.59 23.08 22.29
N ALA F 347 -21.92 24.19 22.62
CA ALA F 347 -21.53 24.48 24.00
C ALA F 347 -22.74 24.70 24.91
N SER F 348 -23.90 24.94 24.31
CA SER F 348 -25.13 25.10 25.08
C SER F 348 -25.71 23.72 25.34
N LEU F 349 -25.46 22.80 24.40
CA LEU F 349 -25.94 21.43 24.52
C LEU F 349 -25.20 20.64 25.59
N SER F 350 -25.95 19.80 26.30
CA SER F 350 -25.36 18.68 26.99
C SER F 350 -24.74 17.79 25.91
N THR F 351 -23.68 17.05 26.22
CA THR F 351 -23.14 16.92 27.58
C THR F 351 -21.62 17.03 27.50
N PHE F 352 -21.11 17.32 26.31
CA PHE F 352 -19.68 17.29 26.05
C PHE F 352 -18.88 18.34 26.85
N GLN F 353 -19.56 19.02 27.78
CA GLN F 353 -18.91 19.94 28.70
C GLN F 353 -17.75 19.25 29.42
N GLN F 354 -17.89 17.95 29.65
CA GLN F 354 -16.88 17.18 30.38
C GLN F 354 -15.82 16.58 29.45
N MET F 355 -15.77 17.06 28.21
CA MET F 355 -14.67 16.72 27.31
C MET F 355 -13.77 17.95 27.13
N TRP F 356 -13.95 18.93 28.02
CA TRP F 356 -13.16 20.15 28.04
C TRP F 356 -11.80 19.97 28.69
N ILE F 357 -10.97 21.01 28.59
CA ILE F 357 -9.70 21.05 29.30
C ILE F 357 -9.69 22.31 30.16
N THR F 358 -9.85 22.10 31.47
CA THR F 358 -9.90 23.19 32.45
C THR F 358 -8.54 23.54 33.04
N LYS F 359 -8.55 24.31 34.13
CA LYS F 359 -7.34 24.86 34.73
C LYS F 359 -6.48 23.80 35.40
N GLN F 360 -7.12 22.98 36.24
CA GLN F 360 -6.43 21.91 36.96
C GLN F 360 -5.75 20.91 36.04
N GLU F 361 -6.33 20.72 34.86
CA GLU F 361 -5.84 19.71 33.93
C GLU F 361 -4.86 20.29 32.92
N TYR F 362 -4.38 21.50 33.18
CA TYR F 362 -3.38 22.11 32.31
C TYR F 362 -2.08 22.32 33.07
N ASP F 363 -2.09 21.91 34.34
CA ASP F 363 -0.90 22.00 35.19
C ASP F 363 -0.12 20.68 35.12
N GLU F 364 -0.83 19.62 34.76
CA GLU F 364 -0.23 18.30 34.58
C GLU F 364 0.47 18.12 33.23
N ALA F 365 -0.30 18.18 32.15
CA ALA F 365 0.24 17.86 30.82
C ALA F 365 0.68 19.10 30.05
N GLY F 366 -0.15 20.13 30.05
CA GLY F 366 0.17 21.36 29.36
C GLY F 366 0.03 21.32 27.85
N PRO F 367 1.12 21.60 27.13
CA PRO F 367 1.22 21.69 25.66
C PRO F 367 0.65 20.49 24.90
N SER F 368 0.62 19.32 25.51
CA SER F 368 -0.01 18.16 24.90
C SER F 368 -1.47 18.12 25.32
N ILE F 369 -2.06 16.93 25.33
CA ILE F 369 -3.44 16.68 25.80
C ILE F 369 -4.53 17.46 25.06
N VAL F 370 -4.16 18.52 24.35
CA VAL F 370 -5.11 19.35 23.61
C VAL F 370 -5.80 18.54 22.51
N HIS F 371 -5.17 17.46 22.09
CA HIS F 371 -5.69 16.61 21.03
C HIS F 371 -6.14 15.26 21.56
N THR G 5 -46.64 -17.38 28.21
CA THR G 5 -46.39 -18.69 28.78
C THR G 5 -45.84 -19.66 27.73
N THR G 6 -45.75 -19.18 26.49
CA THR G 6 -45.35 -20.02 25.36
C THR G 6 -43.94 -20.54 25.55
N ALA G 7 -43.57 -21.53 24.74
CA ALA G 7 -42.18 -22.01 24.70
C ALA G 7 -41.55 -21.61 23.38
N LEU G 8 -40.25 -21.35 23.40
CA LEU G 8 -39.59 -20.77 22.23
C LEU G 8 -38.50 -21.65 21.65
N VAL G 9 -38.65 -21.95 20.36
CA VAL G 9 -37.63 -22.67 19.62
C VAL G 9 -36.70 -21.67 18.92
N CYS G 10 -35.47 -21.60 19.37
CA CYS G 10 -34.52 -20.62 18.88
C CYS G 10 -33.30 -21.30 18.34
N ASP G 11 -33.09 -21.21 17.02
CA ASP G 11 -31.92 -21.86 16.43
C ASP G 11 -30.87 -20.84 16.02
N ASN G 12 -29.69 -21.04 16.60
CA ASN G 12 -28.47 -20.34 16.23
C ASN G 12 -27.77 -21.07 15.11
N GLY G 13 -27.75 -20.47 13.93
CA GLY G 13 -26.87 -20.90 12.87
C GLY G 13 -25.91 -19.77 12.62
N SER G 14 -25.01 -19.92 11.65
CA SER G 14 -24.17 -18.80 11.24
C SER G 14 -24.96 -17.88 10.32
N GLY G 15 -26.28 -17.90 10.49
CA GLY G 15 -27.20 -17.18 9.64
C GLY G 15 -27.20 -15.69 9.89
N LEU G 16 -28.36 -15.02 9.92
CA LEU G 16 -29.74 -15.56 9.87
C LEU G 16 -30.04 -16.47 11.07
N VAL G 17 -30.04 -15.87 12.26
CA VAL G 17 -30.53 -16.54 13.48
C VAL G 17 -32.05 -16.61 13.42
N LYS G 18 -32.65 -17.73 13.80
CA LYS G 18 -34.11 -17.79 13.71
C LYS G 18 -34.78 -17.93 15.07
N ALA G 19 -35.80 -17.11 15.30
CA ALA G 19 -36.57 -17.19 16.55
C ALA G 19 -38.07 -17.00 16.30
N GLY G 20 -38.87 -17.84 16.94
CA GLY G 20 -40.31 -17.76 16.83
C GLY G 20 -40.93 -18.79 17.77
N PHE G 21 -42.09 -18.48 18.35
CA PHE G 21 -42.66 -19.34 19.39
C PHE G 21 -43.03 -20.74 18.90
N ALA G 22 -43.38 -21.62 19.85
CA ALA G 22 -43.68 -23.02 19.56
C ALA G 22 -44.72 -23.20 18.46
N GLY G 23 -44.32 -22.90 17.24
CA GLY G 23 -45.22 -22.96 16.10
C GLY G 23 -45.79 -21.59 15.75
N ASP G 24 -46.52 -21.52 14.63
CA ASP G 24 -46.83 -22.71 13.84
C ASP G 24 -46.35 -22.54 12.40
N ASP G 25 -45.74 -21.41 12.10
CA ASP G 25 -45.44 -21.04 10.71
C ASP G 25 -43.94 -20.98 10.38
N ALA G 26 -43.29 -19.90 10.81
CA ALA G 26 -41.92 -19.59 10.47
C ALA G 26 -41.45 -18.66 11.57
N PRO G 27 -40.12 -18.45 11.68
CA PRO G 27 -39.63 -17.54 12.73
C PRO G 27 -40.28 -16.16 12.72
N ARG G 28 -40.71 -15.69 13.89
CA ARG G 28 -41.27 -14.35 14.01
C ARG G 28 -40.18 -13.35 13.63
N ALA G 29 -38.94 -13.69 14.00
CA ALA G 29 -37.80 -12.79 13.83
C ALA G 29 -36.57 -13.51 13.25
N VAL G 30 -36.02 -12.88 12.20
CA VAL G 30 -34.82 -13.34 11.50
C VAL G 30 -33.88 -12.15 11.25
N PHE G 31 -32.58 -12.33 11.53
CA PHE G 31 -31.58 -11.30 11.28
C PHE G 31 -30.17 -11.90 11.16
N PRO G 32 -29.25 -11.20 10.47
CA PRO G 32 -27.92 -11.73 10.07
C PRO G 32 -26.92 -12.07 11.18
N SER G 33 -27.30 -11.89 12.45
CA SER G 33 -26.50 -12.40 13.58
C SER G 33 -25.09 -11.81 13.70
N ILE G 34 -24.94 -10.51 13.55
CA ILE G 34 -23.62 -9.91 13.62
C ILE G 34 -23.52 -8.82 14.69
N VAL G 35 -22.36 -8.75 15.35
CA VAL G 35 -21.99 -7.57 16.11
C VAL G 35 -20.82 -6.90 15.40
N GLY G 36 -20.84 -5.59 15.36
CA GLY G 36 -19.81 -4.84 14.69
C GLY G 36 -19.51 -3.56 15.44
N ARG G 37 -18.26 -3.43 15.87
CA ARG G 37 -17.85 -2.22 16.55
C ARG G 37 -17.43 -1.19 15.51
N PRO G 38 -17.54 0.09 15.87
CA PRO G 38 -17.18 1.20 14.98
C PRO G 38 -15.68 1.42 14.93
N ARG G 39 -15.08 1.19 13.76
CA ARG G 39 -13.62 1.25 13.64
C ARG G 39 -13.10 2.67 13.76
N HIS G 40 -14.00 3.64 13.96
CA HIS G 40 -13.59 5.03 14.09
C HIS G 40 -14.07 5.68 15.37
N GLN G 41 -13.60 6.91 15.58
CA GLN G 41 -14.01 7.76 16.68
C GLN G 41 -15.20 8.64 16.29
N GLY G 42 -16.20 8.71 17.17
CA GLY G 42 -17.41 9.45 16.89
C GLY G 42 -17.46 10.77 17.60
N VAL G 43 -18.02 11.79 16.95
CA VAL G 43 -18.00 13.14 17.51
C VAL G 43 -19.27 13.96 17.26
N MET G 44 -20.42 13.44 17.68
CA MET G 44 -21.65 14.23 17.59
C MET G 44 -22.62 13.96 18.77
N VAL G 45 -22.03 13.79 19.95
CA VAL G 45 -22.73 13.94 21.25
C VAL G 45 -23.83 12.88 21.46
N GLY G 46 -24.32 12.78 22.70
CA GLY G 46 -25.48 11.94 23.00
C GLY G 46 -25.37 10.99 24.18
N MET G 47 -24.37 10.11 24.25
CA MET G 47 -23.31 9.94 23.25
C MET G 47 -23.87 9.40 21.93
N GLY G 48 -25.11 8.92 21.98
CA GLY G 48 -25.85 8.60 20.77
C GLY G 48 -25.39 7.27 20.23
N GLN G 49 -24.11 7.20 19.91
CA GLN G 49 -23.54 6.03 19.26
C GLN G 49 -23.43 4.87 20.24
N LYS G 50 -23.79 3.67 19.77
CA LYS G 50 -23.69 2.46 20.58
C LYS G 50 -22.29 1.91 20.60
N ASP G 51 -21.96 1.16 21.66
CA ASP G 51 -20.65 0.54 21.79
C ASP G 51 -20.49 -0.52 20.70
N SER G 52 -21.58 -1.17 20.35
CA SER G 52 -21.59 -2.13 19.25
C SER G 52 -23.02 -2.39 18.77
N TYR G 53 -23.20 -2.37 17.46
CA TYR G 53 -24.50 -2.67 16.90
C TYR G 53 -24.63 -4.18 16.70
N VAL G 54 -25.71 -4.76 17.19
CA VAL G 54 -26.07 -6.13 16.84
C VAL G 54 -26.91 -6.03 15.57
N GLY G 55 -27.26 -7.17 14.96
CA GLY G 55 -28.25 -7.14 13.90
C GLY G 55 -29.56 -6.60 14.44
N ASP G 56 -30.41 -6.05 13.57
CA ASP G 56 -30.20 -6.04 12.13
C ASP G 56 -29.46 -4.77 11.72
N GLU G 57 -29.48 -3.78 12.60
CA GLU G 57 -28.86 -2.48 12.34
C GLU G 57 -27.38 -2.58 11.96
N ALA G 58 -26.73 -3.65 12.39
CA ALA G 58 -25.33 -3.88 12.05
C ALA G 58 -25.21 -4.36 10.62
N GLN G 59 -26.34 -4.48 9.93
CA GLN G 59 -26.36 -4.83 8.52
C GLN G 59 -26.91 -3.66 7.71
N SER G 60 -27.39 -2.64 8.42
CA SER G 60 -27.88 -1.44 7.76
C SER G 60 -26.82 -0.36 7.74
N LYS G 61 -25.87 -0.47 8.66
CA LYS G 61 -24.83 0.55 8.81
C LYS G 61 -23.44 -0.06 8.66
N ARG G 62 -23.24 -0.83 7.60
CA ARG G 62 -21.93 -1.38 7.26
C ARG G 62 -20.94 -0.27 6.92
N GLY G 63 -19.68 -0.66 6.75
CA GLY G 63 -18.65 0.24 6.25
C GLY G 63 -18.06 1.14 7.33
N ILE G 64 -18.86 1.43 8.35
CA ILE G 64 -18.39 2.23 9.46
C ILE G 64 -18.19 1.29 10.65
N LEU G 65 -18.26 0.00 10.38
CA LEU G 65 -18.10 -1.01 11.42
C LEU G 65 -17.11 -2.07 10.97
N THR G 66 -16.74 -2.98 11.88
CA THR G 66 -15.99 -4.16 11.51
C THR G 66 -16.80 -5.38 11.94
N LEU G 67 -17.56 -5.94 11.01
CA LEU G 67 -18.45 -7.04 11.33
C LEU G 67 -17.65 -8.24 11.83
N LYS G 68 -18.08 -8.77 12.97
CA LYS G 68 -17.43 -9.93 13.57
C LYS G 68 -18.46 -11.00 13.89
N TYR G 69 -18.43 -12.08 13.13
CA TYR G 69 -19.37 -13.16 13.36
C TYR G 69 -19.03 -13.87 14.67
N PRO G 70 -20.01 -13.92 15.58
CA PRO G 70 -19.85 -14.48 16.93
C PRO G 70 -19.61 -15.98 16.88
N ILE G 71 -20.02 -16.59 15.77
CA ILE G 71 -19.75 -18.00 15.55
C ILE G 71 -19.10 -18.12 14.17
N GLU G 72 -18.35 -19.19 13.97
CA GLU G 72 -17.50 -19.30 12.80
C GLU G 72 -17.08 -20.75 12.57
N HIC G 73 -17.61 -21.35 11.51
CA HIC G 73 -17.35 -22.74 11.19
C HIC G 73 -17.73 -23.64 12.37
O HIC G 73 -16.94 -24.45 12.84
CB HIC G 73 -15.88 -22.94 10.83
CG HIC G 73 -15.43 -22.11 9.66
ND1 HIC G 73 -15.68 -22.45 8.35
CD2 HIC G 73 -14.73 -20.95 9.61
CE1 HIC G 73 -15.16 -21.53 7.55
NE2 HIC G 73 -14.58 -20.61 8.29
CZ HIC G 73 -13.97 -19.58 7.86
N GLY G 74 -18.97 -23.47 12.84
CA GLY G 74 -19.53 -24.35 13.85
C GLY G 74 -19.24 -23.96 15.29
N ILE G 75 -18.00 -24.13 15.73
CA ILE G 75 -17.61 -23.70 17.07
C ILE G 75 -17.69 -22.17 17.11
N ILE G 76 -18.25 -21.62 18.18
CA ILE G 76 -18.34 -20.17 18.27
C ILE G 76 -17.00 -19.65 18.76
N THR G 77 -16.70 -18.38 18.45
CA THR G 77 -15.41 -17.82 18.80
C THR G 77 -15.37 -17.34 20.26
N ASN G 78 -16.40 -16.62 20.70
CA ASN G 78 -16.46 -16.13 22.08
C ASN G 78 -17.88 -15.80 22.54
N TRP G 79 -18.19 -16.15 23.78
CA TRP G 79 -19.53 -15.89 24.32
C TRP G 79 -19.73 -14.44 24.75
N ASP G 80 -18.69 -13.63 24.66
CA ASP G 80 -18.81 -12.22 25.01
C ASP G 80 -19.75 -11.52 24.02
N ASP G 81 -19.64 -11.89 22.75
CA ASP G 81 -20.48 -11.32 21.71
C ASP G 81 -21.79 -12.10 21.64
N MET G 82 -21.67 -13.41 21.77
CA MET G 82 -22.80 -14.34 21.70
C MET G 82 -23.88 -14.00 22.73
N GLU G 83 -23.45 -13.81 23.97
CA GLU G 83 -24.38 -13.47 25.04
C GLU G 83 -25.09 -12.17 24.70
N LYS G 84 -24.39 -11.26 24.05
CA LYS G 84 -24.99 -9.96 23.75
C LYS G 84 -26.05 -10.12 22.67
N ILE G 85 -25.76 -11.02 21.70
CA ILE G 85 -26.78 -11.43 20.75
C ILE G 85 -28.02 -11.83 21.54
N TRP G 86 -27.82 -12.76 22.47
CA TRP G 86 -28.93 -13.33 23.23
C TRP G 86 -29.74 -12.28 24.01
N HIS G 87 -29.05 -11.57 24.91
CA HIS G 87 -29.67 -10.56 25.77
C HIS G 87 -30.46 -9.55 24.94
N HIS G 88 -29.81 -9.08 23.88
CA HIS G 88 -30.45 -8.12 22.98
C HIS G 88 -31.75 -8.74 22.45
N THR G 89 -31.67 -10.00 22.00
CA THR G 89 -32.83 -10.69 21.43
C THR G 89 -34.00 -10.88 22.39
N PHE G 90 -33.74 -11.50 23.52
CA PHE G 90 -34.80 -11.77 24.49
C PHE G 90 -35.41 -10.50 25.07
N TYR G 91 -34.56 -9.55 25.47
CA TYR G 91 -35.10 -8.38 26.15
C TYR G 91 -35.71 -7.34 25.21
N ASN G 92 -34.98 -6.91 24.18
CA ASN G 92 -35.49 -5.76 23.41
C ASN G 92 -36.15 -6.10 22.06
N GLU G 93 -36.39 -7.37 21.78
CA GLU G 93 -37.03 -7.76 20.52
C GLU G 93 -38.36 -8.47 20.69
N LEU G 94 -38.30 -9.77 20.97
CA LEU G 94 -39.48 -10.61 21.01
C LEU G 94 -40.43 -10.21 22.14
N ARG G 95 -39.92 -9.40 23.06
CA ARG G 95 -40.68 -8.91 24.20
C ARG G 95 -41.20 -10.10 24.99
N VAL G 96 -40.30 -11.04 25.24
CA VAL G 96 -40.62 -12.25 25.99
C VAL G 96 -39.79 -12.29 27.27
N ALA G 97 -40.44 -12.61 28.38
CA ALA G 97 -39.75 -12.77 29.65
C ALA G 97 -38.78 -13.96 29.61
N PRO G 98 -37.76 -13.94 30.48
CA PRO G 98 -36.82 -15.06 30.58
C PRO G 98 -37.41 -16.28 31.27
N GLU G 99 -38.37 -16.08 32.19
CA GLU G 99 -38.97 -17.18 32.93
C GLU G 99 -40.24 -17.67 32.24
N GLU G 100 -40.53 -17.06 31.10
CA GLU G 100 -41.64 -17.46 30.25
C GLU G 100 -41.66 -18.97 30.02
N HIS G 101 -40.56 -19.54 29.54
CA HIS G 101 -40.57 -20.95 29.11
C HIS G 101 -39.34 -21.78 29.42
N PRO G 102 -39.48 -23.10 29.21
CA PRO G 102 -38.42 -24.06 28.88
C PRO G 102 -38.08 -23.96 27.39
N THR G 103 -36.82 -23.92 27.02
CA THR G 103 -36.42 -23.61 25.65
C THR G 103 -35.89 -24.82 24.85
N LEU G 104 -35.72 -24.61 23.55
CA LEU G 104 -35.24 -25.64 22.63
C LEU G 104 -34.11 -25.08 21.77
N LEU G 105 -32.93 -25.68 21.89
CA LEU G 105 -31.76 -25.20 21.14
C LEU G 105 -31.24 -26.24 20.15
N THR G 106 -30.53 -25.77 19.13
CA THR G 106 -29.89 -26.66 18.17
C THR G 106 -28.37 -26.47 18.21
N GLU G 107 -27.65 -27.46 17.70
CA GLU G 107 -26.20 -27.38 17.56
C GLU G 107 -25.82 -28.06 16.25
N ALA G 108 -24.52 -28.16 15.99
CA ALA G 108 -24.04 -28.99 14.90
C ALA G 108 -24.10 -30.44 15.40
N PRO G 109 -23.96 -31.41 14.49
CA PRO G 109 -24.04 -32.78 15.01
C PRO G 109 -22.78 -33.21 15.77
N LEU G 110 -21.61 -32.77 15.33
CA LEU G 110 -20.36 -33.18 15.97
C LEU G 110 -19.54 -31.99 16.45
N ASN G 111 -20.22 -30.98 16.99
CA ASN G 111 -19.52 -29.80 17.48
C ASN G 111 -18.75 -30.15 18.74
N PRO G 112 -17.49 -29.69 18.81
CA PRO G 112 -16.61 -29.90 19.97
C PRO G 112 -17.27 -29.50 21.29
N LYS G 113 -17.61 -30.46 22.15
CA LYS G 113 -18.09 -30.10 23.47
C LYS G 113 -16.85 -29.76 24.29
N ALA G 114 -16.92 -28.71 25.09
CA ALA G 114 -18.16 -28.10 25.50
C ALA G 114 -18.48 -26.81 24.77
N ASN G 115 -18.97 -26.93 23.54
CA ASN G 115 -19.53 -25.78 22.82
C ASN G 115 -21.03 -25.72 23.07
N ARG G 116 -21.57 -26.78 23.66
CA ARG G 116 -22.97 -26.80 24.04
C ARG G 116 -23.11 -26.37 25.49
N GLU G 117 -22.12 -26.73 26.31
CA GLU G 117 -22.17 -26.39 27.73
C GLU G 117 -22.19 -24.89 27.91
N LYS G 118 -21.04 -24.23 27.69
CA LYS G 118 -20.88 -22.80 27.97
C LYS G 118 -22.10 -21.97 27.56
N MET G 119 -22.71 -22.34 26.44
CA MET G 119 -23.99 -21.78 26.04
C MET G 119 -25.03 -22.11 27.08
N THR G 120 -25.32 -23.39 27.23
CA THR G 120 -26.40 -23.87 28.11
C THR G 120 -26.29 -23.25 29.50
N GLN G 121 -25.07 -23.17 30.00
CA GLN G 121 -24.79 -22.71 31.36
C GLN G 121 -24.94 -21.20 31.48
N ILE G 122 -24.24 -20.44 30.63
CA ILE G 122 -24.33 -18.99 30.70
C ILE G 122 -25.79 -18.56 30.53
N MET G 123 -26.45 -19.16 29.55
CA MET G 123 -27.87 -18.92 29.31
C MET G 123 -28.70 -19.37 30.52
N PHE G 124 -28.18 -20.33 31.28
CA PHE G 124 -28.93 -20.87 32.41
C PHE G 124 -28.90 -19.97 33.64
N GLU G 125 -27.74 -19.39 33.93
CA GLU G 125 -27.62 -18.56 35.13
C GLU G 125 -28.00 -17.11 34.83
N THR G 126 -27.80 -16.69 33.59
CA THR G 126 -28.15 -15.32 33.21
C THR G 126 -29.65 -15.20 32.93
N PHE G 127 -30.17 -16.09 32.09
CA PHE G 127 -31.54 -15.94 31.60
C PHE G 127 -32.52 -16.85 32.32
N ASN G 128 -32.01 -17.83 33.05
CA ASN G 128 -32.81 -18.61 33.99
C ASN G 128 -34.03 -19.30 33.39
N VAL G 129 -33.99 -19.59 32.09
CA VAL G 129 -35.00 -20.46 31.48
C VAL G 129 -34.99 -21.78 32.25
N PRO G 130 -36.11 -22.06 32.95
CA PRO G 130 -36.22 -23.15 33.94
C PRO G 130 -35.95 -24.56 33.41
N ALA G 131 -35.81 -24.73 32.10
CA ALA G 131 -35.42 -26.03 31.56
C ALA G 131 -34.52 -25.90 30.33
N MET G 132 -34.40 -26.98 29.55
CA MET G 132 -33.50 -26.99 28.40
C MET G 132 -33.61 -28.31 27.62
N TYR G 133 -33.30 -28.25 26.33
CA TYR G 133 -33.16 -29.43 25.48
C TYR G 133 -32.52 -29.02 24.17
N VAL G 134 -31.56 -29.80 23.71
CA VAL G 134 -30.88 -29.46 22.46
C VAL G 134 -30.98 -30.60 21.47
N ALA G 135 -31.68 -30.36 20.36
CA ALA G 135 -31.80 -31.38 19.32
C ALA G 135 -30.84 -31.03 18.20
N ILE G 136 -30.22 -32.04 17.61
CA ILE G 136 -29.21 -31.80 16.60
C ILE G 136 -29.86 -31.29 15.31
N GLN G 137 -29.18 -30.36 14.64
CA GLN G 137 -29.76 -29.58 13.54
C GLN G 137 -30.18 -30.41 12.35
N ALA G 138 -29.51 -31.54 12.13
CA ALA G 138 -29.84 -32.41 11.00
C ALA G 138 -31.18 -33.10 11.23
N VAL G 139 -31.34 -33.68 12.41
CA VAL G 139 -32.54 -34.44 12.76
C VAL G 139 -33.83 -33.64 12.56
N LEU G 140 -33.82 -32.37 12.93
CA LEU G 140 -35.01 -31.53 12.83
C LEU G 140 -35.47 -31.32 11.39
N SER G 141 -34.54 -31.38 10.45
CA SER G 141 -34.82 -31.09 9.04
C SER G 141 -35.73 -32.13 8.38
N LEU G 142 -35.96 -33.26 9.05
CA LEU G 142 -36.82 -34.30 8.52
C LEU G 142 -38.29 -33.98 8.79
N TYR G 143 -38.53 -33.27 9.89
CA TYR G 143 -39.88 -32.96 10.35
C TYR G 143 -40.60 -31.94 9.46
N ALA G 144 -39.91 -31.44 8.43
CA ALA G 144 -40.49 -30.47 7.50
C ALA G 144 -41.61 -31.13 6.71
N SER G 145 -41.22 -32.01 5.78
CA SER G 145 -42.19 -32.75 4.98
C SER G 145 -42.75 -33.92 5.80
N GLY G 146 -42.29 -34.01 7.05
CA GLY G 146 -42.79 -34.99 7.99
C GLY G 146 -42.50 -36.40 7.53
N ARG G 147 -41.29 -36.62 7.04
CA ARG G 147 -40.84 -37.96 6.69
C ARG G 147 -40.16 -38.59 7.90
N THR G 148 -40.00 -39.91 7.85
CA THR G 148 -39.36 -40.61 8.95
C THR G 148 -38.01 -41.18 8.55
N THR G 149 -37.80 -41.32 7.25
CA THR G 149 -36.60 -41.95 6.72
C THR G 149 -35.82 -40.98 5.86
N GLY G 150 -34.56 -41.31 5.55
CA GLY G 150 -33.81 -40.57 4.56
C GLY G 150 -32.44 -40.11 5.03
N ILE G 151 -31.58 -39.83 4.06
CA ILE G 151 -30.30 -39.20 4.32
C ILE G 151 -30.48 -37.68 4.14
N VAL G 152 -30.14 -36.94 5.19
CA VAL G 152 -30.32 -35.50 5.17
C VAL G 152 -29.01 -34.79 4.90
N LEU G 153 -29.01 -33.99 3.83
CA LEU G 153 -27.86 -33.17 3.45
C LEU G 153 -28.13 -31.70 3.81
N ASP G 154 -27.70 -31.28 4.99
CA ASP G 154 -27.98 -29.92 5.42
C ASP G 154 -26.74 -29.03 5.40
N SER G 155 -26.70 -28.11 4.44
CA SER G 155 -25.55 -27.25 4.25
C SER G 155 -25.93 -25.78 4.34
N GLY G 156 -25.49 -25.14 5.42
CA GLY G 156 -25.59 -23.70 5.57
C GLY G 156 -24.24 -23.17 6.00
N ASP G 157 -24.04 -21.86 5.80
CA ASP G 157 -22.88 -21.19 6.34
C ASP G 157 -22.85 -21.46 7.85
N GLY G 158 -21.75 -22.01 8.35
CA GLY G 158 -20.63 -22.44 7.54
C GLY G 158 -20.22 -23.88 7.76
N VAL G 159 -21.17 -24.72 8.15
CA VAL G 159 -20.90 -26.14 8.36
C VAL G 159 -22.01 -27.01 7.76
N THR G 160 -21.64 -27.91 6.84
CA THR G 160 -22.64 -28.83 6.29
C THR G 160 -22.61 -30.15 7.06
N HIS G 161 -23.68 -30.95 6.92
CA HIS G 161 -23.71 -32.28 7.50
C HIS G 161 -24.48 -33.25 6.63
N ASN G 162 -24.14 -34.52 6.77
CA ASN G 162 -24.80 -35.60 6.03
C ASN G 162 -25.23 -36.68 7.01
N VAL G 163 -26.46 -36.59 7.53
CA VAL G 163 -26.90 -37.57 8.52
C VAL G 163 -27.96 -38.50 7.98
N PRO G 164 -27.65 -39.80 7.91
CA PRO G 164 -28.64 -40.79 7.48
C PRO G 164 -29.49 -41.28 8.65
N ILE G 165 -30.81 -41.22 8.50
CA ILE G 165 -31.70 -41.71 9.54
C ILE G 165 -32.68 -42.71 8.95
N TYR G 166 -32.83 -43.85 9.61
CA TYR G 166 -33.85 -44.81 9.23
C TYR G 166 -35.04 -44.66 10.18
N GLU G 167 -36.07 -45.46 9.95
CA GLU G 167 -37.28 -45.44 10.77
C GLU G 167 -37.15 -46.38 11.96
N GLY G 168 -37.05 -45.83 13.17
CA GLY G 168 -36.99 -44.41 13.38
C GLY G 168 -35.66 -44.00 14.00
N TYR G 169 -34.82 -44.99 14.30
CA TYR G 169 -33.50 -44.76 14.87
C TYR G 169 -32.58 -44.06 13.86
N ALA G 170 -31.48 -43.51 14.35
CA ALA G 170 -30.55 -42.78 13.49
C ALA G 170 -29.12 -43.29 13.64
N LEU G 171 -28.52 -43.68 12.52
CA LEU G 171 -27.14 -44.17 12.54
C LEU G 171 -26.17 -43.04 12.86
N PRO G 172 -25.43 -43.19 13.97
CA PRO G 172 -24.50 -42.16 14.42
C PRO G 172 -23.19 -42.13 13.63
N HIS G 173 -22.69 -43.29 13.23
CA HIS G 173 -21.33 -43.38 12.70
C HIS G 173 -21.23 -43.15 11.21
N ALA G 174 -22.37 -43.03 10.53
CA ALA G 174 -22.38 -42.89 9.09
C ALA G 174 -22.44 -41.42 8.65
N ILE G 175 -22.07 -40.51 9.54
CA ILE G 175 -22.17 -39.08 9.23
C ILE G 175 -20.80 -38.46 8.97
N MET G 176 -20.69 -37.78 7.83
CA MET G 176 -19.46 -37.09 7.48
C MET G 176 -19.70 -35.59 7.41
N ARG G 177 -18.88 -34.82 8.13
CA ARG G 177 -19.06 -33.38 8.20
C ARG G 177 -17.95 -32.64 7.45
N LEU G 178 -18.36 -31.86 6.45
CA LEU G 178 -17.42 -31.11 5.63
C LEU G 178 -17.44 -29.64 6.00
N ASP G 179 -16.27 -29.05 6.25
CA ASP G 179 -16.22 -27.61 6.44
C ASP G 179 -16.12 -26.94 5.08
N LEU G 180 -17.25 -26.84 4.38
CA LEU G 180 -17.29 -26.26 3.04
C LEU G 180 -18.10 -24.96 3.08
N ALA G 181 -19.35 -25.02 2.60
CA ALA G 181 -20.21 -23.85 2.57
C ALA G 181 -20.35 -23.29 3.98
N GLY G 182 -20.54 -21.98 4.13
CA GLY G 182 -20.68 -21.06 3.01
C GLY G 182 -19.69 -19.92 2.92
N ARG G 183 -18.98 -19.64 4.01
CA ARG G 183 -18.00 -18.54 3.99
C ARG G 183 -16.88 -18.82 3.00
N ASP G 184 -16.66 -20.09 2.70
CA ASP G 184 -15.66 -20.47 1.72
C ASP G 184 -16.17 -20.21 0.32
N LEU G 185 -17.50 -20.26 0.17
CA LEU G 185 -18.10 -19.95 -1.12
C LEU G 185 -18.11 -18.44 -1.36
N THR G 186 -18.42 -17.67 -0.32
CA THR G 186 -18.35 -16.22 -0.37
C THR G 186 -16.91 -15.79 -0.68
N ASP G 187 -15.97 -16.28 0.12
CA ASP G 187 -14.57 -15.93 -0.05
C ASP G 187 -14.03 -16.38 -1.40
N TYR G 188 -14.48 -17.53 -1.89
CA TYR G 188 -14.02 -18.00 -3.19
C TYR G 188 -14.56 -17.12 -4.32
N LEU G 189 -15.83 -16.75 -4.23
CA LEU G 189 -16.44 -15.86 -5.22
C LEU G 189 -15.69 -14.54 -5.24
N MET G 190 -15.35 -14.06 -4.05
CA MET G 190 -14.61 -12.82 -3.89
C MET G 190 -13.21 -12.96 -4.45
N LYS G 191 -12.68 -14.18 -4.40
CA LYS G 191 -11.35 -14.48 -4.91
C LYS G 191 -11.30 -14.62 -6.44
N ILE G 192 -12.40 -15.02 -7.05
CA ILE G 192 -12.44 -15.19 -8.50
C ILE G 192 -13.10 -13.99 -9.18
N LEU G 193 -13.60 -13.06 -8.39
CA LEU G 193 -14.19 -11.86 -8.96
C LEU G 193 -13.06 -10.87 -9.22
N THR G 194 -11.95 -11.07 -8.52
CA THR G 194 -10.75 -10.25 -8.69
C THR G 194 -10.19 -10.39 -10.10
N GLU G 195 -10.53 -11.52 -10.74
CA GLU G 195 -10.06 -11.80 -12.08
C GLU G 195 -10.51 -10.72 -13.06
N ARG G 196 -11.61 -10.04 -12.74
CA ARG G 196 -12.07 -8.92 -13.57
C ARG G 196 -11.95 -7.55 -12.90
N GLY G 197 -11.03 -7.43 -11.94
CA GLY G 197 -10.61 -6.11 -11.48
C GLY G 197 -11.39 -5.56 -10.30
N TYR G 198 -12.45 -6.26 -9.91
CA TYR G 198 -13.28 -5.78 -8.83
C TYR G 198 -12.64 -6.11 -7.48
N SER G 199 -12.38 -5.07 -6.71
CA SER G 199 -11.73 -5.22 -5.40
C SER G 199 -12.74 -5.16 -4.28
N PHE G 200 -12.76 -6.22 -3.47
CA PHE G 200 -13.77 -6.39 -2.44
C PHE G 200 -13.13 -6.63 -1.08
N VAL G 201 -12.09 -5.86 -0.80
CA VAL G 201 -11.21 -6.08 0.36
C VAL G 201 -11.82 -5.95 1.77
N THR G 202 -12.69 -4.97 2.02
CA THR G 202 -13.06 -4.64 3.40
C THR G 202 -14.05 -5.63 4.01
N THR G 203 -14.01 -5.76 5.33
CA THR G 203 -14.83 -6.74 6.07
C THR G 203 -16.31 -6.52 5.81
N ALA G 204 -16.76 -5.29 6.00
CA ALA G 204 -18.15 -4.93 5.77
C ALA G 204 -18.53 -5.24 4.33
N GLU G 205 -17.68 -4.83 3.41
CA GLU G 205 -18.00 -4.89 1.99
C GLU G 205 -18.25 -6.33 1.54
N ARG G 206 -17.70 -7.29 2.28
CA ARG G 206 -17.85 -8.70 1.91
C ARG G 206 -19.32 -9.04 1.79
N GLU G 207 -20.16 -8.37 2.57
CA GLU G 207 -21.60 -8.63 2.51
C GLU G 207 -22.16 -8.48 1.11
N ILE G 208 -21.72 -7.43 0.41
CA ILE G 208 -22.20 -7.19 -0.95
C ILE G 208 -21.89 -8.38 -1.84
N VAL G 209 -20.72 -8.99 -1.65
CA VAL G 209 -20.33 -10.16 -2.41
C VAL G 209 -21.37 -11.24 -2.23
N ARG G 210 -21.78 -11.43 -0.98
CA ARG G 210 -22.76 -12.45 -0.63
C ARG G 210 -24.04 -12.25 -1.43
N ASP G 211 -24.43 -11.00 -1.63
CA ASP G 211 -25.66 -10.71 -2.37
C ASP G 211 -25.52 -11.06 -3.85
N ILE G 212 -24.33 -10.86 -4.43
CA ILE G 212 -24.14 -11.25 -5.82
C ILE G 212 -24.14 -12.78 -5.92
N LYS G 213 -23.91 -13.45 -4.79
CA LYS G 213 -24.06 -14.89 -4.72
C LYS G 213 -25.54 -15.26 -4.78
N GLU G 214 -26.36 -14.42 -4.17
CA GLU G 214 -27.81 -14.65 -4.07
C GLU G 214 -28.49 -14.75 -5.42
N LYS G 215 -28.61 -13.60 -6.09
CA LYS G 215 -29.41 -13.50 -7.31
C LYS G 215 -28.68 -14.10 -8.50
N LEU G 216 -27.44 -13.65 -8.70
CA LEU G 216 -26.67 -14.03 -9.88
C LEU G 216 -25.92 -15.33 -9.67
N CYS G 217 -26.63 -16.45 -9.72
CA CYS G 217 -26.00 -17.76 -9.55
C CYS G 217 -26.84 -18.88 -10.13
N TYR G 218 -26.15 -19.94 -10.55
CA TYR G 218 -26.78 -21.15 -11.06
C TYR G 218 -25.71 -22.19 -11.28
N VAL G 219 -25.99 -23.43 -10.89
CA VAL G 219 -25.04 -24.51 -11.07
C VAL G 219 -25.30 -25.17 -12.42
N ALA G 220 -24.26 -25.34 -13.23
CA ALA G 220 -24.40 -25.96 -14.53
C ALA G 220 -24.81 -27.42 -14.41
N LEU G 221 -25.05 -28.09 -15.53
CA LEU G 221 -25.34 -29.52 -15.49
C LEU G 221 -24.17 -30.35 -16.02
N ASP G 222 -23.50 -29.87 -17.06
CA ASP G 222 -22.31 -30.52 -17.59
C ASP G 222 -21.19 -29.50 -17.70
N PHE G 223 -20.49 -29.28 -16.59
CA PHE G 223 -19.49 -28.23 -16.48
C PHE G 223 -18.42 -28.29 -17.57
N GLU G 224 -17.70 -29.42 -17.62
CA GLU G 224 -16.54 -29.58 -18.50
C GLU G 224 -16.80 -29.16 -19.96
N ASN G 225 -17.97 -29.52 -20.46
CA ASN G 225 -18.35 -29.18 -21.83
C ASN G 225 -18.96 -27.77 -21.91
N GLU G 226 -19.56 -27.35 -20.80
CA GLU G 226 -20.19 -26.03 -20.69
C GLU G 226 -19.18 -24.88 -20.69
N MET G 227 -17.99 -25.14 -20.15
CA MET G 227 -16.98 -24.09 -20.03
C MET G 227 -16.50 -23.59 -21.39
N ALA G 228 -16.39 -24.51 -22.34
CA ALA G 228 -16.00 -24.16 -23.70
C ALA G 228 -17.00 -23.18 -24.30
N THR G 229 -18.28 -23.55 -24.26
CA THR G 229 -19.34 -22.76 -24.87
C THR G 229 -19.59 -21.47 -24.09
N ALA G 230 -19.15 -21.44 -22.84
CA ALA G 230 -19.27 -20.23 -22.04
C ALA G 230 -18.46 -19.11 -22.67
N ALA G 231 -17.33 -19.48 -23.27
CA ALA G 231 -16.44 -18.54 -23.92
C ALA G 231 -17.09 -17.93 -25.16
N SER G 232 -18.04 -18.65 -25.75
CA SER G 232 -18.79 -18.14 -26.91
C SER G 232 -19.45 -16.81 -26.53
N SER G 233 -19.62 -15.93 -27.51
CA SER G 233 -20.01 -14.55 -27.25
C SER G 233 -21.39 -14.39 -26.58
N SER G 234 -22.31 -15.31 -26.88
CA SER G 234 -23.64 -15.29 -26.28
C SER G 234 -23.54 -15.18 -24.76
N SER G 235 -24.09 -14.10 -24.22
CA SER G 235 -23.87 -13.77 -22.82
C SER G 235 -24.61 -14.73 -21.90
N LEU G 236 -23.85 -15.46 -21.08
CA LEU G 236 -24.41 -16.18 -19.96
C LEU G 236 -24.08 -15.33 -18.74
N GLU G 237 -23.84 -14.05 -19.05
CA GLU G 237 -23.52 -13.02 -18.07
C GLU G 237 -24.70 -12.09 -17.84
N LYS G 238 -25.05 -11.87 -16.58
CA LYS G 238 -26.05 -10.87 -16.24
C LYS G 238 -25.38 -9.77 -15.44
N SER G 239 -25.69 -8.52 -15.76
CA SER G 239 -25.01 -7.39 -15.14
C SER G 239 -25.82 -6.88 -13.96
N TYR G 240 -25.24 -6.99 -12.77
CA TYR G 240 -25.87 -6.58 -11.53
C TYR G 240 -25.44 -5.16 -11.18
N GLU G 241 -26.30 -4.44 -10.46
CA GLU G 241 -25.95 -3.08 -10.05
C GLU G 241 -25.71 -3.02 -8.55
N LEU G 242 -24.68 -2.27 -8.18
CA LEU G 242 -24.11 -2.32 -6.84
C LEU G 242 -24.57 -1.11 -6.04
N PRO G 243 -24.78 -1.25 -4.72
CA PRO G 243 -25.37 -0.23 -3.85
C PRO G 243 -24.96 1.21 -4.13
N ASP G 244 -23.71 1.46 -4.51
CA ASP G 244 -23.33 2.80 -4.95
C ASP G 244 -23.79 3.00 -6.40
N GLY G 245 -22.98 3.66 -7.21
CA GLY G 245 -23.28 3.77 -8.63
C GLY G 245 -22.93 2.55 -9.44
N GLN G 246 -21.81 1.91 -9.09
CA GLN G 246 -21.13 0.95 -9.96
C GLN G 246 -22.03 -0.18 -10.48
N VAL G 247 -21.82 -0.53 -11.75
CA VAL G 247 -22.49 -1.67 -12.36
C VAL G 247 -21.46 -2.75 -12.65
N ILE G 248 -21.63 -3.91 -12.04
CA ILE G 248 -20.66 -4.98 -12.18
C ILE G 248 -21.23 -6.09 -13.04
N THR G 249 -20.45 -6.50 -14.04
CA THR G 249 -20.88 -7.53 -14.96
C THR G 249 -20.07 -8.79 -14.75
N ILE G 250 -20.68 -9.77 -14.09
CA ILE G 250 -20.00 -11.04 -13.90
C ILE G 250 -20.68 -12.05 -14.83
N GLY G 251 -19.86 -12.87 -15.46
CA GLY G 251 -20.34 -13.91 -16.36
C GLY G 251 -19.58 -15.16 -16.02
N ASN G 252 -19.45 -16.08 -16.98
CA ASN G 252 -18.66 -17.30 -16.84
C ASN G 252 -18.53 -17.77 -15.39
N GLU G 253 -17.67 -17.08 -14.64
CA GLU G 253 -17.39 -17.37 -13.25
C GLU G 253 -18.66 -17.41 -12.40
N ARG G 254 -19.72 -16.76 -12.89
CA ARG G 254 -21.01 -16.75 -12.21
C ARG G 254 -21.49 -18.17 -11.90
N PHE G 255 -21.26 -19.09 -12.83
CA PHE G 255 -21.62 -20.48 -12.54
C PHE G 255 -20.42 -21.29 -12.07
N ARG G 256 -19.22 -20.76 -12.28
CA ARG G 256 -18.00 -21.47 -11.87
C ARG G 256 -17.89 -21.54 -10.34
N CYS G 257 -18.05 -20.39 -9.69
CA CYS G 257 -17.92 -20.30 -8.24
C CYS G 257 -18.74 -21.31 -7.43
N PRO G 258 -20.07 -21.40 -7.68
CA PRO G 258 -20.83 -22.34 -6.86
C PRO G 258 -20.43 -23.79 -7.13
N GLU G 259 -19.98 -24.06 -8.36
CA GLU G 259 -19.58 -25.40 -8.77
C GLU G 259 -18.54 -25.99 -7.81
N THR G 260 -17.77 -25.12 -7.17
CA THR G 260 -16.81 -25.48 -6.10
C THR G 260 -17.39 -26.51 -5.12
N LEU G 261 -18.70 -26.46 -4.91
CA LEU G 261 -19.41 -27.40 -4.05
C LEU G 261 -19.03 -28.83 -4.39
N PHE G 262 -18.96 -29.15 -5.68
CA PHE G 262 -18.27 -30.36 -6.14
C PHE G 262 -16.85 -30.00 -6.56
N GLN G 263 -15.93 -30.97 -6.57
CA GLN G 263 -14.54 -30.75 -6.99
C GLN G 263 -13.89 -29.75 -6.03
N PRO G 264 -13.84 -30.00 -4.72
CA PRO G 264 -13.35 -28.82 -4.00
C PRO G 264 -11.82 -28.70 -3.99
N SER G 265 -11.21 -29.02 -5.13
CA SER G 265 -9.79 -28.80 -5.36
C SER G 265 -9.52 -27.31 -5.53
N PHE G 266 -10.49 -26.60 -6.11
CA PHE G 266 -10.38 -25.17 -6.37
C PHE G 266 -10.02 -24.39 -5.10
N ILE G 267 -10.47 -24.89 -3.96
CA ILE G 267 -10.20 -24.26 -2.68
C ILE G 267 -8.82 -24.67 -2.17
N GLY G 268 -8.40 -25.87 -2.54
CA GLY G 268 -7.13 -26.40 -2.08
C GLY G 268 -7.32 -27.29 -0.88
N MET G 269 -8.52 -27.87 -0.77
CA MET G 269 -8.83 -28.82 0.28
C MET G 269 -9.07 -30.20 -0.32
N GLU G 270 -8.54 -31.23 0.35
CA GLU G 270 -8.50 -32.57 -0.21
C GLU G 270 -9.77 -33.39 -0.02
N SER G 271 -10.54 -33.09 1.04
CA SER G 271 -11.79 -33.81 1.28
C SER G 271 -12.66 -33.69 0.03
N ALA G 272 -13.12 -34.83 -0.48
CA ALA G 272 -13.78 -34.87 -1.78
C ALA G 272 -15.14 -34.17 -1.75
N GLY G 273 -15.67 -33.88 -2.94
CA GLY G 273 -16.87 -33.07 -3.08
C GLY G 273 -18.12 -33.65 -2.42
N ILE G 274 -19.13 -32.80 -2.23
CA ILE G 274 -20.42 -33.23 -1.68
C ILE G 274 -20.99 -34.42 -2.45
N HIS G 275 -20.88 -34.34 -3.77
CA HIS G 275 -21.04 -35.49 -4.66
C HIS G 275 -20.62 -36.80 -3.99
N GLU G 276 -19.35 -36.89 -3.64
CA GLU G 276 -18.80 -38.16 -3.21
C GLU G 276 -19.05 -38.41 -1.73
N THR G 277 -19.14 -37.35 -0.93
CA THR G 277 -19.35 -37.54 0.50
C THR G 277 -20.76 -38.03 0.81
N THR G 278 -21.72 -37.67 -0.02
CA THR G 278 -23.09 -38.17 0.15
C THR G 278 -23.12 -39.70 0.00
N TYR G 279 -22.63 -40.16 -1.14
CA TYR G 279 -22.54 -41.59 -1.41
C TYR G 279 -21.70 -42.33 -0.37
N ASN G 280 -20.50 -41.81 -0.10
CA ASN G 280 -19.56 -42.46 0.80
C ASN G 280 -20.09 -42.49 2.23
N SER G 281 -21.02 -41.59 2.52
CA SER G 281 -21.69 -41.63 3.82
C SER G 281 -22.76 -42.70 3.79
N ILE G 282 -23.45 -42.82 2.65
CA ILE G 282 -24.53 -43.79 2.52
C ILE G 282 -24.02 -45.23 2.57
N MET G 283 -23.01 -45.57 1.77
CA MET G 283 -22.47 -46.93 1.79
C MET G 283 -21.54 -47.16 2.98
N LYS G 284 -21.68 -46.31 4.00
CA LYS G 284 -21.06 -46.56 5.29
C LYS G 284 -22.14 -47.03 6.26
N CYS G 285 -23.35 -47.18 5.74
CA CYS G 285 -24.46 -47.76 6.48
C CYS G 285 -24.53 -49.25 6.21
N ASP G 286 -25.60 -49.89 6.66
CA ASP G 286 -25.76 -51.32 6.42
C ASP G 286 -26.32 -51.57 5.02
N ILE G 287 -25.83 -52.64 4.40
CA ILE G 287 -26.08 -52.92 2.98
C ILE G 287 -27.57 -52.99 2.63
N ASP G 288 -28.38 -53.52 3.53
CA ASP G 288 -29.80 -53.74 3.27
C ASP G 288 -30.61 -52.44 3.24
N ILE G 289 -30.24 -51.48 4.07
CA ILE G 289 -31.04 -50.29 4.27
C ILE G 289 -30.92 -49.29 3.11
N ARG G 290 -29.84 -49.41 2.33
CA ARG G 290 -29.49 -48.42 1.31
C ARG G 290 -30.62 -48.14 0.33
N LYS G 291 -31.42 -49.17 0.07
CA LYS G 291 -32.56 -49.08 -0.86
C LYS G 291 -33.44 -47.88 -0.53
N ASP G 292 -33.56 -47.56 0.75
CA ASP G 292 -34.47 -46.48 1.13
C ASP G 292 -33.70 -45.23 1.56
N LEU G 293 -32.37 -45.31 1.64
CA LEU G 293 -31.61 -44.10 1.87
C LEU G 293 -31.57 -43.30 0.58
N TYR G 294 -31.43 -44.03 -0.53
CA TYR G 294 -31.60 -43.45 -1.85
C TYR G 294 -33.06 -43.04 -2.01
N ALA G 295 -33.32 -42.23 -3.04
CA ALA G 295 -34.68 -41.82 -3.38
C ALA G 295 -35.39 -41.11 -2.22
N ASN G 296 -34.61 -40.55 -1.31
CA ASN G 296 -35.18 -39.81 -0.19
C ASN G 296 -34.22 -38.80 0.42
N ASN G 297 -33.22 -38.37 -0.36
CA ASN G 297 -32.40 -37.24 0.05
C ASN G 297 -33.28 -36.00 0.20
N VAL G 298 -33.40 -35.50 1.43
CA VAL G 298 -34.13 -34.27 1.64
C VAL G 298 -33.14 -33.17 2.00
N MET G 299 -33.02 -32.20 1.11
CA MET G 299 -32.02 -31.16 1.27
C MET G 299 -32.57 -30.03 2.12
N SER G 300 -31.69 -29.21 2.67
CA SER G 300 -32.09 -28.11 3.54
C SER G 300 -31.01 -27.04 3.60
N GLY G 301 -31.23 -26.04 4.45
CA GLY G 301 -30.26 -24.98 4.60
C GLY G 301 -30.52 -23.85 3.61
N GLY G 302 -29.58 -22.93 3.50
CA GLY G 302 -29.72 -21.84 2.57
C GLY G 302 -28.76 -21.93 1.41
N THR G 303 -28.01 -23.03 1.35
CA THR G 303 -27.03 -23.19 0.28
C THR G 303 -27.52 -24.21 -0.74
N THR G 304 -28.74 -24.72 -0.51
CA THR G 304 -29.41 -25.52 -1.52
C THR G 304 -30.51 -24.69 -2.16
N MET G 305 -30.23 -23.42 -2.38
CA MET G 305 -31.16 -22.50 -3.02
C MET G 305 -30.76 -22.22 -4.46
N TYR G 306 -29.59 -22.71 -4.85
CA TYR G 306 -29.12 -22.56 -6.23
C TYR G 306 -30.08 -23.24 -7.20
N PRO G 307 -30.31 -22.61 -8.36
CA PRO G 307 -31.18 -23.18 -9.41
C PRO G 307 -30.52 -24.33 -10.17
N GLY G 308 -29.36 -24.77 -9.68
CA GLY G 308 -28.64 -25.88 -10.28
C GLY G 308 -29.15 -27.22 -9.79
N ILE G 309 -28.93 -27.50 -8.51
CA ILE G 309 -29.47 -28.69 -7.86
C ILE G 309 -30.98 -28.77 -8.09
N ALA G 310 -31.58 -29.96 -8.02
CA ALA G 310 -30.93 -31.20 -7.57
C ALA G 310 -30.50 -32.14 -8.69
N ASP G 311 -30.69 -31.79 -9.95
CA ASP G 311 -30.52 -32.79 -10.99
C ASP G 311 -29.07 -32.76 -11.44
N ARG G 312 -28.34 -31.73 -11.01
CA ARG G 312 -26.89 -31.79 -11.03
C ARG G 312 -26.45 -32.88 -10.06
N MET G 313 -26.88 -32.73 -8.81
CA MET G 313 -26.69 -33.75 -7.78
C MET G 313 -27.11 -35.12 -8.29
N GLN G 314 -28.23 -35.16 -8.99
CA GLN G 314 -28.78 -36.40 -9.54
C GLN G 314 -27.81 -37.04 -10.53
N LYS G 315 -27.61 -36.38 -11.68
CA LYS G 315 -26.73 -36.91 -12.72
C LYS G 315 -25.39 -37.30 -12.13
N GLU G 316 -24.97 -36.57 -11.10
CA GLU G 316 -23.69 -36.85 -10.47
C GLU G 316 -23.73 -38.15 -9.66
N ILE G 317 -24.81 -38.34 -8.91
CA ILE G 317 -24.92 -39.53 -8.07
C ILE G 317 -25.08 -40.76 -8.95
N THR G 318 -25.99 -40.69 -9.91
CA THR G 318 -26.31 -41.82 -10.79
C THR G 318 -25.06 -42.34 -11.49
N ALA G 319 -24.06 -41.47 -11.66
CA ALA G 319 -22.79 -41.87 -12.23
C ALA G 319 -21.93 -42.63 -11.20
N LEU G 320 -22.10 -42.27 -9.93
CA LEU G 320 -21.34 -42.91 -8.85
C LEU G 320 -22.14 -44.02 -8.18
N ALA G 321 -23.45 -43.85 -8.10
CA ALA G 321 -24.32 -44.81 -7.45
C ALA G 321 -24.34 -46.13 -8.23
N PRO G 322 -24.75 -47.22 -7.56
CA PRO G 322 -24.94 -48.44 -8.35
C PRO G 322 -26.06 -48.27 -9.38
N SER G 323 -26.04 -49.12 -10.41
CA SER G 323 -27.04 -49.05 -11.47
C SER G 323 -28.37 -49.65 -11.01
N THR G 324 -29.41 -49.46 -11.82
CA THR G 324 -30.74 -50.02 -11.59
C THR G 324 -31.37 -49.57 -10.29
N MET G 325 -31.06 -48.34 -9.87
CA MET G 325 -31.65 -47.79 -8.66
C MET G 325 -32.30 -46.44 -8.94
N LYS G 326 -33.54 -46.27 -8.50
CA LYS G 326 -34.25 -45.01 -8.73
C LYS G 326 -33.91 -44.07 -7.58
N ILE G 327 -33.48 -42.86 -7.93
CA ILE G 327 -32.96 -41.93 -6.95
C ILE G 327 -33.71 -40.60 -6.99
N LYS G 328 -34.76 -40.50 -6.18
CA LYS G 328 -35.45 -39.22 -6.01
C LYS G 328 -34.66 -38.33 -5.08
N ILE G 329 -34.69 -37.03 -5.37
CA ILE G 329 -33.89 -36.07 -4.63
C ILE G 329 -34.81 -34.97 -4.12
N ILE G 330 -35.83 -35.37 -3.38
CA ILE G 330 -36.90 -34.44 -3.03
C ILE G 330 -36.38 -33.39 -2.06
N ALA G 331 -36.47 -32.14 -2.47
CA ALA G 331 -36.10 -31.02 -1.63
C ALA G 331 -37.16 -29.95 -1.81
N PRO G 332 -37.83 -29.58 -0.70
CA PRO G 332 -38.96 -28.65 -0.72
C PRO G 332 -38.59 -27.28 -1.27
N PRO G 333 -39.61 -26.45 -1.55
CA PRO G 333 -39.38 -25.00 -1.52
C PRO G 333 -39.35 -24.60 -0.05
N GLU G 334 -39.18 -23.32 0.29
CA GLU G 334 -39.26 -22.84 1.67
C GLU G 334 -38.13 -23.40 2.56
N ARG G 335 -37.21 -24.15 1.96
CA ARG G 335 -36.19 -24.90 2.70
C ARG G 335 -35.40 -24.05 3.69
N LYS G 336 -35.32 -22.75 3.44
CA LYS G 336 -34.55 -21.85 4.28
C LYS G 336 -35.06 -21.87 5.73
N TYR G 337 -36.33 -22.23 5.90
CA TYR G 337 -36.92 -22.28 7.22
C TYR G 337 -37.24 -23.71 7.65
N SER G 338 -36.79 -24.68 6.85
CA SER G 338 -37.11 -26.09 7.06
C SER G 338 -36.84 -26.53 8.50
N VAL G 339 -35.60 -26.34 8.93
CA VAL G 339 -35.18 -26.68 10.29
C VAL G 339 -36.17 -26.13 11.29
N TRP G 340 -36.53 -24.86 11.13
CA TRP G 340 -37.40 -24.23 12.11
C TRP G 340 -38.79 -24.87 12.09
N ILE G 341 -39.32 -25.13 10.89
CA ILE G 341 -40.64 -25.75 10.78
C ILE G 341 -40.59 -27.12 11.44
N GLY G 342 -39.39 -27.68 11.51
CA GLY G 342 -39.17 -28.89 12.28
C GLY G 342 -39.34 -28.61 13.75
N GLY G 343 -38.48 -27.75 14.29
CA GLY G 343 -38.37 -27.54 15.72
C GLY G 343 -39.69 -27.19 16.39
N SER G 344 -40.44 -26.30 15.75
CA SER G 344 -41.73 -25.86 16.27
C SER G 344 -42.65 -27.03 16.52
N ILE G 345 -42.70 -27.95 15.56
CA ILE G 345 -43.56 -29.11 15.66
C ILE G 345 -43.18 -29.95 16.86
N LEU G 346 -41.88 -29.99 17.15
CA LEU G 346 -41.37 -30.92 18.15
C LEU G 346 -41.81 -30.53 19.57
N ALA G 347 -41.38 -29.37 20.05
CA ALA G 347 -41.65 -28.97 21.43
C ALA G 347 -43.14 -28.81 21.74
N SER G 348 -43.95 -28.71 20.70
CA SER G 348 -45.39 -28.63 20.88
C SER G 348 -45.94 -30.05 21.01
N LEU G 349 -45.28 -30.99 20.33
CA LEU G 349 -45.66 -32.39 20.38
C LEU G 349 -45.36 -33.03 21.73
N SER G 350 -46.29 -33.87 22.20
CA SER G 350 -45.96 -34.87 23.20
C SER G 350 -44.89 -35.79 22.60
N THR G 351 -44.02 -36.37 23.42
CA THR G 351 -44.09 -36.30 24.87
C THR G 351 -42.71 -36.04 25.44
N PHE G 352 -41.75 -35.80 24.56
CA PHE G 352 -40.34 -35.66 24.94
C PHE G 352 -40.08 -34.47 25.87
N GLN G 353 -41.17 -33.82 26.29
CA GLN G 353 -41.14 -32.78 27.30
C GLN G 353 -40.44 -33.30 28.55
N GLN G 354 -40.62 -34.59 28.81
CA GLN G 354 -40.06 -35.24 29.99
C GLN G 354 -38.67 -35.82 29.71
N MET G 355 -38.08 -35.42 28.60
CA MET G 355 -36.67 -35.71 28.33
C MET G 355 -35.88 -34.41 28.47
N TRP G 356 -36.50 -33.42 29.08
CA TRP G 356 -35.87 -32.13 29.35
C TRP G 356 -34.95 -32.18 30.57
N ILE G 357 -34.21 -31.09 30.75
CA ILE G 357 -33.41 -30.90 31.96
C ILE G 357 -33.85 -29.58 32.58
N THR G 358 -34.57 -29.66 33.69
CA THR G 358 -35.04 -28.46 34.38
C THR G 358 -33.99 -28.01 35.38
N LYS G 359 -34.33 -27.06 36.25
CA LYS G 359 -33.34 -26.47 37.13
C LYS G 359 -32.93 -27.40 38.27
N GLN G 360 -33.92 -28.07 38.86
CA GLN G 360 -33.66 -28.99 39.97
C GLN G 360 -32.63 -30.05 39.58
N GLU G 361 -32.60 -30.39 38.30
CA GLU G 361 -31.71 -31.42 37.79
C GLU G 361 -30.41 -30.81 37.26
N TYR G 362 -30.17 -29.54 37.57
CA TYR G 362 -28.92 -28.90 37.17
C TYR G 362 -28.14 -28.48 38.41
N ASP G 363 -28.70 -28.80 39.58
CA ASP G 363 -28.04 -28.51 40.84
C ASP G 363 -27.25 -29.75 41.24
N GLU G 364 -27.67 -30.91 40.74
CA GLU G 364 -26.98 -32.16 41.00
C GLU G 364 -25.74 -32.35 40.12
N ALA G 365 -25.95 -32.48 38.81
CA ALA G 365 -24.86 -32.85 37.91
C ALA G 365 -24.22 -31.64 37.21
N GLY G 366 -25.05 -30.74 36.70
CA GLY G 366 -24.55 -29.56 36.02
C GLY G 366 -24.01 -29.84 34.63
N PRO G 367 -22.73 -29.52 34.41
CA PRO G 367 -21.98 -29.65 33.14
C PRO G 367 -22.09 -31.02 32.47
N SER G 368 -22.38 -32.07 33.24
CA SER G 368 -22.61 -33.39 32.66
C SER G 368 -24.08 -33.51 32.28
N ILE G 369 -24.59 -34.74 32.19
CA ILE G 369 -26.01 -35.02 31.91
C ILE G 369 -26.63 -34.34 30.68
N VAL G 370 -25.99 -33.29 30.17
CA VAL G 370 -26.52 -32.54 29.02
C VAL G 370 -26.62 -33.38 27.75
N HIS G 371 -25.85 -34.46 27.68
CA HIS G 371 -25.84 -35.30 26.49
C HIS G 371 -26.49 -36.66 26.76
MG MG H . 6.15 -6.10 -7.79
PB ADP I . 8.58 -3.25 -7.89
O1B ADP I . 7.31 -3.99 -7.59
O2B ADP I . 8.41 -2.01 -8.74
O3B ADP I . 9.74 -4.13 -8.29
PA ADP I . 10.56 -2.25 -6.23
O1A ADP I . 11.30 -3.43 -5.65
O2A ADP I . 11.05 -1.58 -7.49
O3A ADP I . 9.03 -2.68 -6.45
O5' ADP I . 10.40 -1.13 -5.09
C5' ADP I . 10.80 0.22 -5.33
C4' ADP I . 10.20 1.08 -4.24
O4' ADP I . 10.92 0.84 -3.02
C3' ADP I . 10.29 2.57 -4.53
O3' ADP I . 8.99 3.06 -4.85
C2' ADP I . 10.81 3.21 -3.25
O2' ADP I . 9.82 4.06 -2.68
C1' ADP I . 11.10 2.06 -2.31
N9 ADP I . 12.50 2.12 -1.80
C8 ADP I . 13.63 2.05 -2.53
N7 ADP I . 14.73 2.14 -1.74
C5 ADP I . 14.30 2.26 -0.47
C6 ADP I . 14.95 2.41 0.87
N6 ADP I . 16.30 2.43 1.01
N1 ADP I . 14.14 2.49 1.95
C2 ADP I . 12.80 2.47 1.82
N3 ADP I . 12.15 2.36 0.65
C4 ADP I . 12.83 2.26 -0.51
MG MG J . 10.76 47.76 -22.07
PB ADP K . 12.79 50.04 -22.58
O1B ADP K . 13.21 48.78 -23.31
O2B ADP K . 12.45 51.20 -23.49
O3B ADP K . 11.82 49.82 -21.46
PA ADP K . 15.53 50.64 -22.62
O1A ADP K . 16.18 49.28 -22.68
O2A ADP K . 15.28 51.44 -23.89
O3A ADP K . 14.12 50.52 -21.84
O5' ADP K . 16.33 51.57 -21.58
C5' ADP K . 16.33 52.98 -21.77
C4' ADP K . 16.22 53.64 -20.41
O4' ADP K . 17.34 53.30 -19.61
C3' ADP K . 16.16 55.16 -20.49
O3' ADP K . 14.91 55.63 -20.00
C2' ADP K . 17.31 55.68 -19.64
O2' ADP K . 16.84 56.60 -18.65
C1' ADP K . 17.90 54.45 -18.96
N9 ADP K . 19.38 54.42 -19.08
C8 ADP K . 20.08 54.42 -20.23
N7 ADP K . 21.41 54.40 -19.97
C5 ADP K . 21.58 54.38 -18.64
C6 ADP K . 22.72 54.37 -17.69
N6 ADP K . 24.01 54.35 -18.13
N1 ADP K . 22.44 54.36 -16.37
C2 ADP K . 21.17 54.38 -15.92
N3 ADP K . 20.10 54.40 -16.71
C4 ADP K . 20.24 54.41 -18.06
MG MG L . -1.27 -58.41 8.45
PB ADP M . 0.88 -55.34 8.95
O1B ADP M . -0.38 -56.13 8.70
O2B ADP M . 1.09 -54.16 8.02
O3B ADP M . 2.12 -56.18 9.16
PA ADP M . 1.87 -53.99 11.17
O1A ADP M . 2.50 -55.03 12.06
O2A ADP M . 2.69 -53.21 10.16
O3A ADP M . 0.64 -54.66 10.39
O5' ADP M . 1.08 -52.92 12.09
C5' ADP M . 1.27 -51.51 11.89
C4' ADP M . 0.18 -50.77 12.65
O4' ADP M . 0.41 -50.91 14.05
C3' ADP M . 0.18 -49.28 12.32
O3' ADP M . -1.02 -48.95 11.62
C2' ADP M . 0.21 -48.57 13.66
O2' ADP M . -0.96 -47.77 13.82
C1' ADP M . 0.25 -49.66 14.72
N9 ADP M . 1.38 -49.46 15.66
C8 ADP M . 2.69 -49.56 15.37
N7 ADP M . 3.45 -49.30 16.46
C5 ADP M . 2.63 -49.03 17.49
C6 ADP M . 2.77 -48.69 18.92
N6 ADP M . 3.99 -48.57 19.51
N1 ADP M . 1.64 -48.49 19.63
C2 ADP M . 0.42 -48.60 19.07
N3 ADP M . 0.21 -48.91 17.79
C4 ADP M . 1.26 -49.12 16.95
MG MG N . -12.37 28.47 7.38
PB ADP O . -14.05 31.89 7.19
O1B ADP O . -13.25 30.62 7.19
O2B ADP O . -13.23 33.14 7.38
O3B ADP O . -15.31 31.83 8.02
PA ADP O . -15.89 32.93 5.40
O1A ADP O . -17.13 32.07 5.46
O2A ADP O . -15.77 34.16 6.27
O3A ADP O . -14.60 32.01 5.69
O5' ADP O . -15.63 33.39 3.88
C5' ADP O . -15.80 34.76 3.54
C4' ADP O . -15.00 35.06 2.30
O4' ADP O . -15.78 34.76 1.14
C3' ADP O . -14.62 36.53 2.23
O3' ADP O . -13.21 36.68 2.38
C2' ADP O . -15.08 37.03 0.87
O2' ADP O . -13.97 37.38 0.05
C1' ADP O . -15.84 35.87 0.25
N9 ADP O . -17.26 36.27 0.08
C8 ADP O . -18.05 36.80 1.04
N7 ADP O . -19.29 37.06 0.55
C5 ADP O . -19.31 36.69 -0.73
C6 ADP O . -20.30 36.71 -1.83
N6 ADP O . -21.57 37.17 -1.64
N1 ADP O . -19.91 36.23 -3.04
C2 ADP O . -18.66 35.78 -3.25
N3 ADP O . -17.71 35.74 -2.30
C4 ADP O . -17.97 36.18 -1.05
MG MG P . -26.31 -25.34 10.44
PB ADP Q . -27.65 -21.88 9.23
O1B ADP Q . -26.72 -23.05 9.49
O2B ADP Q . -27.08 -20.54 9.65
O3B ADP Q . -29.08 -22.12 9.65
PA ADP Q . -28.91 -20.93 6.95
O1A ADP Q . -30.10 -21.84 6.73
O2A ADP Q . -29.05 -19.65 7.75
O3A ADP Q . -27.73 -21.79 7.63
O5' ADP Q . -28.25 -20.56 5.53
C5' ADP Q . -28.10 -19.20 5.14
C4' ADP Q . -27.06 -19.13 4.04
O4' ADP Q . -27.68 -19.44 2.79
C3' ADP Q . -26.43 -17.75 3.91
O3' ADP Q . -25.06 -17.83 4.29
C2' ADP Q . -26.55 -17.37 2.45
O2' ADP Q . -25.25 -17.15 1.88
C1' ADP Q . -27.22 -18.55 1.76
N9 ADP Q . -28.38 -18.15 0.92
C8 ADP Q . -29.50 -17.53 1.35
N7 ADP Q . -30.36 -17.33 0.31
C5 ADP Q . -29.80 -17.84 -0.80
C6 ADP Q . -30.16 -17.95 -2.24
N6 ADP Q . -31.33 -17.47 -2.71
N1 ADP Q . -29.26 -18.54 -3.06
C2 ADP Q . -28.09 -19.02 -2.61
N3 ADP Q . -27.69 -18.94 -1.32
C4 ADP Q . -28.49 -18.36 -0.39
#